data_5ZNN
#
_entry.id   5ZNN
#
_cell.length_a   80.264
_cell.length_b   138.496
_cell.length_c   146.680
_cell.angle_alpha   90.000
_cell.angle_beta   90.000
_cell.angle_gamma   90.000
#
_symmetry.space_group_name_H-M   'P 21 21 21'
#
loop_
_entity.id
_entity.type
_entity.pdbx_description
1 polymer Sortilin
2 branched beta-D-mannopyranose-(1-4)-2-acetamido-2-deoxy-beta-D-glucopyranose-(1-4)-2-acetamido-2-deoxy-beta-D-glucopyranose
3 branched 2-acetamido-2-deoxy-beta-D-glucopyranose-(1-4)-2-acetamido-2-deoxy-beta-D-glucopyranose
4 non-polymer 2-acetamido-2-deoxy-beta-D-glucopyranose
5 non-polymer 'SODIUM ION'
6 non-polymer 'ACETATE ION'
7 water water
#
_entity_poly.entity_id   1
_entity_poly.type   'polypeptide(L)'
_entity_poly.pdbx_seq_one_letter_code
;GAPAEDQDCGRLPDFIAKLTNNTHQHVFDDLSGSVSLSWVGDSTGVILVLTTFQVPLVIVSFGQSKLYRSEDYGKNFKDI
TNLINNTFIRTEFGMAIGPENSGKVILTAEVSGGSRGGRVFRSSDFAKNFVQTDLPFHPLTQMMYSPQNSDYLLALSTEN
GLWVSKNFGEKWEEIHKAVCLAKWGPNNIIFFTTHVNGSCKADLGALELWRTSDLGKTFKTIGVKIYSFGLGGRFLFASV
MADKDTTRRIHVSTDQGDTWSMAQLPSVGQEQFYSILAANEDMVFMHVDEPGDTGFGTIFTSDDRGIVYSKSLDRHLYTT
TGGETDFTNVTSLRGVYITSTLSEDNSIQSMITFDQGGRWEHLRKPENSKCDATAKNKNECSLHIHASYSISQKLNVPMA
PLSEPNAVGIVIAHGSVGDAISVMVPDVYISDDGGYSWAKMLEGPHYYTILDSGGIIVAIEHSNRPINVIKFSTDEGQCW
QSYVFTQEPIYFTGLASEPGARSMNISIWGFTESFITRQWVSYTVDFKDILERNCEEDDYTTWLAHSTDPGDYKDGCILG
YKEQFLRLRKSSVCQNGRDYVVAKQPSVCPCSLEDFLCDFGYFRPENASECVEQPELKGHELEFCLYGKEEHLTTNGYRK
IPGDKCQGGMNPAREVKDLKKKCTSNFLNIEGRHHHHHH
;
_entity_poly.pdbx_strand_id   A,B
#
loop_
_chem_comp.id
_chem_comp.type
_chem_comp.name
_chem_comp.formula
ACT non-polymer 'ACETATE ION' 'C2 H3 O2 -1'
BMA D-saccharide, beta linking beta-D-mannopyranose 'C6 H12 O6'
NA non-polymer 'SODIUM ION' 'Na 1'
NAG D-saccharide, beta linking 2-acetamido-2-deoxy-beta-D-glucopyranose 'C8 H15 N O6'
#
# COMPACT_ATOMS: atom_id res chain seq x y z
N ASP A 8 -36.56 15.29 -20.58
CA ASP A 8 -36.60 14.25 -21.60
C ASP A 8 -36.86 12.88 -20.97
N CYS A 9 -36.08 12.56 -19.94
CA CYS A 9 -36.30 11.34 -19.18
C CYS A 9 -37.69 11.31 -18.59
N GLY A 10 -38.27 10.12 -18.50
CA GLY A 10 -39.58 10.01 -17.91
C GLY A 10 -39.55 9.91 -16.40
N ARG A 11 -39.70 11.05 -15.72
CA ARG A 11 -39.76 11.08 -14.27
C ARG A 11 -41.12 10.64 -13.75
N LEU A 12 -42.13 10.60 -14.62
CA LEU A 12 -43.50 10.35 -14.17
C LEU A 12 -43.71 9.01 -13.48
N PRO A 13 -43.21 7.86 -13.99
CA PRO A 13 -43.54 6.59 -13.32
C PRO A 13 -43.04 6.53 -11.89
N ASP A 14 -43.96 6.69 -10.93
CA ASP A 14 -43.57 6.83 -9.53
C ASP A 14 -43.14 5.45 -9.02
N PHE A 15 -41.92 5.38 -8.50
CA PHE A 15 -41.27 4.14 -8.16
C PHE A 15 -41.18 3.89 -6.66
N ILE A 16 -41.34 4.93 -5.84
CA ILE A 16 -41.07 4.80 -4.41
C ILE A 16 -41.99 3.78 -3.77
N ALA A 17 -43.26 3.76 -4.17
CA ALA A 17 -44.20 2.78 -3.63
C ALA A 17 -43.82 1.36 -4.06
N LYS A 18 -43.40 1.19 -5.31
CA LYS A 18 -43.03 -0.13 -5.81
C LYS A 18 -41.74 -0.65 -5.18
N LEU A 19 -40.94 0.21 -4.57
CA LEU A 19 -39.68 -0.19 -3.97
C LEU A 19 -39.72 -0.33 -2.45
N THR A 20 -40.57 0.45 -1.77
CA THR A 20 -40.59 0.42 -0.30
C THR A 20 -40.95 -0.97 0.22
N ASN A 21 -42.01 -1.58 -0.33
CA ASN A 21 -42.38 -2.93 0.08
C ASN A 21 -41.40 -3.98 -0.39
N ASN A 22 -40.49 -3.65 -1.30
CA ASN A 22 -39.51 -4.58 -1.80
C ASN A 22 -38.11 -4.29 -1.28
N THR A 23 -38.01 -3.57 -0.17
CA THR A 23 -36.76 -3.28 0.51
C THR A 23 -36.75 -4.04 1.82
N HIS A 24 -35.73 -4.87 2.04
CA HIS A 24 -35.70 -5.78 3.17
C HIS A 24 -34.48 -5.48 4.02
N GLN A 25 -34.71 -5.04 5.25
CA GLN A 25 -33.65 -4.69 6.18
C GLN A 25 -33.37 -5.85 7.13
N HIS A 26 -32.10 -6.06 7.45
CA HIS A 26 -31.74 -6.95 8.53
C HIS A 26 -30.62 -6.32 9.34
N VAL A 27 -30.83 -6.21 10.64
CA VAL A 27 -29.85 -5.65 11.56
C VAL A 27 -29.00 -6.79 12.13
N PHE A 28 -27.69 -6.63 12.07
CA PHE A 28 -26.75 -7.59 12.63
C PHE A 28 -26.18 -7.05 13.94
N ASP A 29 -26.30 -7.83 15.00
CA ASP A 29 -25.75 -7.46 16.28
C ASP A 29 -24.33 -7.98 16.41
N ASP A 30 -23.49 -7.22 17.12
CA ASP A 30 -22.11 -7.55 17.47
C ASP A 30 -21.34 -8.18 16.31
N LEU A 31 -21.18 -7.41 15.24
CA LEU A 31 -20.23 -7.77 14.19
C LEU A 31 -18.92 -7.04 14.45
N SER A 32 -17.80 -7.77 14.38
CA SER A 32 -16.49 -7.20 14.56
C SER A 32 -15.61 -7.56 13.36
N GLY A 33 -14.70 -6.65 13.02
CA GLY A 33 -13.84 -6.87 11.88
C GLY A 33 -14.46 -6.37 10.59
N SER A 34 -13.89 -6.82 9.49
CA SER A 34 -14.44 -6.52 8.18
C SER A 34 -15.61 -7.45 7.90
N VAL A 35 -16.65 -6.90 7.26
CA VAL A 35 -17.89 -7.64 6.99
C VAL A 35 -18.06 -7.77 5.49
N SER A 36 -18.09 -9.00 5.00
CA SER A 36 -18.33 -9.28 3.60
C SER A 36 -19.68 -9.98 3.42
N LEU A 37 -20.36 -9.64 2.32
CA LEU A 37 -21.65 -10.23 1.99
C LEU A 37 -21.61 -10.68 0.54
N SER A 38 -22.20 -11.84 0.27
CA SER A 38 -22.19 -12.37 -1.09
C SER A 38 -23.41 -13.26 -1.30
N TRP A 39 -24.04 -13.10 -2.46
CA TRP A 39 -25.02 -14.07 -2.92
C TRP A 39 -24.30 -15.32 -3.39
N VAL A 40 -24.92 -16.48 -3.17
CA VAL A 40 -24.33 -17.76 -3.55
C VAL A 40 -25.33 -18.45 -4.49
N GLY A 41 -25.15 -18.26 -5.78
CA GLY A 41 -25.86 -19.05 -6.76
C GLY A 41 -27.02 -18.30 -7.41
N ASP A 42 -27.33 -18.68 -8.65
CA ASP A 42 -28.45 -18.10 -9.38
CA ASP A 42 -28.45 -18.10 -9.38
C ASP A 42 -29.75 -18.68 -8.85
N SER A 43 -30.63 -17.81 -8.35
CA SER A 43 -31.97 -18.20 -7.89
C SER A 43 -31.93 -19.27 -6.81
N THR A 44 -30.91 -19.25 -5.96
CA THR A 44 -30.88 -20.13 -4.81
C THR A 44 -31.49 -19.50 -3.56
N GLY A 45 -31.47 -18.17 -3.47
CA GLY A 45 -31.92 -17.47 -2.29
C GLY A 45 -30.88 -17.35 -1.19
N VAL A 46 -29.65 -17.79 -1.43
CA VAL A 46 -28.65 -17.91 -0.39
C VAL A 46 -27.77 -16.66 -0.37
N ILE A 47 -27.63 -16.06 0.81
CA ILE A 47 -26.71 -14.97 1.05
C ILE A 47 -25.90 -15.31 2.30
N LEU A 48 -24.57 -15.22 2.19
CA LEU A 48 -23.68 -15.41 3.31
C LEU A 48 -23.13 -14.06 3.78
N VAL A 49 -23.12 -13.87 5.09
CA VAL A 49 -22.45 -12.72 5.70
C VAL A 49 -21.38 -13.26 6.63
N LEU A 50 -20.14 -12.79 6.42
CA LEU A 50 -18.99 -13.31 7.14
C LEU A 50 -18.13 -12.14 7.64
N THR A 51 -17.68 -12.25 8.88
CA THR A 51 -16.71 -11.30 9.43
C THR A 51 -15.32 -11.89 9.31
N THR A 52 -14.36 -11.03 8.98
CA THR A 52 -12.97 -11.43 8.79
C THR A 52 -12.07 -10.48 9.56
N PHE A 53 -10.81 -10.86 9.69
CA PHE A 53 -9.86 -10.08 10.48
C PHE A 53 -8.55 -9.95 9.72
N GLN A 54 -7.98 -8.75 9.76
CA GLN A 54 -6.70 -8.46 9.11
C GLN A 54 -5.57 -8.83 10.08
N VAL A 55 -5.04 -10.04 9.92
CA VAL A 55 -3.99 -10.56 10.79
C VAL A 55 -2.90 -11.16 9.91
N PRO A 56 -1.63 -10.87 10.15
CA PRO A 56 -0.57 -11.50 9.37
C PRO A 56 -0.62 -13.02 9.47
N LEU A 57 -0.08 -13.68 8.45
CA LEU A 57 -0.20 -15.13 8.35
C LEU A 57 0.51 -15.84 9.49
N VAL A 58 1.73 -15.42 9.82
CA VAL A 58 2.55 -16.20 10.75
C VAL A 58 2.07 -16.10 12.19
N ILE A 59 1.28 -15.08 12.54
CA ILE A 59 0.94 -14.82 13.94
C ILE A 59 -0.25 -15.67 14.35
N VAL A 60 -0.10 -16.37 15.48
CA VAL A 60 -1.20 -17.11 16.11
C VAL A 60 -1.90 -16.19 17.10
N SER A 61 -3.23 -16.10 16.98
CA SER A 61 -4.01 -15.27 17.88
C SER A 61 -5.37 -15.93 18.11
N PHE A 62 -6.11 -15.37 19.07
CA PHE A 62 -7.45 -15.84 19.40
C PHE A 62 -8.48 -14.98 18.70
N GLY A 63 -9.58 -15.60 18.29
CA GLY A 63 -10.63 -14.85 17.61
C GLY A 63 -11.73 -15.78 17.13
N GLN A 64 -12.90 -15.17 16.92
CA GLN A 64 -14.09 -15.88 16.48
C GLN A 64 -14.74 -15.09 15.35
N SER A 65 -14.67 -15.62 14.14
CA SER A 65 -15.43 -15.06 13.04
C SER A 65 -16.91 -15.38 13.20
N LYS A 66 -17.76 -14.49 12.72
CA LYS A 66 -19.20 -14.71 12.74
C LYS A 66 -19.70 -14.97 11.33
N LEU A 67 -20.74 -15.79 11.23
CA LEU A 67 -21.25 -16.26 9.94
C LEU A 67 -22.77 -16.29 9.99
N TYR A 68 -23.39 -15.58 9.05
CA TYR A 68 -24.83 -15.53 8.92
C TYR A 68 -25.24 -15.98 7.53
N ARG A 69 -26.38 -16.66 7.44
CA ARG A 69 -26.87 -17.16 6.17
C ARG A 69 -28.33 -16.80 5.99
N SER A 70 -28.66 -16.26 4.82
CA SER A 70 -30.03 -16.10 4.39
C SER A 70 -30.35 -17.18 3.36
N GLU A 71 -31.55 -17.76 3.46
CA GLU A 71 -32.05 -18.69 2.45
C GLU A 71 -33.36 -18.21 1.85
N ASP A 72 -33.68 -16.93 2.03
CA ASP A 72 -34.89 -16.33 1.48
C ASP A 72 -34.59 -14.97 0.88
N TYR A 73 -33.46 -14.88 0.16
CA TYR A 73 -33.12 -13.72 -0.66
C TYR A 73 -32.90 -12.46 0.18
N GLY A 74 -32.37 -12.63 1.39
CA GLY A 74 -31.95 -11.51 2.21
C GLY A 74 -33.00 -10.95 3.14
N LYS A 75 -34.19 -11.57 3.22
CA LYS A 75 -35.19 -11.07 4.16
C LYS A 75 -34.88 -11.47 5.59
N ASN A 76 -34.31 -12.66 5.79
CA ASN A 76 -33.98 -13.15 7.12
C ASN A 76 -32.61 -13.81 7.09
N PHE A 77 -31.87 -13.66 8.20
CA PHE A 77 -30.53 -14.22 8.32
C PHE A 77 -30.47 -15.06 9.59
N LYS A 78 -29.94 -16.27 9.47
CA LYS A 78 -29.72 -17.16 10.60
C LYS A 78 -28.27 -17.11 11.03
N ASP A 79 -28.05 -16.98 12.34
CA ASP A 79 -26.70 -17.03 12.90
C ASP A 79 -26.21 -18.48 12.89
N ILE A 80 -25.20 -18.76 12.05
CA ILE A 80 -24.64 -20.11 11.97
C ILE A 80 -23.17 -20.06 12.38
N THR A 81 -22.82 -19.10 13.24
CA THR A 81 -21.45 -19.00 13.73
C THR A 81 -20.98 -20.29 14.39
N ASN A 82 -21.88 -21.04 15.03
CA ASN A 82 -21.50 -22.30 15.66
C ASN A 82 -20.85 -23.26 14.67
N LEU A 83 -21.16 -23.12 13.39
CA LEU A 83 -20.52 -23.97 12.38
C LEU A 83 -19.01 -23.75 12.35
N ILE A 84 -18.57 -22.52 12.54
CA ILE A 84 -17.14 -22.21 12.47
C ILE A 84 -16.65 -21.87 13.88
N ASN A 85 -17.22 -22.53 14.89
CA ASN A 85 -16.83 -22.31 16.26
C ASN A 85 -15.32 -22.45 16.45
N ASN A 86 -14.74 -21.51 17.20
CA ASN A 86 -13.32 -21.54 17.59
C ASN A 86 -12.39 -21.33 16.41
N THR A 87 -12.85 -20.64 15.37
CA THR A 87 -11.98 -20.25 14.26
C THR A 87 -12.29 -18.81 13.86
N PHE A 88 -11.38 -18.24 13.07
CA PHE A 88 -11.61 -16.95 12.44
C PHE A 88 -10.97 -16.96 11.06
N ILE A 89 -11.48 -16.13 10.16
CA ILE A 89 -11.03 -16.07 8.78
C ILE A 89 -10.31 -14.75 8.55
N ARG A 90 -9.18 -14.81 7.85
CA ARG A 90 -8.44 -13.61 7.48
C ARG A 90 -9.10 -12.90 6.32
N THR A 91 -9.06 -11.57 6.35
CA THR A 91 -9.63 -10.76 5.27
C THR A 91 -8.99 -11.09 3.94
N GLU A 92 -7.68 -11.37 3.93
CA GLU A 92 -6.99 -11.67 2.69
C GLU A 92 -7.50 -12.95 2.04
N PHE A 93 -8.07 -13.87 2.84
CA PHE A 93 -8.56 -15.13 2.30
C PHE A 93 -10.03 -15.05 1.91
N GLY A 94 -10.88 -14.55 2.81
CA GLY A 94 -12.30 -14.45 2.49
C GLY A 94 -12.90 -15.81 2.22
N MET A 95 -13.75 -15.87 1.20
CA MET A 95 -14.34 -17.11 0.71
C MET A 95 -13.67 -17.52 -0.59
N ALA A 96 -13.54 -18.83 -0.78
CA ALA A 96 -13.03 -19.40 -2.03
C ALA A 96 -14.24 -19.96 -2.78
N ILE A 97 -14.81 -19.14 -3.65
CA ILE A 97 -16.05 -19.46 -4.34
C ILE A 97 -15.70 -20.18 -5.65
N GLY A 98 -16.23 -21.39 -5.82
CA GLY A 98 -16.01 -22.11 -7.03
C GLY A 98 -16.73 -21.48 -8.21
N PRO A 99 -16.64 -22.10 -9.38
CA PRO A 99 -17.27 -21.52 -10.57
C PRO A 99 -18.78 -21.46 -10.42
N GLU A 100 -19.39 -20.55 -11.17
CA GLU A 100 -20.82 -20.36 -11.09
C GLU A 100 -21.53 -21.64 -11.50
N ASN A 101 -22.61 -21.96 -10.78
CA ASN A 101 -23.43 -23.17 -10.92
C ASN A 101 -22.73 -24.43 -10.43
N SER A 102 -21.51 -24.33 -9.89
CA SER A 102 -20.89 -25.50 -9.30
C SER A 102 -21.44 -25.76 -7.90
N GLY A 103 -21.91 -24.71 -7.24
CA GLY A 103 -22.38 -24.77 -5.87
C GLY A 103 -21.31 -24.85 -4.81
N LYS A 104 -20.04 -24.69 -5.19
CA LYS A 104 -18.94 -24.91 -4.26
C LYS A 104 -18.54 -23.62 -3.56
N VAL A 105 -18.50 -23.67 -2.23
CA VAL A 105 -18.00 -22.59 -1.39
C VAL A 105 -17.09 -23.21 -0.34
N ILE A 106 -15.94 -22.60 -0.11
CA ILE A 106 -15.02 -23.04 0.94
C ILE A 106 -14.61 -21.83 1.78
N LEU A 107 -14.73 -21.97 3.10
CA LEU A 107 -14.25 -20.98 4.05
C LEU A 107 -12.94 -21.50 4.64
N THR A 108 -11.83 -20.84 4.31
CA THR A 108 -10.52 -21.21 4.83
C THR A 108 -10.23 -20.40 6.08
N ALA A 109 -10.09 -21.08 7.21
CA ALA A 109 -9.96 -20.43 8.51
C ALA A 109 -8.72 -20.95 9.23
N GLU A 110 -8.34 -20.24 10.28
CA GLU A 110 -7.34 -20.70 11.22
C GLU A 110 -7.98 -20.87 12.59
N VAL A 111 -7.42 -21.78 13.37
CA VAL A 111 -8.03 -22.16 14.65
C VAL A 111 -7.64 -21.16 15.72
N SER A 112 -8.63 -20.69 16.48
CA SER A 112 -8.37 -19.76 17.56
C SER A 112 -7.42 -20.40 18.56
N GLY A 113 -6.26 -19.77 18.77
CA GLY A 113 -5.25 -20.27 19.68
C GLY A 113 -4.17 -21.09 19.02
N GLY A 114 -4.28 -21.37 17.72
CA GLY A 114 -3.32 -22.19 17.02
C GLY A 114 -3.69 -23.66 16.96
N SER A 115 -3.15 -24.33 15.95
CA SER A 115 -3.30 -25.77 15.75
C SER A 115 -2.24 -26.20 14.74
N ARG A 116 -2.18 -27.51 14.50
CA ARG A 116 -1.18 -28.05 13.57
C ARG A 116 -1.42 -27.61 12.13
N GLY A 117 -2.63 -27.20 11.79
CA GLY A 117 -2.90 -26.72 10.44
C GLY A 117 -4.17 -25.90 10.41
N GLY A 118 -4.51 -25.43 9.21
CA GLY A 118 -5.73 -24.69 9.02
C GLY A 118 -6.95 -25.58 9.08
N ARG A 119 -8.12 -24.94 9.05
CA ARG A 119 -9.40 -25.63 9.03
C ARG A 119 -10.28 -25.01 7.97
N VAL A 120 -10.83 -25.84 7.09
CA VAL A 120 -11.69 -25.38 6.01
C VAL A 120 -13.10 -25.88 6.25
N PHE A 121 -14.07 -25.08 5.81
CA PHE A 121 -15.48 -25.43 5.88
C PHE A 121 -16.00 -25.49 4.45
N ARG A 122 -16.44 -26.66 4.03
CA ARG A 122 -16.66 -26.97 2.62
C ARG A 122 -18.12 -27.21 2.35
N SER A 123 -18.64 -26.59 1.29
CA SER A 123 -20.00 -26.79 0.83
C SER A 123 -19.99 -26.94 -0.69
N SER A 124 -20.79 -27.86 -1.20
CA SER A 124 -20.96 -28.04 -2.64
C SER A 124 -22.41 -27.92 -3.07
N ASP A 125 -23.27 -27.36 -2.21
CA ASP A 125 -24.69 -27.16 -2.51
C ASP A 125 -25.08 -25.71 -2.25
N PHE A 126 -24.25 -24.77 -2.71
CA PHE A 126 -24.50 -23.33 -2.60
C PHE A 126 -24.62 -22.88 -1.14
N ALA A 127 -23.69 -23.38 -0.30
CA ALA A 127 -23.54 -22.95 1.09
C ALA A 127 -24.74 -23.26 1.96
N LYS A 128 -25.60 -24.21 1.55
CA LYS A 128 -26.71 -24.62 2.39
C LYS A 128 -26.32 -25.69 3.40
N ASN A 129 -25.17 -26.33 3.23
CA ASN A 129 -24.68 -27.34 4.16
C ASN A 129 -23.16 -27.36 4.11
N PHE A 130 -22.52 -27.28 5.27
CA PHE A 130 -21.07 -27.25 5.36
C PHE A 130 -20.56 -28.46 6.15
N VAL A 131 -19.38 -28.93 5.79
CA VAL A 131 -18.63 -29.91 6.56
C VAL A 131 -17.23 -29.35 6.80
N GLN A 132 -16.68 -29.66 7.97
CA GLN A 132 -15.39 -29.12 8.38
C GLN A 132 -14.28 -30.13 8.11
N THR A 133 -13.11 -29.62 7.72
CA THR A 133 -11.94 -30.45 7.44
C THR A 133 -10.72 -29.77 8.03
N ASP A 134 -9.94 -30.51 8.81
CA ASP A 134 -8.70 -29.99 9.35
C ASP A 134 -7.59 -30.19 8.32
N LEU A 135 -6.93 -29.09 7.95
CA LEU A 135 -5.86 -29.19 6.97
C LEU A 135 -4.59 -29.71 7.63
N PRO A 136 -3.81 -30.53 6.93
CA PRO A 136 -2.53 -30.96 7.47
C PRO A 136 -1.42 -29.93 7.24
N PHE A 137 -1.82 -28.67 7.03
CA PHE A 137 -0.87 -27.59 6.79
C PHE A 137 -1.59 -26.26 7.01
N HIS A 138 -0.78 -25.21 7.15
CA HIS A 138 -1.31 -23.85 7.19
C HIS A 138 -1.22 -23.25 5.81
N PRO A 139 -2.33 -22.82 5.20
CA PRO A 139 -2.27 -22.28 3.85
C PRO A 139 -1.59 -20.91 3.82
N LEU A 140 -0.64 -20.76 2.89
CA LEU A 140 0.02 -19.47 2.69
C LEU A 140 -0.85 -18.52 1.87
N THR A 141 -1.56 -19.04 0.88
CA THR A 141 -2.49 -18.27 0.07
C THR A 141 -3.79 -19.05 -0.05
N GLN A 142 -4.81 -18.38 -0.58
CA GLN A 142 -6.11 -19.00 -0.75
C GLN A 142 -6.02 -20.19 -1.71
N MET A 143 -6.82 -21.22 -1.44
CA MET A 143 -6.86 -22.38 -2.31
C MET A 143 -7.45 -22.00 -3.66
N MET A 144 -7.00 -22.71 -4.70
CA MET A 144 -7.35 -22.40 -6.08
CA MET A 144 -7.35 -22.40 -6.08
C MET A 144 -8.02 -23.61 -6.72
N TYR A 145 -9.16 -23.37 -7.37
CA TYR A 145 -9.87 -24.42 -8.08
C TYR A 145 -9.24 -24.66 -9.44
N SER A 146 -9.20 -25.92 -9.85
CA SER A 146 -8.81 -26.23 -11.22
C SER A 146 -9.93 -25.79 -12.17
N PRO A 147 -9.63 -25.02 -13.21
CA PRO A 147 -10.69 -24.60 -14.14
C PRO A 147 -11.39 -25.76 -14.82
N GLN A 148 -10.73 -26.90 -14.96
CA GLN A 148 -11.32 -28.06 -15.61
C GLN A 148 -12.19 -28.89 -14.66
N ASN A 149 -11.96 -28.79 -13.35
CA ASN A 149 -12.63 -29.66 -12.39
C ASN A 149 -12.63 -28.98 -11.03
N SER A 150 -13.80 -28.52 -10.59
CA SER A 150 -13.91 -27.82 -9.32
C SER A 150 -13.73 -28.73 -8.11
N ASP A 151 -13.62 -30.05 -8.32
CA ASP A 151 -13.23 -30.94 -7.22
C ASP A 151 -11.74 -30.88 -6.94
N TYR A 152 -10.93 -30.36 -7.86
CA TYR A 152 -9.48 -30.36 -7.73
C TYR A 152 -9.02 -29.02 -7.18
N LEU A 153 -8.27 -29.06 -6.09
CA LEU A 153 -7.81 -27.84 -5.44
C LEU A 153 -6.30 -27.84 -5.30
N LEU A 154 -5.76 -26.62 -5.19
CA LEU A 154 -4.34 -26.36 -5.06
CA LEU A 154 -4.33 -26.37 -5.06
C LEU A 154 -4.12 -25.37 -3.92
N ALA A 155 -3.07 -25.59 -3.14
CA ALA A 155 -2.77 -24.67 -2.05
C ALA A 155 -1.29 -24.71 -1.71
N LEU A 156 -0.74 -23.54 -1.43
CA LEU A 156 0.63 -23.39 -0.94
C LEU A 156 0.60 -23.22 0.57
N SER A 157 1.46 -23.96 1.26
CA SER A 157 1.54 -23.87 2.71
C SER A 157 2.51 -22.78 3.14
N THR A 158 2.42 -22.39 4.42
CA THR A 158 3.35 -21.43 4.98
C THR A 158 4.78 -21.95 5.04
N GLU A 159 4.99 -23.25 4.85
CA GLU A 159 6.31 -23.83 4.69
C GLU A 159 6.69 -24.00 3.23
N ASN A 160 5.94 -23.38 2.33
CA ASN A 160 6.16 -23.47 0.88
C ASN A 160 6.07 -24.91 0.37
N GLY A 161 5.19 -25.71 0.98
CA GLY A 161 4.84 -26.99 0.43
C GLY A 161 3.64 -26.88 -0.50
N LEU A 162 3.64 -27.69 -1.55
CA LEU A 162 2.56 -27.67 -2.54
C LEU A 162 1.60 -28.82 -2.25
N TRP A 163 0.38 -28.47 -1.88
CA TRP A 163 -0.65 -29.45 -1.52
C TRP A 163 -1.78 -29.45 -2.54
N VAL A 164 -2.25 -30.63 -2.90
CA VAL A 164 -3.33 -30.80 -3.87
C VAL A 164 -4.39 -31.73 -3.28
N SER A 165 -5.65 -31.46 -3.59
CA SER A 165 -6.76 -32.31 -3.17
C SER A 165 -7.60 -32.65 -4.38
N LYS A 166 -7.98 -33.93 -4.50
CA LYS A 166 -8.81 -34.41 -5.60
C LYS A 166 -10.28 -34.53 -5.23
N ASN A 167 -10.63 -34.39 -3.95
CA ASN A 167 -12.00 -34.63 -3.53
C ASN A 167 -12.57 -33.39 -2.84
N PHE A 168 -12.44 -32.24 -3.48
CA PHE A 168 -13.03 -30.98 -3.01
C PHE A 168 -12.52 -30.63 -1.61
N GLY A 169 -11.23 -30.83 -1.38
CA GLY A 169 -10.59 -30.39 -0.17
C GLY A 169 -10.78 -31.26 1.06
N GLU A 170 -11.37 -32.44 0.92
CA GLU A 170 -11.52 -33.30 2.09
C GLU A 170 -10.20 -33.99 2.46
N LYS A 171 -9.43 -34.41 1.46
CA LYS A 171 -8.16 -35.11 1.68
C LYS A 171 -7.08 -34.44 0.86
N TRP A 172 -5.93 -34.17 1.48
CA TRP A 172 -4.84 -33.43 0.87
C TRP A 172 -3.57 -34.26 0.83
N GLU A 173 -2.79 -34.07 -0.23
CA GLU A 173 -1.47 -34.68 -0.38
C GLU A 173 -0.46 -33.61 -0.72
N GLU A 174 0.74 -33.72 -0.15
CA GLU A 174 1.85 -32.83 -0.48
C GLU A 174 2.64 -33.42 -1.63
N ILE A 175 2.64 -32.75 -2.78
CA ILE A 175 3.27 -33.30 -3.97
C ILE A 175 4.67 -32.74 -4.24
N HIS A 176 5.02 -31.60 -3.65
CA HIS A 176 6.37 -31.07 -3.78
C HIS A 176 6.62 -30.03 -2.70
N LYS A 177 7.88 -29.96 -2.25
CA LYS A 177 8.31 -29.01 -1.25
C LYS A 177 9.12 -27.88 -1.89
N ALA A 178 9.35 -26.84 -1.11
CA ALA A 178 10.13 -25.68 -1.53
C ALA A 178 9.57 -25.06 -2.81
N VAL A 179 8.26 -24.86 -2.83
CA VAL A 179 7.55 -24.30 -3.98
C VAL A 179 7.30 -22.82 -3.72
N CYS A 180 7.56 -21.99 -4.73
CA CYS A 180 7.40 -20.54 -4.60
C CYS A 180 6.04 -20.08 -5.10
N LEU A 181 5.61 -20.57 -6.27
CA LEU A 181 4.34 -20.19 -6.85
C LEU A 181 3.80 -21.37 -7.65
N ALA A 182 2.48 -21.58 -7.60
CA ALA A 182 1.84 -22.69 -8.30
C ALA A 182 0.53 -22.22 -8.92
N LYS A 183 0.23 -22.72 -10.12
CA LYS A 183 -0.95 -22.31 -10.88
C LYS A 183 -1.53 -23.49 -11.65
N TRP A 184 -2.85 -23.52 -11.76
CA TRP A 184 -3.55 -24.50 -12.56
C TRP A 184 -3.42 -24.21 -14.05
N GLY A 185 -3.21 -25.27 -14.83
CA GLY A 185 -3.27 -25.18 -16.28
C GLY A 185 -4.65 -25.47 -16.84
N PRO A 186 -4.72 -25.78 -18.14
CA PRO A 186 -6.03 -25.98 -18.80
C PRO A 186 -6.69 -27.33 -18.55
N ASN A 187 -5.91 -28.40 -18.44
CA ASN A 187 -6.46 -29.74 -18.26
C ASN A 187 -5.97 -30.38 -16.97
N ASN A 188 -6.11 -29.65 -15.85
CA ASN A 188 -5.69 -30.10 -14.53
C ASN A 188 -4.18 -30.28 -14.46
N ILE A 189 -3.46 -29.59 -15.34
CA ILE A 189 -2.01 -29.49 -15.25
C ILE A 189 -1.66 -28.47 -14.18
N ILE A 190 -0.57 -28.70 -13.47
CA ILE A 190 -0.07 -27.76 -12.47
C ILE A 190 1.32 -27.33 -12.89
N PHE A 191 1.50 -26.02 -13.05
CA PHE A 191 2.81 -25.42 -13.21
C PHE A 191 3.23 -24.81 -11.89
N PHE A 192 4.50 -24.99 -11.52
CA PHE A 192 4.98 -24.40 -10.28
C PHE A 192 6.49 -24.27 -10.36
N THR A 193 7.01 -23.28 -9.65
CA THR A 193 8.44 -23.05 -9.56
C THR A 193 8.96 -23.50 -8.20
N THR A 194 10.16 -24.07 -8.19
CA THR A 194 10.77 -24.50 -6.94
C THR A 194 12.24 -24.12 -6.94
N HIS A 195 12.75 -23.75 -5.78
CA HIS A 195 14.16 -23.40 -5.63
C HIS A 195 14.94 -24.62 -5.15
N VAL A 196 16.27 -24.49 -5.16
CA VAL A 196 17.13 -25.60 -4.75
C VAL A 196 17.41 -25.56 -3.25
N ASN A 197 17.61 -24.38 -2.69
CA ASN A 197 17.96 -24.25 -1.28
C ASN A 197 17.81 -22.80 -0.85
N GLY A 198 17.18 -22.60 0.30
CA GLY A 198 17.09 -21.29 0.94
C GLY A 198 15.77 -20.58 0.75
N SER A 199 15.78 -19.43 0.08
CA SER A 199 14.62 -18.57 -0.01
C SER A 199 14.19 -18.40 -1.47
N CYS A 200 12.88 -18.20 -1.65
CA CYS A 200 12.37 -17.90 -2.98
C CYS A 200 12.81 -16.51 -3.44
N LYS A 201 12.88 -15.56 -2.51
CA LYS A 201 13.33 -14.22 -2.85
C LYS A 201 14.79 -14.22 -3.26
N ALA A 202 15.64 -14.92 -2.50
CA ALA A 202 17.07 -14.93 -2.80
C ALA A 202 17.41 -15.73 -4.04
N ASP A 203 16.55 -16.67 -4.45
CA ASP A 203 16.81 -17.52 -5.61
C ASP A 203 16.12 -17.02 -6.87
N LEU A 204 15.78 -15.73 -6.92
CA LEU A 204 15.17 -15.17 -8.12
C LEU A 204 16.15 -15.26 -9.29
N GLY A 205 15.61 -15.58 -10.47
CA GLY A 205 16.42 -15.86 -11.63
C GLY A 205 17.18 -17.16 -11.58
N ALA A 206 17.02 -17.95 -10.51
CA ALA A 206 17.65 -19.26 -10.39
C ALA A 206 16.61 -20.32 -10.00
N LEU A 207 15.33 -20.05 -10.24
CA LEU A 207 14.29 -21.02 -9.97
C LEU A 207 14.15 -22.00 -11.13
N GLU A 208 13.55 -23.14 -10.84
CA GLU A 208 13.19 -24.13 -11.85
C GLU A 208 11.68 -24.14 -12.03
N LEU A 209 11.22 -24.18 -13.27
CA LEU A 209 9.80 -24.26 -13.57
C LEU A 209 9.44 -25.71 -13.83
N TRP A 210 8.48 -26.23 -13.07
CA TRP A 210 8.10 -27.64 -13.13
C TRP A 210 6.65 -27.78 -13.56
N ARG A 211 6.34 -28.93 -14.13
CA ARG A 211 5.00 -29.25 -14.60
C ARG A 211 4.63 -30.66 -14.17
N THR A 212 3.38 -30.83 -13.72
CA THR A 212 2.80 -32.15 -13.50
C THR A 212 1.42 -32.20 -14.13
N SER A 213 1.17 -33.23 -14.93
CA SER A 213 -0.11 -33.41 -15.61
C SER A 213 -1.00 -34.43 -14.92
N ASP A 214 -0.50 -35.09 -13.88
CA ASP A 214 -1.24 -36.15 -13.19
C ASP A 214 -1.33 -35.88 -11.69
N LEU A 215 -1.38 -34.60 -11.31
CA LEU A 215 -1.61 -34.18 -9.92
C LEU A 215 -0.53 -34.69 -8.97
N GLY A 216 0.71 -34.73 -9.46
CA GLY A 216 1.85 -35.01 -8.61
C GLY A 216 2.47 -36.39 -8.74
N LYS A 217 1.89 -37.28 -9.54
CA LYS A 217 2.48 -38.60 -9.72
C LYS A 217 3.82 -38.51 -10.42
N THR A 218 3.90 -37.72 -11.49
CA THR A 218 5.14 -37.53 -12.22
C THR A 218 5.33 -36.04 -12.50
N PHE A 219 6.59 -35.64 -12.68
CA PHE A 219 6.95 -34.25 -12.89
C PHE A 219 7.86 -34.13 -14.11
N LYS A 220 7.95 -32.91 -14.63
CA LYS A 220 8.86 -32.61 -15.72
C LYS A 220 9.37 -31.19 -15.56
N THR A 221 10.70 -31.03 -15.55
CA THR A 221 11.31 -29.70 -15.54
C THR A 221 11.23 -29.10 -16.93
N ILE A 222 10.51 -28.00 -17.06
CA ILE A 222 10.28 -27.35 -18.35
C ILE A 222 11.00 -26.01 -18.46
N GLY A 223 11.75 -25.61 -17.44
CA GLY A 223 12.46 -24.35 -17.49
C GLY A 223 13.44 -24.18 -16.35
N VAL A 224 14.61 -23.61 -16.64
CA VAL A 224 15.62 -23.31 -15.63
C VAL A 224 15.99 -21.84 -15.71
N LYS A 225 16.69 -21.37 -14.69
CA LYS A 225 17.06 -19.96 -14.54
C LYS A 225 15.83 -19.06 -14.70
N ILE A 226 14.77 -19.41 -13.99
CA ILE A 226 13.48 -18.75 -14.13
C ILE A 226 13.38 -17.63 -13.09
N TYR A 227 12.97 -16.45 -13.54
CA TYR A 227 12.67 -15.35 -12.63
C TYR A 227 11.21 -15.38 -12.19
N SER A 228 10.29 -15.51 -13.15
CA SER A 228 8.87 -15.62 -12.84
C SER A 228 8.19 -16.33 -14.00
N PHE A 229 6.91 -16.65 -13.80
CA PHE A 229 6.12 -17.29 -14.83
C PHE A 229 4.65 -16.92 -14.64
N GLY A 230 3.88 -17.05 -15.72
CA GLY A 230 2.46 -16.75 -15.65
C GLY A 230 1.72 -17.38 -16.82
N LEU A 231 0.40 -17.30 -16.73
CA LEU A 231 -0.49 -17.92 -17.71
C LEU A 231 -1.49 -16.89 -18.22
N GLY A 232 -1.74 -16.92 -19.52
CA GLY A 232 -2.75 -16.07 -20.11
C GLY A 232 -3.28 -16.65 -21.40
N GLY A 233 -4.61 -16.79 -21.49
CA GLY A 233 -5.20 -17.42 -22.65
C GLY A 233 -4.65 -18.82 -22.82
N ARG A 234 -4.19 -19.12 -24.03
CA ARG A 234 -3.54 -20.39 -24.34
C ARG A 234 -2.02 -20.30 -24.25
N PHE A 235 -1.48 -19.27 -23.59
CA PHE A 235 -0.06 -18.99 -23.59
C PHE A 235 0.54 -19.20 -22.20
N LEU A 236 1.71 -19.82 -22.16
CA LEU A 236 2.52 -19.94 -20.96
C LEU A 236 3.74 -19.04 -21.08
N PHE A 237 4.00 -18.25 -20.04
CA PHE A 237 5.07 -17.25 -20.05
C PHE A 237 6.10 -17.59 -18.98
N ALA A 238 7.37 -17.31 -19.29
CA ALA A 238 8.46 -17.44 -18.33
C ALA A 238 9.49 -16.35 -18.56
N SER A 239 9.87 -15.66 -17.49
CA SER A 239 10.97 -14.69 -17.55
C SER A 239 12.27 -15.39 -17.17
N VAL A 240 13.27 -15.27 -18.03
CA VAL A 240 14.52 -16.00 -17.89
C VAL A 240 15.66 -15.01 -17.70
N MET A 241 16.54 -15.30 -16.73
CA MET A 241 17.70 -14.47 -16.45
C MET A 241 18.90 -15.04 -17.21
N ALA A 242 19.44 -14.25 -18.13
CA ALA A 242 20.59 -14.68 -18.92
C ALA A 242 21.90 -14.45 -18.17
N THR A 246 22.47 -11.41 -19.10
CA THR A 246 22.75 -10.29 -18.21
C THR A 246 21.48 -9.46 -17.97
N THR A 247 20.54 -9.56 -18.90
CA THR A 247 19.23 -8.93 -18.80
C THR A 247 18.14 -9.98 -18.93
N ARG A 248 16.95 -9.63 -18.48
CA ARG A 248 15.84 -10.57 -18.40
C ARG A 248 14.94 -10.41 -19.62
N ARG A 249 14.55 -11.53 -20.21
CA ARG A 249 13.70 -11.57 -21.39
C ARG A 249 12.61 -12.63 -21.19
N ILE A 250 11.52 -12.45 -21.93
CA ILE A 250 10.30 -13.23 -21.74
C ILE A 250 10.20 -14.30 -22.82
N HIS A 251 9.77 -15.50 -22.42
CA HIS A 251 9.62 -16.65 -23.30
C HIS A 251 8.19 -17.16 -23.26
N VAL A 252 7.72 -17.65 -24.41
CA VAL A 252 6.33 -18.05 -24.61
C VAL A 252 6.28 -19.52 -25.01
N SER A 253 5.27 -20.22 -24.51
CA SER A 253 5.03 -21.62 -24.89
C SER A 253 3.54 -21.83 -25.10
N THR A 254 3.19 -22.51 -26.20
CA THR A 254 1.82 -22.89 -26.47
C THR A 254 1.59 -24.40 -26.40
N ASP A 255 2.57 -25.15 -25.89
CA ASP A 255 2.45 -26.59 -25.71
C ASP A 255 2.75 -26.99 -24.27
N GLN A 256 2.34 -26.15 -23.32
CA GLN A 256 2.44 -26.43 -21.89
C GLN A 256 3.89 -26.60 -21.44
N GLY A 257 4.82 -25.94 -22.13
CA GLY A 257 6.20 -25.90 -21.70
C GLY A 257 7.14 -26.89 -22.35
N ASP A 258 6.65 -27.75 -23.25
CA ASP A 258 7.55 -28.68 -23.94
C ASP A 258 8.54 -27.94 -24.83
N THR A 259 8.08 -26.88 -25.50
CA THR A 259 8.94 -26.04 -26.32
C THR A 259 8.66 -24.57 -26.01
N TRP A 260 9.72 -23.76 -26.01
CA TRP A 260 9.62 -22.34 -25.74
C TRP A 260 10.20 -21.55 -26.92
N SER A 261 9.71 -20.32 -27.08
CA SER A 261 10.30 -19.39 -28.02
C SER A 261 10.38 -18.01 -27.38
N MET A 262 11.53 -17.36 -27.53
CA MET A 262 11.68 -16.00 -27.01
C MET A 262 10.84 -15.03 -27.83
N ALA A 263 10.19 -14.10 -27.13
CA ALA A 263 9.42 -13.06 -27.81
C ALA A 263 10.32 -12.25 -28.73
N GLN A 264 9.86 -12.06 -29.97
CA GLN A 264 10.63 -11.36 -31.00
C GLN A 264 10.04 -9.96 -31.18
N LEU A 265 10.73 -8.97 -30.63
CA LEU A 265 10.32 -7.58 -30.72
C LEU A 265 11.28 -6.77 -31.59
N PRO A 266 10.76 -5.89 -32.44
CA PRO A 266 11.65 -5.04 -33.26
C PRO A 266 12.44 -4.06 -32.41
N SER A 267 13.71 -4.38 -32.15
CA SER A 267 14.54 -3.55 -31.29
C SER A 267 15.99 -3.55 -31.77
N GLN A 272 15.44 -3.22 -20.19
CA GLN A 272 14.05 -3.26 -20.59
C GLN A 272 13.26 -4.25 -19.73
N PHE A 273 12.04 -3.87 -19.35
CA PHE A 273 11.19 -4.69 -18.50
C PHE A 273 9.90 -5.03 -19.24
N TYR A 274 9.46 -6.28 -19.10
CA TYR A 274 8.36 -6.82 -19.88
C TYR A 274 7.23 -7.25 -18.94
N SER A 275 6.00 -6.93 -19.34
CA SER A 275 4.81 -7.33 -18.61
C SER A 275 3.71 -7.70 -19.59
N ILE A 276 2.96 -8.75 -19.28
CA ILE A 276 1.84 -9.19 -20.10
C ILE A 276 0.58 -8.45 -19.63
N LEU A 277 0.06 -7.56 -20.48
CA LEU A 277 -1.15 -6.83 -20.13
C LEU A 277 -2.38 -7.73 -20.15
N ALA A 278 -2.47 -8.60 -21.16
CA ALA A 278 -3.63 -9.47 -21.34
C ALA A 278 -3.30 -10.49 -22.42
N ALA A 279 -4.06 -11.59 -22.41
CA ALA A 279 -3.90 -12.62 -23.43
C ALA A 279 -5.16 -13.49 -23.45
N ASN A 280 -5.57 -13.89 -24.65
CA ASN A 280 -6.69 -14.80 -24.82
C ASN A 280 -6.27 -16.00 -25.66
N GLU A 281 -7.21 -16.62 -26.36
CA GLU A 281 -6.90 -17.76 -27.21
C GLU A 281 -6.25 -17.36 -28.53
N ASP A 282 -6.25 -16.08 -28.86
CA ASP A 282 -5.77 -15.61 -30.15
C ASP A 282 -4.49 -14.82 -30.11
N MET A 283 -4.24 -14.07 -29.04
CA MET A 283 -3.34 -12.92 -29.14
CA MET A 283 -3.29 -12.97 -29.15
C MET A 283 -2.80 -12.58 -27.76
N VAL A 284 -1.63 -11.93 -27.74
CA VAL A 284 -1.00 -11.45 -26.51
C VAL A 284 -0.85 -9.93 -26.62
N PHE A 285 -1.22 -9.23 -25.55
CA PHE A 285 -0.86 -7.83 -25.34
C PHE A 285 0.35 -7.79 -24.42
N MET A 286 1.43 -7.17 -24.88
CA MET A 286 2.66 -7.05 -24.09
C MET A 286 3.03 -5.59 -23.93
N HIS A 287 3.32 -5.19 -22.69
CA HIS A 287 3.83 -3.86 -22.38
C HIS A 287 5.33 -3.94 -22.17
N VAL A 288 6.07 -3.00 -22.77
CA VAL A 288 7.52 -2.97 -22.66
C VAL A 288 7.91 -1.60 -22.13
N ASP A 289 8.62 -1.60 -21.00
CA ASP A 289 9.02 -0.36 -20.35
C ASP A 289 10.12 0.33 -21.14
N GLU A 290 10.08 1.66 -21.18
CA GLU A 290 11.11 2.41 -21.86
C GLU A 290 12.46 2.16 -21.18
N PRO A 291 13.57 2.29 -21.92
CA PRO A 291 14.89 2.02 -21.32
C PRO A 291 15.17 2.82 -20.05
N GLY A 292 14.76 4.08 -20.00
CA GLY A 292 15.12 4.94 -18.91
C GLY A 292 14.12 5.02 -17.78
N ASP A 293 12.98 4.31 -17.89
CA ASP A 293 11.95 4.31 -16.87
C ASP A 293 11.47 5.73 -16.59
N THR A 294 10.60 6.24 -17.47
CA THR A 294 10.03 7.58 -17.34
C THR A 294 8.54 7.57 -17.06
N GLY A 295 8.00 6.42 -16.66
CA GLY A 295 6.59 6.29 -16.39
C GLY A 295 5.71 5.95 -17.58
N PHE A 296 6.29 5.66 -18.74
CA PHE A 296 5.50 5.25 -19.89
C PHE A 296 6.25 4.18 -20.66
N GLY A 297 5.50 3.38 -21.41
CA GLY A 297 6.07 2.31 -22.20
C GLY A 297 5.41 2.17 -23.56
N THR A 298 5.50 0.98 -24.14
CA THR A 298 4.94 0.71 -25.46
C THR A 298 4.18 -0.61 -25.41
N ILE A 299 2.99 -0.62 -25.98
CA ILE A 299 2.19 -1.85 -26.09
C ILE A 299 2.54 -2.54 -27.40
N PHE A 300 2.88 -3.82 -27.32
CA PHE A 300 3.10 -4.67 -28.48
C PHE A 300 2.04 -5.75 -28.55
N THR A 301 1.72 -6.17 -29.77
CA THR A 301 0.78 -7.24 -30.03
C THR A 301 1.47 -8.35 -30.80
N SER A 302 1.02 -9.58 -30.58
CA SER A 302 1.65 -10.76 -31.16
C SER A 302 0.75 -11.39 -32.22
N ASP A 303 1.32 -12.38 -32.91
CA ASP A 303 0.57 -13.25 -33.80
C ASP A 303 -0.17 -14.28 -32.96
N ASP A 304 -0.80 -15.27 -33.64
CA ASP A 304 -1.55 -16.28 -32.91
C ASP A 304 -0.64 -17.29 -32.22
N ARG A 305 0.67 -17.22 -32.42
CA ARG A 305 1.64 -18.04 -31.71
C ARG A 305 2.22 -17.33 -30.48
N GLY A 306 1.97 -16.04 -30.31
CA GLY A 306 2.53 -15.32 -29.19
C GLY A 306 4.01 -15.04 -29.30
N ILE A 307 4.58 -15.18 -30.50
CA ILE A 307 6.02 -15.12 -30.70
C ILE A 307 6.46 -13.80 -31.33
N VAL A 308 5.83 -13.41 -32.44
CA VAL A 308 6.27 -12.26 -33.23
C VAL A 308 5.41 -11.05 -32.84
N TYR A 309 6.07 -9.99 -32.38
CA TYR A 309 5.38 -8.82 -31.87
C TYR A 309 5.61 -7.62 -32.77
N SER A 310 4.65 -6.70 -32.75
CA SER A 310 4.73 -5.45 -33.50
C SER A 310 4.19 -4.30 -32.65
N LYS A 311 4.69 -3.10 -32.92
CA LYS A 311 4.30 -1.93 -32.14
C LYS A 311 2.81 -1.63 -32.31
N SER A 312 2.12 -1.46 -31.19
CA SER A 312 0.69 -1.22 -31.19
C SER A 312 0.30 0.14 -30.62
N LEU A 313 0.90 0.56 -29.52
CA LEU A 313 0.57 1.85 -28.92
C LEU A 313 1.76 2.39 -28.16
N ASP A 314 2.13 3.63 -28.46
CA ASP A 314 3.29 4.28 -27.85
C ASP A 314 2.89 5.05 -26.60
N ARG A 315 3.88 5.27 -25.72
CA ARG A 315 3.76 6.15 -24.56
C ARG A 315 2.64 5.68 -23.63
N HIS A 316 2.59 4.37 -23.41
CA HIS A 316 1.56 3.78 -22.55
C HIS A 316 1.97 3.98 -21.09
N LEU A 317 1.12 4.69 -20.34
CA LEU A 317 1.47 5.06 -18.97
C LEU A 317 1.44 3.86 -18.04
N TYR A 318 2.37 3.82 -17.09
CA TYR A 318 2.43 2.77 -16.10
C TYR A 318 2.98 3.32 -14.80
N THR A 319 2.58 2.71 -13.69
CA THR A 319 3.03 3.14 -12.37
C THR A 319 4.44 2.61 -12.12
N THR A 320 5.35 3.52 -11.77
CA THR A 320 6.77 3.23 -11.71
C THR A 320 7.12 2.09 -10.76
N THR A 321 6.28 1.81 -9.76
CA THR A 321 6.61 0.76 -8.80
C THR A 321 5.86 -0.55 -9.09
N GLY A 322 4.54 -0.55 -8.89
CA GLY A 322 3.76 -1.75 -9.12
C GLY A 322 3.59 -2.12 -10.59
N GLY A 323 3.82 -1.17 -11.50
CA GLY A 323 3.69 -1.46 -12.91
C GLY A 323 2.28 -1.49 -13.43
N GLU A 324 1.31 -0.96 -12.67
CA GLU A 324 -0.07 -0.95 -13.13
C GLU A 324 -0.28 0.04 -14.26
N THR A 325 -1.22 -0.27 -15.14
CA THR A 325 -1.63 0.59 -16.23
C THR A 325 -3.14 0.71 -16.23
N ASP A 326 -3.65 1.61 -17.06
CA ASP A 326 -5.09 1.78 -17.21
C ASP A 326 -5.71 0.79 -18.21
N PHE A 327 -4.96 -0.23 -18.63
CA PHE A 327 -5.42 -1.14 -19.67
C PHE A 327 -6.71 -1.82 -19.26
N THR A 328 -7.75 -1.64 -20.06
CA THR A 328 -9.09 -2.09 -19.71
C THR A 328 -9.71 -2.86 -20.87
N ASN A 329 -10.06 -4.11 -20.63
CA ASN A 329 -10.83 -4.89 -21.58
C ASN A 329 -12.30 -4.51 -21.45
N VAL A 330 -12.86 -3.96 -22.53
CA VAL A 330 -14.29 -3.64 -22.57
C VAL A 330 -15.03 -4.93 -22.91
N THR A 331 -15.31 -5.74 -21.88
CA THR A 331 -15.86 -7.07 -22.07
C THR A 331 -17.27 -7.06 -22.66
N SER A 332 -17.91 -5.89 -22.75
CA SER A 332 -19.27 -5.79 -23.27
C SER A 332 -19.31 -5.52 -24.78
N LEU A 333 -18.17 -5.53 -25.45
CA LEU A 333 -18.13 -5.36 -26.90
C LEU A 333 -16.84 -5.99 -27.42
N ARG A 334 -16.96 -6.95 -28.32
CA ARG A 334 -15.81 -7.71 -28.77
C ARG A 334 -14.77 -6.80 -29.44
N GLY A 335 -13.50 -7.02 -29.08
CA GLY A 335 -12.39 -6.34 -29.73
C GLY A 335 -12.08 -4.97 -29.20
N VAL A 336 -12.76 -4.51 -28.14
CA VAL A 336 -12.63 -3.13 -27.67
C VAL A 336 -11.77 -3.11 -26.42
N TYR A 337 -10.76 -2.23 -26.41
CA TYR A 337 -9.88 -2.05 -25.26
C TYR A 337 -9.59 -0.56 -25.09
N ILE A 338 -9.47 -0.14 -23.84
CA ILE A 338 -9.18 1.25 -23.48
C ILE A 338 -7.95 1.28 -22.58
N THR A 339 -7.13 2.31 -22.73
CA THR A 339 -6.02 2.55 -21.82
C THR A 339 -5.63 4.02 -21.91
N SER A 340 -4.62 4.39 -21.13
CA SER A 340 -4.16 5.77 -21.01
C SER A 340 -2.75 5.91 -21.57
N THR A 341 -2.51 7.03 -22.27
CA THR A 341 -1.19 7.34 -22.80
C THR A 341 -0.81 8.76 -22.42
N LEU A 342 0.46 9.07 -22.64
CA LEU A 342 1.03 10.38 -22.36
C LEU A 342 1.18 11.15 -23.67
N SER A 343 0.46 12.26 -23.80
CA SER A 343 0.54 13.07 -25.00
C SER A 343 1.90 13.76 -25.10
N GLU A 344 2.14 14.40 -26.25
CA GLU A 344 3.43 15.03 -26.50
C GLU A 344 3.71 16.14 -25.49
N ASP A 345 2.68 16.80 -24.99
CA ASP A 345 2.82 17.83 -23.96
C ASP A 345 2.58 17.28 -22.56
N ASN A 346 2.70 15.95 -22.39
CA ASN A 346 2.60 15.29 -21.09
C ASN A 346 1.22 15.45 -20.45
N SER A 347 0.18 15.56 -21.27
CA SER A 347 -1.18 15.40 -20.80
C SER A 347 -1.57 13.93 -20.81
N ILE A 348 -2.38 13.53 -19.83
CA ILE A 348 -2.94 12.18 -19.86
C ILE A 348 -4.11 12.15 -20.82
N GLN A 349 -4.24 11.05 -21.56
CA GLN A 349 -5.33 10.89 -22.51
C GLN A 349 -5.73 9.42 -22.58
N SER A 350 -7.02 9.19 -22.80
CA SER A 350 -7.54 7.85 -22.99
C SER A 350 -7.56 7.50 -24.47
N MET A 351 -7.00 6.34 -24.82
CA MET A 351 -7.04 5.80 -26.16
C MET A 351 -7.95 4.57 -26.19
N ILE A 352 -8.54 4.30 -27.35
CA ILE A 352 -9.45 3.19 -27.51
C ILE A 352 -9.19 2.49 -28.83
N THR A 353 -9.24 1.17 -28.82
CA THR A 353 -9.13 0.34 -30.02
C THR A 353 -10.40 -0.47 -30.19
N PHE A 354 -10.88 -0.58 -31.42
CA PHE A 354 -12.02 -1.42 -31.75
C PHE A 354 -11.63 -2.66 -32.54
N ASP A 355 -10.34 -2.86 -32.80
CA ASP A 355 -9.86 -4.02 -33.56
C ASP A 355 -8.71 -4.70 -32.83
N GLN A 356 -8.83 -4.84 -31.51
CA GLN A 356 -7.96 -5.72 -30.73
C GLN A 356 -6.49 -5.30 -30.83
N GLY A 357 -6.25 -3.98 -30.80
CA GLY A 357 -4.90 -3.46 -30.81
C GLY A 357 -4.35 -3.10 -32.17
N GLY A 358 -5.08 -3.42 -33.25
CA GLY A 358 -4.63 -3.04 -34.58
C GLY A 358 -4.44 -1.54 -34.72
N ARG A 359 -5.47 -0.78 -34.38
CA ARG A 359 -5.44 0.67 -34.46
C ARG A 359 -6.07 1.27 -33.22
N TRP A 360 -5.47 2.35 -32.73
CA TRP A 360 -5.97 3.07 -31.55
C TRP A 360 -6.37 4.48 -31.96
N GLU A 361 -7.42 4.99 -31.32
CA GLU A 361 -7.89 6.34 -31.57
C GLU A 361 -8.04 7.09 -30.25
N HIS A 362 -8.03 8.41 -30.34
CA HIS A 362 -8.33 9.24 -29.19
C HIS A 362 -9.77 9.03 -28.75
N LEU A 363 -9.97 8.86 -27.44
CA LEU A 363 -11.32 8.79 -26.91
C LEU A 363 -12.05 10.10 -27.16
N ARG A 364 -13.30 9.99 -27.60
CA ARG A 364 -14.08 11.16 -28.00
C ARG A 364 -14.55 11.91 -26.77
N LYS A 365 -14.66 13.24 -26.91
CA LYS A 365 -15.06 14.08 -25.80
C LYS A 365 -16.50 13.78 -25.40
N PRO A 366 -16.83 13.95 -24.11
CA PRO A 366 -18.18 13.64 -23.64
C PRO A 366 -19.25 14.45 -24.34
N GLU A 367 -20.42 13.83 -24.49
CA GLU A 367 -21.56 14.49 -25.10
C GLU A 367 -22.07 15.62 -24.20
N ASN A 368 -22.73 16.59 -24.83
CA ASN A 368 -23.26 17.79 -24.20
C ASN A 368 -22.34 18.35 -23.12
N SER A 369 -21.23 18.96 -23.54
CA SER A 369 -20.29 19.60 -22.64
C SER A 369 -19.99 21.01 -23.13
N LYS A 370 -19.62 21.87 -22.19
CA LYS A 370 -19.37 23.28 -22.47
C LYS A 370 -17.87 23.55 -22.33
N CYS A 371 -17.19 23.71 -23.46
CA CYS A 371 -15.77 24.06 -23.48
C CYS A 371 -15.47 25.07 -24.60
N ASN A 377 -9.83 28.43 -23.83
CA ASN A 377 -9.51 27.64 -22.64
C ASN A 377 -8.17 26.93 -22.78
N LYS A 378 -8.00 25.88 -21.99
CA LYS A 378 -6.84 25.01 -22.14
C LYS A 378 -7.05 24.09 -23.34
N ASN A 379 -6.10 23.19 -23.55
CA ASN A 379 -6.17 22.25 -24.66
C ASN A 379 -6.82 20.92 -24.25
N GLU A 380 -7.27 20.79 -23.00
CA GLU A 380 -7.68 19.49 -22.45
C GLU A 380 -9.04 19.59 -21.73
N CYS A 381 -10.11 19.55 -22.52
CA CYS A 381 -11.38 19.01 -22.05
C CYS A 381 -11.51 17.53 -22.37
N SER A 382 -10.39 16.88 -22.68
CA SER A 382 -10.37 15.45 -22.95
C SER A 382 -10.83 14.67 -21.72
N LEU A 383 -11.47 13.53 -21.98
CA LEU A 383 -12.02 12.67 -20.94
C LEU A 383 -11.04 11.54 -20.67
N HIS A 384 -10.55 11.46 -19.44
CA HIS A 384 -9.69 10.37 -19.00
C HIS A 384 -10.52 9.35 -18.23
N ILE A 385 -10.53 8.10 -18.70
CA ILE A 385 -11.24 7.02 -18.02
C ILE A 385 -10.30 6.39 -17.01
N HIS A 386 -10.72 6.34 -15.74
CA HIS A 386 -9.86 5.92 -14.65
C HIS A 386 -9.87 4.40 -14.50
N ALA A 387 -8.67 3.81 -14.39
CA ALA A 387 -8.54 2.38 -14.13
C ALA A 387 -7.39 2.14 -13.16
N SER A 388 -6.65 1.04 -13.36
CA SER A 388 -5.64 0.63 -12.37
C SER A 388 -4.47 1.62 -12.30
N TYR A 389 -4.19 2.36 -13.38
CA TYR A 389 -3.14 3.37 -13.28
C TYR A 389 -3.57 4.51 -12.37
N SER A 390 -4.82 4.98 -12.51
CA SER A 390 -5.33 6.00 -11.60
C SER A 390 -5.40 5.47 -10.17
N ILE A 391 -5.85 4.23 -9.98
CA ILE A 391 -6.00 3.68 -8.64
C ILE A 391 -4.64 3.54 -7.97
N SER A 392 -3.64 3.02 -8.69
CA SER A 392 -2.30 2.91 -8.14
C SER A 392 -1.65 4.27 -7.90
N GLN A 393 -2.07 5.30 -8.62
CA GLN A 393 -1.60 6.66 -8.37
C GLN A 393 -2.34 7.35 -7.24
N LYS A 394 -3.13 6.60 -6.45
CA LYS A 394 -3.83 7.08 -5.26
C LYS A 394 -4.90 8.13 -5.57
N LEU A 395 -5.44 8.15 -6.78
CA LEU A 395 -6.57 9.03 -7.04
C LEU A 395 -7.84 8.47 -6.42
N ASN A 396 -8.83 9.35 -6.25
CA ASN A 396 -10.08 9.00 -5.58
C ASN A 396 -11.00 8.30 -6.59
N VAL A 397 -10.64 7.06 -6.90
CA VAL A 397 -11.39 6.23 -7.83
C VAL A 397 -11.74 4.92 -7.12
N PRO A 398 -12.97 4.76 -6.62
CA PRO A 398 -13.28 3.57 -5.83
C PRO A 398 -13.52 2.31 -6.64
N MET A 399 -13.77 2.42 -7.94
N MET A 399 -13.79 2.42 -7.93
CA MET A 399 -14.02 1.23 -8.75
CA MET A 399 -14.04 1.25 -8.77
C MET A 399 -13.48 1.46 -10.16
C MET A 399 -13.45 1.48 -10.15
N ALA A 400 -12.97 0.39 -10.75
CA ALA A 400 -12.46 0.39 -12.12
C ALA A 400 -13.64 0.45 -13.10
N PRO A 401 -13.41 0.56 -14.41
CA PRO A 401 -14.53 0.48 -15.34
C PRO A 401 -15.24 -0.87 -15.21
N LEU A 402 -16.56 -0.82 -15.32
CA LEU A 402 -17.39 -2.02 -15.15
C LEU A 402 -18.16 -2.30 -16.44
N SER A 403 -18.09 -3.53 -16.89
CA SER A 403 -18.85 -4.00 -18.04
C SER A 403 -19.00 -5.51 -17.91
N GLU A 404 -19.91 -6.07 -18.71
CA GLU A 404 -20.11 -7.51 -18.73
C GLU A 404 -20.59 -7.93 -20.10
N PRO A 405 -20.17 -9.11 -20.57
CA PRO A 405 -20.55 -9.56 -21.92
C PRO A 405 -22.05 -9.57 -22.18
N ASN A 406 -22.87 -9.91 -21.18
CA ASN A 406 -24.32 -9.98 -21.40
C ASN A 406 -24.93 -8.61 -21.63
N ALA A 407 -24.33 -7.55 -21.07
CA ALA A 407 -24.87 -6.20 -21.18
C ALA A 407 -24.09 -5.49 -22.30
N VAL A 408 -24.48 -5.81 -23.54
CA VAL A 408 -23.68 -5.45 -24.71
C VAL A 408 -23.57 -3.94 -24.82
N GLY A 409 -22.33 -3.45 -24.92
CA GLY A 409 -22.06 -2.05 -25.13
C GLY A 409 -22.03 -1.19 -23.88
N ILE A 410 -22.52 -1.70 -22.76
CA ILE A 410 -22.61 -0.89 -21.55
C ILE A 410 -21.24 -0.84 -20.88
N VAL A 411 -20.75 0.37 -20.62
CA VAL A 411 -19.56 0.58 -19.81
C VAL A 411 -19.88 1.70 -18.83
N ILE A 412 -19.60 1.47 -17.55
CA ILE A 412 -19.72 2.48 -16.52
C ILE A 412 -18.36 2.62 -15.84
N ALA A 413 -17.88 3.86 -15.71
CA ALA A 413 -16.52 4.10 -15.25
C ALA A 413 -16.43 5.51 -14.68
N HIS A 414 -15.42 5.70 -13.83
CA HIS A 414 -15.06 7.03 -13.36
C HIS A 414 -14.26 7.75 -14.43
N GLY A 415 -14.50 9.05 -14.57
CA GLY A 415 -13.81 9.85 -15.56
C GLY A 415 -13.57 11.25 -15.04
N SER A 416 -12.52 11.88 -15.59
CA SER A 416 -12.17 13.25 -15.25
C SER A 416 -11.75 13.99 -16.50
N VAL A 417 -11.94 15.31 -16.49
CA VAL A 417 -11.39 16.19 -17.53
C VAL A 417 -10.05 16.73 -17.04
N GLY A 418 -9.49 17.70 -17.76
CA GLY A 418 -8.11 18.07 -17.52
C GLY A 418 -7.80 19.13 -16.47
N ASP A 419 -8.66 19.28 -15.46
CA ASP A 419 -8.38 20.19 -14.36
C ASP A 419 -8.18 19.38 -13.07
N ALA A 420 -7.30 19.90 -12.21
CA ALA A 420 -6.97 19.22 -10.96
C ALA A 420 -8.21 18.95 -10.09
N ILE A 421 -9.19 19.85 -10.12
CA ILE A 421 -10.40 19.64 -9.34
C ILE A 421 -11.16 18.41 -9.85
N SER A 422 -11.28 18.27 -11.18
CA SER A 422 -11.95 17.10 -11.74
C SER A 422 -11.17 15.82 -11.45
N VAL A 423 -9.84 15.88 -11.54
CA VAL A 423 -9.01 14.71 -11.25
C VAL A 423 -9.16 14.29 -9.79
N MET A 424 -9.28 15.27 -8.88
CA MET A 424 -9.38 14.93 -7.46
C MET A 424 -10.75 14.35 -7.12
N VAL A 425 -11.81 14.80 -7.79
CA VAL A 425 -13.15 14.28 -7.56
C VAL A 425 -13.73 13.85 -8.91
N PRO A 426 -13.42 12.63 -9.37
CA PRO A 426 -13.96 12.17 -10.66
C PRO A 426 -15.48 12.00 -10.61
N ASP A 427 -16.08 11.98 -11.80
CA ASP A 427 -17.48 11.69 -11.97
C ASP A 427 -17.66 10.33 -12.65
N VAL A 428 -18.90 9.86 -12.67
CA VAL A 428 -19.24 8.56 -13.25
C VAL A 428 -19.79 8.80 -14.65
N TYR A 429 -19.17 8.18 -15.65
CA TYR A 429 -19.59 8.29 -17.03
C TYR A 429 -20.21 6.98 -17.51
N ILE A 430 -21.14 7.09 -18.45
CA ILE A 430 -21.85 5.96 -19.03
C ILE A 430 -21.61 5.95 -20.53
N SER A 431 -21.23 4.78 -21.05
CA SER A 431 -21.20 4.52 -22.49
C SER A 431 -22.13 3.36 -22.80
N ASP A 432 -22.88 3.48 -23.90
CA ASP A 432 -23.76 2.43 -24.37
C ASP A 432 -23.30 1.79 -25.67
N ASP A 433 -22.21 2.28 -26.26
CA ASP A 433 -21.67 1.73 -27.50
C ASP A 433 -20.24 1.25 -27.31
N GLY A 434 -19.97 0.67 -26.15
CA GLY A 434 -18.67 0.06 -25.91
C GLY A 434 -17.53 1.03 -25.71
N GLY A 435 -17.84 2.29 -25.40
CA GLY A 435 -16.81 3.28 -25.15
C GLY A 435 -16.60 4.27 -26.28
N TYR A 436 -17.36 4.17 -27.36
CA TYR A 436 -17.20 5.14 -28.45
C TYR A 436 -17.69 6.52 -28.05
N SER A 437 -18.78 6.60 -27.30
CA SER A 437 -19.31 7.86 -26.83
C SER A 437 -19.64 7.75 -25.35
N TRP A 438 -19.48 8.86 -24.63
CA TRP A 438 -19.60 8.89 -23.18
C TRP A 438 -20.43 10.08 -22.75
N ALA A 439 -21.16 9.90 -21.66
CA ALA A 439 -21.95 10.97 -21.06
C ALA A 439 -21.77 10.95 -19.55
N LYS A 440 -21.61 12.14 -18.96
CA LYS A 440 -21.49 12.27 -17.51
C LYS A 440 -22.87 12.13 -16.88
N MET A 441 -23.06 11.10 -16.06
CA MET A 441 -24.39 10.79 -15.52
C MET A 441 -24.50 10.98 -14.02
N LEU A 442 -23.39 10.88 -13.28
CA LEU A 442 -23.44 11.03 -11.82
C LEU A 442 -22.27 11.88 -11.35
N GLU A 443 -22.56 12.83 -10.46
CA GLU A 443 -21.55 13.71 -9.92
C GLU A 443 -20.83 13.06 -8.75
N GLY A 444 -19.50 13.01 -8.81
CA GLY A 444 -18.71 12.48 -7.74
C GLY A 444 -18.48 10.99 -7.84
N PRO A 445 -17.55 10.46 -7.05
CA PRO A 445 -17.24 9.03 -7.14
C PRO A 445 -18.35 8.18 -6.55
N HIS A 446 -18.52 6.99 -7.15
CA HIS A 446 -19.57 6.07 -6.77
C HIS A 446 -19.06 4.65 -6.81
N TYR A 447 -19.75 3.77 -6.08
CA TYR A 447 -19.72 2.34 -6.33
C TYR A 447 -20.92 1.98 -7.20
N TYR A 448 -20.75 0.99 -8.06
CA TYR A 448 -21.82 0.66 -9.00
C TYR A 448 -21.76 -0.81 -9.37
N THR A 449 -22.92 -1.34 -9.76
CA THR A 449 -23.04 -2.73 -10.17
C THR A 449 -24.05 -2.84 -11.31
N ILE A 450 -23.84 -3.82 -12.19
CA ILE A 450 -24.78 -4.13 -13.26
C ILE A 450 -25.43 -5.47 -12.94
N LEU A 451 -26.75 -5.51 -13.00
CA LEU A 451 -27.51 -6.75 -12.89
C LEU A 451 -28.52 -6.82 -14.03
N ASP A 452 -29.18 -7.98 -14.15
CA ASP A 452 -30.26 -8.18 -15.11
C ASP A 452 -29.77 -7.99 -16.54
N SER A 453 -28.52 -8.39 -16.79
CA SER A 453 -27.88 -8.30 -18.11
C SER A 453 -27.97 -6.88 -18.66
N GLY A 454 -27.80 -5.89 -17.79
CA GLY A 454 -27.85 -4.50 -18.18
C GLY A 454 -29.18 -3.83 -18.00
N GLY A 455 -30.23 -4.59 -17.66
CA GLY A 455 -31.52 -3.99 -17.40
C GLY A 455 -31.58 -3.12 -16.17
N ILE A 456 -30.66 -3.32 -15.22
CA ILE A 456 -30.60 -2.53 -14.00
C ILE A 456 -29.15 -2.18 -13.73
N ILE A 457 -28.86 -0.89 -13.58
CA ILE A 457 -27.57 -0.40 -13.10
C ILE A 457 -27.84 0.38 -11.83
N VAL A 458 -27.04 0.11 -10.78
CA VAL A 458 -27.21 0.74 -9.49
C VAL A 458 -25.90 1.40 -9.09
N ALA A 459 -26.00 2.56 -8.43
CA ALA A 459 -24.82 3.29 -7.99
C ALA A 459 -25.05 3.87 -6.59
N ILE A 460 -23.97 3.91 -5.79
CA ILE A 460 -24.01 4.45 -4.44
C ILE A 460 -22.87 5.46 -4.29
N GLU A 461 -23.18 6.61 -3.70
CA GLU A 461 -22.19 7.65 -3.47
C GLU A 461 -21.04 7.15 -2.60
N HIS A 462 -19.82 7.54 -2.94
CA HIS A 462 -18.63 7.24 -2.16
C HIS A 462 -18.16 8.52 -1.50
N SER A 463 -18.29 8.61 -0.17
CA SER A 463 -17.93 9.81 0.55
C SER A 463 -17.71 9.47 2.02
N ASN A 464 -17.40 10.50 2.81
CA ASN A 464 -17.21 10.34 4.25
C ASN A 464 -18.52 10.32 5.01
N ARG A 465 -19.60 10.87 4.44
CA ARG A 465 -20.81 10.90 5.22
C ARG A 465 -21.62 9.61 5.02
N PRO A 466 -22.44 9.23 5.99
CA PRO A 466 -23.33 8.10 5.78
C PRO A 466 -24.40 8.42 4.75
N ILE A 467 -24.78 7.40 3.98
CA ILE A 467 -25.69 7.60 2.86
C ILE A 467 -26.96 6.80 3.08
N ASN A 468 -28.02 7.20 2.36
CA ASN A 468 -29.28 6.48 2.41
C ASN A 468 -30.00 6.49 1.06
N VAL A 469 -29.29 6.74 -0.04
CA VAL A 469 -29.88 6.89 -1.36
C VAL A 469 -29.27 5.84 -2.27
N ILE A 470 -30.13 5.16 -3.03
CA ILE A 470 -29.71 4.29 -4.12
C ILE A 470 -30.07 4.97 -5.44
N LYS A 471 -29.10 5.06 -6.34
CA LYS A 471 -29.33 5.55 -7.69
C LYS A 471 -29.41 4.35 -8.64
N PHE A 472 -30.43 4.32 -9.48
CA PHE A 472 -30.62 3.19 -10.37
C PHE A 472 -31.10 3.64 -11.74
N SER A 473 -30.80 2.82 -12.75
CA SER A 473 -31.21 3.07 -14.13
C SER A 473 -31.76 1.78 -14.73
N THR A 474 -32.87 1.89 -15.46
CA THR A 474 -33.48 0.75 -16.13
C THR A 474 -33.41 0.85 -17.65
N ASP A 475 -32.73 1.86 -18.19
CA ASP A 475 -32.56 2.01 -19.62
C ASP A 475 -31.08 2.05 -20.00
N GLU A 476 -30.30 1.18 -19.36
CA GLU A 476 -28.88 0.99 -19.66
C GLU A 476 -28.07 2.25 -19.37
N GLY A 477 -28.50 3.05 -18.40
CA GLY A 477 -27.72 4.17 -17.93
C GLY A 477 -28.09 5.53 -18.50
N GLN A 478 -29.16 5.62 -19.30
CA GLN A 478 -29.51 6.89 -19.92
C GLN A 478 -30.30 7.79 -18.96
N CYS A 479 -31.16 7.19 -18.13
CA CYS A 479 -31.96 7.92 -17.17
C CYS A 479 -31.75 7.33 -15.77
N TRP A 480 -31.63 8.21 -14.78
CA TRP A 480 -31.34 7.79 -13.40
C TRP A 480 -32.39 8.32 -12.45
N GLN A 481 -32.71 7.52 -11.43
CA GLN A 481 -33.62 7.90 -10.36
C GLN A 481 -32.97 7.61 -9.01
N SER A 482 -33.40 8.35 -7.99
CA SER A 482 -32.86 8.23 -6.64
C SER A 482 -33.92 7.66 -5.72
N TYR A 483 -33.57 6.59 -5.00
CA TYR A 483 -34.47 5.94 -4.05
C TYR A 483 -33.86 6.00 -2.66
N VAL A 484 -34.57 6.63 -1.72
CA VAL A 484 -34.16 6.67 -0.32
C VAL A 484 -34.55 5.34 0.31
N PHE A 485 -33.56 4.47 0.55
CA PHE A 485 -33.86 3.12 1.01
C PHE A 485 -33.87 2.97 2.53
N THR A 486 -33.48 3.99 3.28
CA THR A 486 -33.57 3.93 4.74
C THR A 486 -33.64 5.34 5.31
N GLN A 487 -34.22 5.45 6.50
CA GLN A 487 -34.23 6.69 7.27
C GLN A 487 -33.04 6.81 8.20
N GLU A 488 -32.23 5.76 8.34
CA GLU A 488 -31.01 5.80 9.17
C GLU A 488 -29.82 5.62 8.24
N PRO A 489 -29.18 6.70 7.81
CA PRO A 489 -28.08 6.57 6.85
C PRO A 489 -26.96 5.71 7.40
N ILE A 490 -26.26 5.04 6.50
CA ILE A 490 -25.23 4.07 6.86
C ILE A 490 -23.92 4.48 6.20
N TYR A 491 -22.82 4.30 6.93
CA TYR A 491 -21.49 4.37 6.31
C TYR A 491 -21.35 3.18 5.37
N PHE A 492 -21.28 3.47 4.07
CA PHE A 492 -21.36 2.43 3.05
C PHE A 492 -20.17 1.48 3.16
N THR A 493 -20.45 0.19 3.02
CA THR A 493 -19.42 -0.84 3.02
C THR A 493 -19.39 -1.67 1.75
N GLY A 494 -20.55 -2.07 1.23
CA GLY A 494 -20.56 -2.96 0.09
C GLY A 494 -21.86 -2.95 -0.66
N LEU A 495 -21.78 -3.34 -1.93
CA LEU A 495 -22.92 -3.46 -2.83
C LEU A 495 -22.77 -4.76 -3.59
N ALA A 496 -23.77 -5.63 -3.50
CA ALA A 496 -23.68 -6.96 -4.09
C ALA A 496 -25.03 -7.34 -4.72
N SER A 497 -24.98 -7.85 -5.95
CA SER A 497 -26.17 -8.22 -6.69
C SER A 497 -26.28 -9.74 -6.76
N GLU A 498 -27.52 -10.21 -6.79
CA GLU A 498 -27.78 -11.62 -7.02
C GLU A 498 -27.32 -12.01 -8.42
N PRO A 499 -26.58 -13.11 -8.58
CA PRO A 499 -26.15 -13.51 -9.92
C PRO A 499 -27.34 -14.04 -10.72
N GLY A 500 -27.15 -14.07 -12.03
CA GLY A 500 -28.20 -14.52 -12.94
C GLY A 500 -28.44 -13.52 -14.06
N ALA A 501 -28.80 -14.05 -15.23
CA ALA A 501 -29.01 -13.20 -16.39
C ALA A 501 -30.23 -12.29 -16.22
N ARG A 502 -31.24 -12.75 -15.48
CA ARG A 502 -32.44 -11.96 -15.24
C ARG A 502 -32.55 -11.53 -13.77
N SER A 503 -31.42 -11.28 -13.13
CA SER A 503 -31.40 -10.98 -11.71
C SER A 503 -32.04 -9.63 -11.43
N MET A 504 -32.74 -9.55 -10.29
CA MET A 504 -33.39 -8.30 -9.90
CA MET A 504 -33.42 -8.33 -9.89
C MET A 504 -33.18 -7.94 -8.45
N ASN A 505 -32.31 -8.63 -7.72
CA ASN A 505 -32.06 -8.37 -6.32
C ASN A 505 -30.63 -7.89 -6.12
N ILE A 506 -30.47 -6.86 -5.28
CA ILE A 506 -29.18 -6.40 -4.82
C ILE A 506 -29.22 -6.27 -3.31
N SER A 507 -28.04 -6.31 -2.70
CA SER A 507 -27.89 -6.12 -1.27
C SER A 507 -26.92 -4.98 -1.03
N ILE A 508 -27.32 -4.06 -0.17
CA ILE A 508 -26.46 -2.99 0.34
C ILE A 508 -26.20 -3.29 1.81
N TRP A 509 -24.96 -3.15 2.24
CA TRP A 509 -24.69 -3.31 3.65
C TRP A 509 -23.68 -2.27 4.12
N GLY A 510 -23.75 -1.98 5.41
CA GLY A 510 -22.92 -0.96 6.01
C GLY A 510 -23.27 -0.86 7.47
N PHE A 511 -22.91 0.27 8.08
CA PHE A 511 -23.13 0.40 9.51
C PHE A 511 -23.45 1.84 9.85
N THR A 512 -24.19 2.00 10.94
CA THR A 512 -24.32 3.30 11.59
C THR A 512 -23.30 3.39 12.71
N GLU A 513 -22.91 4.62 13.04
CA GLU A 513 -21.97 4.84 14.12
C GLU A 513 -22.32 6.18 14.78
N SER A 514 -23.52 6.23 15.36
CA SER A 514 -23.94 7.44 16.09
C SER A 514 -23.08 7.64 17.31
N PHE A 515 -22.64 6.55 17.95
CA PHE A 515 -21.70 6.64 19.05
C PHE A 515 -20.41 5.92 18.66
N ILE A 516 -19.78 5.21 19.59
CA ILE A 516 -18.49 4.61 19.27
C ILE A 516 -18.63 3.25 18.59
N THR A 517 -19.76 2.57 18.76
CA THR A 517 -19.93 1.21 18.26
C THR A 517 -20.60 1.20 16.89
N ARG A 518 -20.07 0.36 16.00
CA ARG A 518 -20.70 0.16 14.69
C ARG A 518 -21.81 -0.86 14.83
N GLN A 519 -22.99 -0.52 14.30
CA GLN A 519 -24.09 -1.48 14.19
C GLN A 519 -24.30 -1.76 12.71
N TRP A 520 -24.04 -3.01 12.31
CA TRP A 520 -24.12 -3.38 10.91
C TRP A 520 -25.55 -3.71 10.52
N VAL A 521 -25.87 -3.45 9.25
CA VAL A 521 -27.20 -3.65 8.72
C VAL A 521 -27.09 -3.93 7.23
N SER A 522 -27.99 -4.76 6.71
CA SER A 522 -28.09 -5.03 5.30
C SER A 522 -29.45 -4.60 4.78
N TYR A 523 -29.47 -4.11 3.54
CA TYR A 523 -30.71 -3.77 2.85
C TYR A 523 -30.71 -4.49 1.52
N THR A 524 -31.75 -5.28 1.28
CA THR A 524 -31.92 -5.99 0.02
C THR A 524 -33.11 -5.39 -0.71
N VAL A 525 -32.89 -4.96 -1.96
CA VAL A 525 -33.91 -4.29 -2.76
C VAL A 525 -34.26 -5.19 -3.92
N ASP A 526 -35.56 -5.41 -4.13
CA ASP A 526 -36.09 -6.21 -5.23
C ASP A 526 -36.74 -5.27 -6.24
N PHE A 527 -36.25 -5.29 -7.48
CA PHE A 527 -36.80 -4.45 -8.53
C PHE A 527 -37.92 -5.14 -9.31
N LYS A 528 -38.49 -6.22 -8.77
CA LYS A 528 -39.50 -6.98 -9.51
C LYS A 528 -40.69 -6.11 -9.87
N ASP A 529 -41.17 -5.28 -8.93
CA ASP A 529 -42.34 -4.46 -9.21
C ASP A 529 -42.01 -3.26 -10.09
N ILE A 530 -40.73 -2.88 -10.16
CA ILE A 530 -40.34 -1.75 -10.99
C ILE A 530 -40.43 -2.13 -12.46
N LEU A 531 -39.86 -3.28 -12.81
CA LEU A 531 -39.91 -3.79 -14.18
C LEU A 531 -41.10 -4.75 -14.29
N GLU A 532 -42.28 -4.16 -14.23
CA GLU A 532 -43.52 -4.95 -14.19
C GLU A 532 -43.89 -5.45 -15.58
N ARG A 533 -44.03 -4.55 -16.54
CA ARG A 533 -44.39 -4.97 -17.88
C ARG A 533 -43.15 -5.43 -18.64
N ASN A 534 -43.38 -6.26 -19.64
CA ASN A 534 -42.30 -6.75 -20.49
C ASN A 534 -42.12 -5.82 -21.68
N CYS A 535 -40.86 -5.59 -22.05
CA CYS A 535 -40.56 -4.68 -23.15
C CYS A 535 -41.18 -5.19 -24.44
N GLU A 536 -41.75 -4.28 -25.21
CA GLU A 536 -42.31 -4.59 -26.51
C GLU A 536 -41.34 -4.14 -27.60
N GLU A 537 -41.77 -4.27 -28.85
CA GLU A 537 -40.89 -3.93 -29.96
C GLU A 537 -40.54 -2.45 -29.96
N ASP A 538 -41.47 -1.60 -29.54
CA ASP A 538 -41.26 -0.16 -29.51
C ASP A 538 -40.39 0.29 -28.34
N ASP A 539 -39.89 -0.64 -27.53
CA ASP A 539 -38.97 -0.33 -26.45
C ASP A 539 -37.50 -0.46 -26.84
N TYR A 540 -37.20 -1.00 -28.02
CA TYR A 540 -35.83 -1.22 -28.45
C TYR A 540 -35.46 -0.35 -29.64
N THR A 541 -34.17 -0.06 -29.74
CA THR A 541 -33.55 0.39 -30.98
C THR A 541 -32.39 -0.53 -31.29
N THR A 542 -31.84 -0.39 -32.49
CA THR A 542 -30.71 -1.21 -32.91
C THR A 542 -29.53 -0.29 -33.24
N TRP A 543 -28.32 -0.83 -33.06
CA TRP A 543 -27.11 -0.06 -33.31
C TRP A 543 -25.99 -0.99 -33.77
N LEU A 544 -25.00 -0.39 -34.44
CA LEU A 544 -23.81 -1.11 -34.90
C LEU A 544 -22.59 -0.54 -34.20
N ALA A 545 -21.63 -1.41 -33.90
CA ALA A 545 -20.40 -0.98 -33.25
C ALA A 545 -19.61 -0.06 -34.16
N HIS A 546 -18.79 0.79 -33.55
CA HIS A 546 -18.04 1.78 -34.33
C HIS A 546 -17.03 1.07 -35.21
N SER A 547 -16.90 1.56 -36.45
CA SER A 547 -15.92 1.05 -37.39
C SER A 547 -14.98 2.18 -37.76
N THR A 548 -13.68 1.90 -37.78
CA THR A 548 -12.71 2.92 -38.14
C THR A 548 -12.53 3.03 -39.65
N ASP A 549 -13.01 2.06 -40.41
CA ASP A 549 -13.03 2.23 -41.85
C ASP A 549 -14.39 2.77 -42.26
N PRO A 550 -14.45 3.87 -43.01
CA PRO A 550 -15.73 4.55 -43.24
C PRO A 550 -16.63 3.92 -44.31
N GLY A 551 -16.19 2.85 -44.97
CA GLY A 551 -16.99 2.26 -46.01
C GLY A 551 -18.29 1.66 -45.49
N ASP A 552 -19.30 1.65 -46.35
CA ASP A 552 -20.58 1.00 -46.00
C ASP A 552 -20.42 -0.51 -45.95
N TYR A 553 -19.47 -1.06 -46.70
CA TYR A 553 -19.20 -2.50 -46.69
C TYR A 553 -18.63 -2.98 -45.36
N LYS A 554 -18.25 -2.06 -44.48
CA LYS A 554 -17.69 -2.40 -43.17
C LYS A 554 -18.65 -2.09 -42.03
N ASP A 555 -19.86 -1.63 -42.32
CA ASP A 555 -20.82 -1.34 -41.26
C ASP A 555 -21.22 -2.62 -40.55
N GLY A 556 -21.16 -2.59 -39.22
CA GLY A 556 -21.49 -3.75 -38.41
C GLY A 556 -20.39 -4.79 -38.31
N CYS A 557 -19.23 -4.54 -38.92
CA CYS A 557 -18.14 -5.50 -38.93
C CYS A 557 -17.29 -5.35 -37.67
N ILE A 558 -17.17 -6.43 -36.91
CA ILE A 558 -16.27 -6.51 -35.76
C ILE A 558 -15.29 -7.64 -36.02
N LEU A 559 -14.03 -7.29 -36.26
CA LEU A 559 -12.96 -8.26 -36.52
C LEU A 559 -13.36 -9.25 -37.62
N GLY A 560 -13.89 -8.71 -38.71
CA GLY A 560 -14.20 -9.53 -39.87
C GLY A 560 -15.53 -10.24 -39.81
N TYR A 561 -16.34 -10.00 -38.78
CA TYR A 561 -17.59 -10.71 -38.57
C TYR A 561 -18.69 -9.70 -38.32
N LYS A 562 -19.80 -9.85 -39.03
CA LYS A 562 -20.91 -8.90 -38.96
C LYS A 562 -21.85 -9.26 -37.82
N GLU A 563 -22.24 -8.26 -37.03
CA GLU A 563 -23.27 -8.47 -36.02
C GLU A 563 -23.98 -7.15 -35.74
N GLN A 564 -25.18 -7.27 -35.19
CA GLN A 564 -26.09 -6.16 -34.93
C GLN A 564 -26.61 -6.29 -33.50
N PHE A 565 -26.74 -5.14 -32.82
CA PHE A 565 -27.11 -5.14 -31.42
C PHE A 565 -28.40 -4.37 -31.18
N LEU A 566 -29.07 -4.71 -30.08
CA LEU A 566 -30.23 -3.97 -29.60
C LEU A 566 -29.85 -3.06 -28.44
N ARG A 567 -30.77 -2.15 -28.12
CA ARG A 567 -30.58 -1.26 -26.97
C ARG A 567 -31.94 -0.75 -26.54
N LEU A 568 -32.20 -0.77 -25.23
CA LEU A 568 -33.44 -0.23 -24.70
C LEU A 568 -33.53 1.26 -24.99
N ARG A 569 -34.71 1.71 -25.41
CA ARG A 569 -34.94 3.12 -25.66
C ARG A 569 -34.78 3.92 -24.37
N LYS A 570 -34.35 5.18 -24.52
CA LYS A 570 -34.23 6.08 -23.39
C LYS A 570 -35.56 6.17 -22.64
N SER A 571 -35.48 6.15 -21.31
CA SER A 571 -36.60 6.23 -20.37
C SER A 571 -37.41 4.94 -20.30
N SER A 572 -36.92 3.85 -20.88
CA SER A 572 -37.61 2.58 -20.77
C SER A 572 -37.66 2.11 -19.31
N VAL A 573 -38.82 1.61 -18.90
CA VAL A 573 -38.99 0.97 -17.60
C VAL A 573 -39.74 -0.34 -17.81
N CYS A 574 -39.03 -1.34 -18.33
CA CYS A 574 -39.63 -2.62 -18.65
C CYS A 574 -38.56 -3.70 -18.57
N GLN A 575 -39.01 -4.94 -18.45
CA GLN A 575 -38.10 -6.08 -18.36
C GLN A 575 -37.81 -6.64 -19.74
N ASN A 576 -36.53 -6.81 -20.05
CA ASN A 576 -36.08 -7.35 -21.33
C ASN A 576 -35.74 -8.83 -21.17
N GLY A 577 -36.14 -9.62 -22.17
CA GLY A 577 -35.83 -11.04 -22.16
C GLY A 577 -35.00 -11.49 -23.34
N ARG A 578 -34.66 -10.56 -24.24
CA ARG A 578 -33.91 -10.89 -25.44
C ARG A 578 -32.43 -10.66 -25.24
N ASP A 579 -31.62 -11.48 -25.91
CA ASP A 579 -30.20 -11.20 -26.02
C ASP A 579 -29.99 -9.96 -26.87
N TYR A 580 -29.19 -9.01 -26.37
CA TYR A 580 -28.99 -7.76 -27.10
C TYR A 580 -28.22 -7.96 -28.39
N VAL A 581 -27.81 -9.18 -28.72
CA VAL A 581 -27.26 -9.52 -30.02
C VAL A 581 -28.39 -10.13 -30.84
N VAL A 582 -28.73 -9.49 -31.97
CA VAL A 582 -29.83 -10.00 -32.78
C VAL A 582 -29.44 -11.33 -33.40
N ALA A 583 -30.38 -12.26 -33.43
CA ALA A 583 -30.14 -13.58 -33.98
C ALA A 583 -30.14 -13.48 -35.50
N LYS A 584 -28.98 -13.65 -36.11
CA LYS A 584 -28.82 -13.53 -37.55
C LYS A 584 -27.94 -14.64 -38.08
N GLN A 585 -28.15 -14.98 -39.36
CA GLN A 585 -27.25 -15.89 -40.04
C GLN A 585 -25.86 -15.26 -40.12
N PRO A 586 -24.81 -15.97 -39.74
CA PRO A 586 -23.48 -15.36 -39.70
C PRO A 586 -22.99 -14.96 -41.08
N SER A 587 -22.35 -13.79 -41.17
CA SER A 587 -21.78 -13.29 -42.41
C SER A 587 -20.45 -12.62 -42.12
N VAL A 588 -19.50 -12.80 -43.04
CA VAL A 588 -18.14 -12.29 -42.91
C VAL A 588 -18.00 -11.05 -43.79
N CYS A 589 -17.06 -10.19 -43.41
CA CYS A 589 -16.82 -8.92 -44.09
C CYS A 589 -15.56 -8.98 -44.95
N PRO A 590 -15.45 -8.09 -45.93
CA PRO A 590 -14.18 -7.95 -46.66
C PRO A 590 -13.10 -7.35 -45.78
N CYS A 591 -11.86 -7.61 -46.15
CA CYS A 591 -10.72 -7.11 -45.40
C CYS A 591 -10.41 -5.66 -45.75
N SER A 592 -10.13 -4.88 -44.72
CA SER A 592 -9.65 -3.51 -44.88
C SER A 592 -8.57 -3.27 -43.82
N LEU A 593 -8.13 -2.02 -43.72
CA LEU A 593 -7.02 -1.70 -42.83
C LEU A 593 -7.32 -2.09 -41.39
N GLU A 594 -8.56 -1.91 -40.94
CA GLU A 594 -8.92 -2.20 -39.57
C GLU A 594 -8.76 -3.67 -39.20
N ASP A 595 -8.64 -4.55 -40.19
CA ASP A 595 -8.51 -5.99 -39.95
C ASP A 595 -7.08 -6.46 -39.82
N PHE A 596 -6.09 -5.56 -39.93
CA PHE A 596 -4.69 -5.95 -39.94
C PHE A 596 -3.91 -5.22 -38.86
N LEU A 597 -3.06 -5.97 -38.16
CA LEU A 597 -1.99 -5.36 -37.39
C LEU A 597 -0.91 -4.83 -38.32
N CYS A 598 -0.09 -3.93 -37.79
CA CYS A 598 1.18 -3.65 -38.44
C CYS A 598 2.09 -4.86 -38.30
N ASP A 599 2.90 -5.10 -39.31
CA ASP A 599 3.82 -6.23 -39.25
C ASP A 599 5.01 -5.90 -38.34
N PHE A 600 5.81 -6.93 -38.07
CA PHE A 600 7.08 -6.75 -37.37
C PHE A 600 7.88 -5.62 -38.01
N GLY A 601 8.27 -4.64 -37.20
CA GLY A 601 9.03 -3.51 -37.69
C GLY A 601 8.20 -2.35 -38.21
N TYR A 602 6.88 -2.47 -38.25
CA TYR A 602 5.99 -1.41 -38.71
C TYR A 602 5.11 -0.92 -37.57
N PHE A 603 4.51 0.25 -37.77
CA PHE A 603 3.65 0.85 -36.76
C PHE A 603 2.72 1.85 -37.43
N ARG A 604 1.66 2.22 -36.71
CA ARG A 604 0.72 3.22 -37.18
C ARG A 604 0.97 4.54 -36.45
N PRO A 605 1.42 5.59 -37.14
CA PRO A 605 1.53 6.90 -36.49
C PRO A 605 0.20 7.34 -35.91
N GLU A 606 0.27 8.25 -34.94
CA GLU A 606 -0.92 8.74 -34.27
C GLU A 606 -1.93 9.29 -35.28
N ASN A 607 -3.18 8.86 -35.14
CA ASN A 607 -4.32 9.22 -35.98
C ASN A 607 -4.25 8.60 -37.37
N ALA A 608 -3.16 7.89 -37.70
CA ALA A 608 -3.00 7.36 -39.04
C ALA A 608 -3.63 5.97 -39.15
N SER A 609 -4.15 5.68 -40.33
CA SER A 609 -4.79 4.40 -40.60
C SER A 609 -3.83 3.36 -41.15
N GLU A 610 -2.80 3.79 -41.88
CA GLU A 610 -1.90 2.88 -42.58
C GLU A 610 -0.61 2.70 -41.79
N CYS A 611 -0.03 1.51 -41.92
CA CYS A 611 1.23 1.19 -41.24
C CYS A 611 2.42 1.71 -42.02
N VAL A 612 3.44 2.13 -41.28
CA VAL A 612 4.68 2.64 -41.83
C VAL A 612 5.84 1.98 -41.08
N GLU A 613 6.91 1.67 -41.79
CA GLU A 613 8.05 1.02 -41.17
C GLU A 613 8.72 1.95 -40.18
N GLN A 614 9.07 1.41 -39.01
CA GLN A 614 9.80 2.17 -38.01
C GLN A 614 11.06 2.77 -38.63
N PRO A 615 11.38 4.03 -38.35
CA PRO A 615 12.47 4.70 -39.08
C PRO A 615 13.82 4.02 -38.94
N GLU A 616 14.17 3.55 -37.74
CA GLU A 616 15.50 2.97 -37.52
C GLU A 616 15.73 1.72 -38.36
N LEU A 617 14.66 0.98 -38.66
CA LEU A 617 14.76 -0.26 -39.43
C LEU A 617 14.57 -0.05 -40.94
N LYS A 618 14.37 1.19 -41.38
CA LYS A 618 14.06 1.43 -42.79
C LYS A 618 15.19 1.01 -43.72
N GLY A 619 16.43 1.02 -43.23
CA GLY A 619 17.58 0.68 -44.04
C GLY A 619 17.88 -0.81 -44.12
N HIS A 620 17.76 -1.50 -42.99
CA HIS A 620 18.26 -2.86 -42.85
C HIS A 620 17.15 -3.88 -43.11
N GLU A 621 17.57 -5.12 -43.33
CA GLU A 621 16.63 -6.21 -43.54
C GLU A 621 15.95 -6.59 -42.23
N LEU A 622 14.64 -6.83 -42.31
CA LEU A 622 13.86 -7.22 -41.15
C LEU A 622 14.07 -8.70 -40.85
N GLU A 623 14.65 -9.00 -39.70
CA GLU A 623 14.94 -10.38 -39.33
C GLU A 623 14.56 -10.63 -37.88
N PHE A 624 14.16 -11.87 -37.61
CA PHE A 624 13.90 -12.33 -36.25
C PHE A 624 14.17 -13.83 -36.21
N CYS A 625 14.23 -14.37 -34.99
CA CYS A 625 14.53 -15.78 -34.79
C CYS A 625 13.22 -16.51 -34.51
N LEU A 626 12.97 -17.59 -35.25
CA LEU A 626 11.71 -18.33 -35.14
C LEU A 626 12.01 -19.82 -35.15
N TYR A 627 11.87 -20.45 -33.98
CA TYR A 627 12.08 -21.89 -33.81
C TYR A 627 13.49 -22.29 -34.25
N GLY A 628 14.49 -21.61 -33.70
CA GLY A 628 15.88 -21.94 -33.95
C GLY A 628 16.42 -21.53 -35.30
N LYS A 629 15.56 -21.13 -36.23
CA LYS A 629 15.96 -20.79 -37.59
C LYS A 629 15.77 -19.29 -37.82
N GLU A 630 16.81 -18.63 -38.32
CA GLU A 630 16.73 -17.20 -38.60
C GLU A 630 15.84 -16.98 -39.81
N GLU A 631 14.92 -16.03 -39.70
CA GLU A 631 13.94 -15.76 -40.74
C GLU A 631 14.06 -14.34 -41.26
N HIS A 632 13.75 -14.16 -42.54
CA HIS A 632 13.77 -12.86 -43.20
C HIS A 632 12.35 -12.48 -43.58
N LEU A 633 12.01 -11.21 -43.36
CA LEU A 633 10.65 -10.71 -43.58
C LEU A 633 10.66 -9.59 -44.61
N THR A 634 9.96 -9.83 -45.73
CA THR A 634 9.59 -8.78 -46.67
C THR A 634 8.08 -8.64 -46.64
N THR A 635 7.59 -7.42 -46.45
CA THR A 635 6.17 -7.22 -46.17
C THR A 635 5.73 -5.86 -46.68
N ASN A 636 4.44 -5.76 -46.98
CA ASN A 636 3.81 -4.47 -47.24
C ASN A 636 3.48 -3.72 -45.96
N GLY A 637 3.74 -4.31 -44.79
CA GLY A 637 3.51 -3.65 -43.53
C GLY A 637 2.37 -4.18 -42.70
N TYR A 638 1.73 -5.27 -43.11
CA TYR A 638 0.49 -5.70 -42.47
C TYR A 638 0.50 -7.21 -42.24
N ARG A 639 -0.21 -7.62 -41.20
CA ARG A 639 -0.48 -9.03 -40.93
C ARG A 639 -1.87 -9.11 -40.30
N LYS A 640 -2.61 -10.16 -40.66
CA LYS A 640 -4.01 -10.26 -40.24
C LYS A 640 -4.13 -10.41 -38.74
N ILE A 641 -5.08 -9.70 -38.15
CA ILE A 641 -5.30 -9.76 -36.70
C ILE A 641 -5.64 -11.19 -36.30
N PRO A 642 -4.97 -11.77 -35.32
CA PRO A 642 -5.34 -13.12 -34.86
C PRO A 642 -6.77 -13.18 -34.37
N GLY A 643 -7.54 -14.10 -34.94
CA GLY A 643 -8.94 -14.25 -34.61
C GLY A 643 -9.88 -13.55 -35.57
N ASP A 644 -9.36 -12.66 -36.41
CA ASP A 644 -10.18 -11.92 -37.35
C ASP A 644 -10.65 -12.86 -38.45
N LYS A 645 -11.96 -13.02 -38.59
CA LYS A 645 -12.55 -13.91 -39.59
C LYS A 645 -12.71 -13.25 -40.95
N CYS A 646 -11.89 -12.23 -41.21
CA CYS A 646 -11.92 -11.52 -42.47
C CYS A 646 -11.72 -12.44 -43.68
N GLN A 647 -12.32 -12.05 -44.80
CA GLN A 647 -12.16 -12.74 -46.07
C GLN A 647 -12.36 -11.76 -47.22
N GLY A 648 -11.54 -11.89 -48.26
CA GLY A 648 -11.65 -11.03 -49.41
C GLY A 648 -11.08 -9.64 -49.17
N GLY A 649 -11.43 -8.72 -50.06
CA GLY A 649 -11.06 -7.32 -49.86
C GLY A 649 -9.57 -7.11 -49.97
N MET A 650 -9.02 -6.39 -49.00
CA MET A 650 -7.60 -6.09 -48.97
C MET A 650 -6.79 -7.34 -48.66
N ASN A 651 -5.67 -7.51 -49.37
CA ASN A 651 -4.79 -8.66 -49.19
C ASN A 651 -3.35 -8.21 -49.37
N PRO A 652 -2.76 -7.59 -48.34
CA PRO A 652 -1.35 -7.25 -48.40
C PRO A 652 -0.48 -8.49 -48.37
N ALA A 653 0.72 -8.37 -48.92
CA ALA A 653 1.62 -9.51 -49.07
C ALA A 653 2.71 -9.48 -48.02
N ARG A 654 3.09 -10.66 -47.55
CA ARG A 654 4.24 -10.83 -46.66
C ARG A 654 4.80 -12.23 -46.88
N GLU A 655 6.11 -12.36 -46.70
CA GLU A 655 6.77 -13.65 -46.85
C GLU A 655 7.86 -13.79 -45.80
N VAL A 656 7.86 -14.93 -45.11
CA VAL A 656 8.87 -15.25 -44.10
C VAL A 656 9.79 -16.29 -44.73
N LYS A 657 10.93 -15.82 -45.26
CA LYS A 657 11.87 -16.69 -45.96
C LYS A 657 12.92 -17.21 -45.00
N ASP A 658 13.09 -18.52 -44.96
CA ASP A 658 14.13 -19.13 -44.15
C ASP A 658 15.51 -18.81 -44.72
N LEU A 659 16.42 -18.39 -43.84
CA LEU A 659 17.78 -18.01 -44.22
C LEU A 659 18.80 -19.12 -44.03
N LYS A 660 18.36 -20.29 -43.59
CA LYS A 660 19.23 -21.45 -43.35
C LYS A 660 20.39 -21.10 -42.40
N LYS A 661 20.02 -20.61 -41.21
CA LYS A 661 21.01 -20.24 -40.22
C LYS A 661 20.42 -20.44 -38.83
N LYS A 662 21.30 -20.73 -37.86
CA LYS A 662 20.90 -20.92 -36.48
C LYS A 662 20.79 -19.59 -35.75
N CYS A 663 20.06 -19.60 -34.64
CA CYS A 663 19.78 -18.40 -33.86
C CYS A 663 19.18 -18.76 -32.50
N ASP B 8 -7.63 7.98 43.29
CA ASP B 8 -8.66 8.12 42.27
C ASP B 8 -8.63 9.52 41.67
N CYS B 9 -9.32 9.69 40.55
CA CYS B 9 -9.25 10.94 39.80
C CYS B 9 -10.12 12.01 40.43
N GLY B 10 -9.68 13.25 40.26
CA GLY B 10 -10.40 14.42 40.76
C GLY B 10 -11.53 14.80 39.84
N ARG B 11 -12.76 14.47 40.24
CA ARG B 11 -13.91 14.76 39.41
C ARG B 11 -14.23 16.25 39.39
N LEU B 12 -14.36 16.80 38.18
CA LEU B 12 -14.83 18.15 37.87
C LEU B 12 -13.99 19.28 38.47
N PRO B 13 -12.69 19.37 38.16
CA PRO B 13 -12.05 20.70 38.11
C PRO B 13 -12.48 21.35 36.80
N ASP B 14 -13.36 22.34 36.90
CA ASP B 14 -14.10 22.78 35.73
C ASP B 14 -13.19 23.52 34.75
N PHE B 15 -13.14 22.98 33.53
CA PHE B 15 -12.28 23.44 32.46
C PHE B 15 -13.04 24.07 31.32
N ILE B 16 -14.35 23.82 31.23
CA ILE B 16 -15.11 24.19 30.04
C ILE B 16 -15.10 25.70 29.82
N ALA B 17 -15.26 26.47 30.90
CA ALA B 17 -15.25 27.92 30.77
C ALA B 17 -13.86 28.42 30.39
N LYS B 18 -12.81 27.85 31.00
CA LYS B 18 -11.45 28.26 30.68
C LYS B 18 -11.00 27.84 29.29
N LEU B 19 -11.70 26.88 28.68
CA LEU B 19 -11.34 26.42 27.34
C LEU B 19 -12.25 27.00 26.25
N THR B 20 -13.52 27.25 26.57
CA THR B 20 -14.44 27.81 25.58
C THR B 20 -13.98 29.18 25.13
N ASN B 21 -13.60 30.04 26.08
CA ASN B 21 -13.11 31.37 25.75
C ASN B 21 -11.73 31.34 25.11
N ASN B 22 -11.01 30.21 25.16
CA ASN B 22 -9.70 30.09 24.54
C ASN B 22 -9.73 29.18 23.32
N THR B 23 -10.90 28.97 22.72
CA THR B 23 -11.04 28.17 21.51
C THR B 23 -11.45 29.09 20.37
N HIS B 24 -10.66 29.09 19.29
CA HIS B 24 -10.86 30.00 18.18
C HIS B 24 -11.03 29.21 16.88
N GLN B 25 -12.22 29.34 16.29
CA GLN B 25 -12.61 28.63 15.08
C GLN B 25 -12.38 29.50 13.85
N HIS B 26 -11.96 28.87 12.76
CA HIS B 26 -11.93 29.55 11.46
C HIS B 26 -12.45 28.61 10.38
N VAL B 27 -13.44 29.08 9.62
CA VAL B 27 -14.03 28.33 8.53
C VAL B 27 -13.35 28.74 7.22
N PHE B 28 -12.91 27.74 6.46
CA PHE B 28 -12.34 27.97 5.13
C PHE B 28 -13.40 27.56 4.10
N ASP B 29 -13.75 28.47 3.21
CA ASP B 29 -14.76 28.19 2.19
C ASP B 29 -14.15 27.62 0.92
N ASP B 30 -14.90 26.72 0.29
CA ASP B 30 -14.57 26.12 -1.01
C ASP B 30 -13.09 25.78 -1.15
N LEU B 31 -12.63 24.89 -0.28
CA LEU B 31 -11.33 24.27 -0.42
C LEU B 31 -11.44 22.93 -1.14
N SER B 32 -10.53 22.68 -2.07
CA SER B 32 -10.50 21.44 -2.81
C SER B 32 -9.13 20.78 -2.64
N GLY B 33 -9.14 19.46 -2.62
CA GLY B 33 -7.93 18.68 -2.39
C GLY B 33 -7.70 18.40 -0.92
N SER B 34 -6.48 17.93 -0.63
CA SER B 34 -6.06 17.70 0.74
C SER B 34 -5.64 19.00 1.40
N VAL B 35 -5.94 19.12 2.69
CA VAL B 35 -5.67 20.34 3.45
C VAL B 35 -4.66 20.02 4.55
N SER B 36 -3.52 20.69 4.52
CA SER B 36 -2.50 20.55 5.55
C SER B 36 -2.39 21.85 6.34
N LEU B 37 -2.15 21.73 7.64
CA LEU B 37 -2.00 22.86 8.54
C LEU B 37 -0.72 22.66 9.34
N SER B 38 0.02 23.74 9.55
CA SER B 38 1.27 23.64 10.29
C SER B 38 1.57 24.95 10.99
N TRP B 39 1.99 24.85 12.26
CA TRP B 39 2.60 25.98 12.93
C TRP B 39 4.00 26.21 12.38
N VAL B 40 4.40 27.46 12.30
CA VAL B 40 5.73 27.84 11.81
C VAL B 40 6.39 28.63 12.93
N GLY B 41 7.14 27.95 13.78
CA GLY B 41 8.00 28.59 14.74
C GLY B 41 7.41 28.59 16.14
N ASP B 42 8.30 28.74 17.12
CA ASP B 42 7.91 28.87 18.52
C ASP B 42 7.62 30.33 18.81
N SER B 43 6.41 30.61 19.28
CA SER B 43 5.98 31.95 19.71
C SER B 43 6.06 32.96 18.57
N THR B 44 5.82 32.52 17.34
CA THR B 44 5.72 33.43 16.21
C THR B 44 4.27 33.84 15.93
N GLY B 45 3.31 32.98 16.27
CA GLY B 45 1.92 33.21 15.94
C GLY B 45 1.53 32.78 14.54
N VAL B 46 2.42 32.15 13.79
CA VAL B 46 2.22 31.87 12.37
C VAL B 46 1.69 30.45 12.21
N ILE B 47 0.59 30.32 11.47
CA ILE B 47 0.04 29.03 11.06
C ILE B 47 -0.19 29.08 9.55
N LEU B 48 0.30 28.09 8.83
CA LEU B 48 0.04 27.97 7.40
C LEU B 48 -0.97 26.87 7.13
N VAL B 49 -1.93 27.17 6.26
CA VAL B 49 -2.88 26.19 5.74
C VAL B 49 -2.71 26.15 4.22
N LEU B 50 -2.48 24.95 3.69
CA LEU B 50 -2.19 24.75 2.28
C LEU B 50 -3.03 23.60 1.75
N THR B 51 -3.60 23.79 0.55
CA THR B 51 -4.28 22.71 -0.16
C THR B 51 -3.34 22.09 -1.19
N THR B 52 -3.42 20.77 -1.31
CA THR B 52 -2.54 20.03 -2.22
C THR B 52 -3.39 19.08 -3.07
N PHE B 53 -2.75 18.53 -4.10
CA PHE B 53 -3.42 17.65 -5.05
C PHE B 53 -2.56 16.44 -5.34
N GLN B 54 -3.21 15.28 -5.42
CA GLN B 54 -2.54 14.01 -5.74
C GLN B 54 -2.45 13.90 -7.25
N VAL B 55 -1.30 14.27 -7.81
CA VAL B 55 -1.10 14.27 -9.25
C VAL B 55 0.21 13.57 -9.56
N PRO B 56 0.24 12.64 -10.52
CA PRO B 56 1.51 11.99 -10.88
C PRO B 56 2.55 13.00 -11.33
N LEU B 57 3.82 12.64 -11.13
CA LEU B 57 4.90 13.57 -11.41
C LEU B 57 5.01 13.90 -12.89
N VAL B 58 4.88 12.89 -13.76
CA VAL B 58 5.13 13.10 -15.17
C VAL B 58 4.01 13.89 -15.85
N ILE B 59 2.83 13.96 -15.23
CA ILE B 59 1.64 14.51 -15.86
C ILE B 59 1.63 16.02 -15.69
N VAL B 60 1.45 16.74 -16.79
CA VAL B 60 1.23 18.18 -16.76
C VAL B 60 -0.27 18.42 -16.69
N SER B 61 -0.70 19.19 -15.70
CA SER B 61 -2.12 19.47 -15.54
C SER B 61 -2.30 20.88 -15.00
N PHE B 62 -3.54 21.35 -15.03
CA PHE B 62 -3.92 22.66 -14.54
C PHE B 62 -4.52 22.55 -13.15
N GLY B 63 -4.22 23.54 -12.30
CA GLY B 63 -4.71 23.52 -10.93
C GLY B 63 -4.15 24.69 -10.16
N GLN B 64 -4.84 25.01 -9.06
CA GLN B 64 -4.50 26.14 -8.21
C GLN B 64 -4.54 25.71 -6.75
N SER B 65 -3.38 25.63 -6.10
CA SER B 65 -3.35 25.45 -4.66
C SER B 65 -3.78 26.73 -3.96
N LYS B 66 -4.39 26.58 -2.80
CA LYS B 66 -4.76 27.71 -1.96
C LYS B 66 -3.89 27.74 -0.72
N LEU B 67 -3.63 28.95 -0.22
CA LEU B 67 -2.68 29.15 0.86
C LEU B 67 -3.23 30.21 1.80
N TYR B 68 -3.36 29.86 3.08
CA TYR B 68 -3.86 30.76 4.10
C TYR B 68 -2.81 30.90 5.20
N ARG B 69 -2.73 32.08 5.78
CA ARG B 69 -1.75 32.35 6.83
C ARG B 69 -2.43 33.05 8.00
N SER B 70 -2.18 32.53 9.20
CA SER B 70 -2.52 33.20 10.44
C SER B 70 -1.26 33.80 11.04
N GLU B 71 -1.37 35.01 11.57
CA GLU B 71 -0.28 35.63 12.31
C GLU B 71 -0.71 35.99 13.73
N ASP B 72 -1.82 35.42 14.20
CA ASP B 72 -2.33 35.65 15.56
C ASP B 72 -2.78 34.33 16.17
N TYR B 73 -1.99 33.28 16.00
CA TYR B 73 -2.17 32.00 16.70
C TYR B 73 -3.48 31.30 16.33
N GLY B 74 -3.92 31.45 15.08
CA GLY B 74 -5.04 30.71 14.57
C GLY B 74 -6.40 31.36 14.76
N LYS B 75 -6.45 32.59 15.28
CA LYS B 75 -7.73 33.26 15.43
C LYS B 75 -8.25 33.81 14.11
N ASN B 76 -7.34 34.27 13.24
CA ASN B 76 -7.72 34.80 11.93
C ASN B 76 -6.73 34.29 10.88
N PHE B 77 -7.25 34.06 9.67
CA PHE B 77 -6.44 33.59 8.55
C PHE B 77 -6.65 34.51 7.36
N LYS B 78 -5.57 34.95 6.73
CA LYS B 78 -5.63 35.75 5.52
C LYS B 78 -5.35 34.85 4.32
N ASP B 79 -6.17 34.99 3.29
CA ASP B 79 -5.97 34.28 2.02
C ASP B 79 -4.80 34.88 1.27
N ILE B 80 -3.71 34.12 1.15
CA ILE B 80 -2.52 34.58 0.45
C ILE B 80 -2.27 33.69 -0.77
N THR B 81 -3.34 33.12 -1.32
CA THR B 81 -3.22 32.30 -2.53
C THR B 81 -2.56 33.07 -3.67
N ASN B 82 -2.77 34.39 -3.72
CA ASN B 82 -2.16 35.21 -4.76
C ASN B 82 -0.64 35.09 -4.80
N LEU B 83 -0.01 34.77 -3.66
CA LEU B 83 1.44 34.59 -3.66
C LEU B 83 1.85 33.40 -4.52
N ILE B 84 1.04 32.35 -4.56
CA ILE B 84 1.35 31.15 -5.33
C ILE B 84 0.41 31.05 -6.52
N ASN B 85 0.03 32.19 -7.09
CA ASN B 85 -0.86 32.22 -8.24
C ASN B 85 -0.35 31.33 -9.37
N ASN B 86 -1.28 30.57 -9.96
CA ASN B 86 -1.04 29.75 -11.15
C ASN B 86 -0.07 28.60 -10.89
N THR B 87 -0.03 28.11 -9.65
CA THR B 87 0.73 26.91 -9.31
C THR B 87 -0.10 26.05 -8.37
N PHE B 88 0.35 24.80 -8.20
CA PHE B 88 -0.22 23.92 -7.18
C PHE B 88 0.89 23.05 -6.61
N ILE B 89 0.66 22.57 -5.39
CA ILE B 89 1.62 21.74 -4.68
C ILE B 89 1.06 20.33 -4.61
N ARG B 90 1.92 19.34 -4.87
CA ARG B 90 1.51 17.94 -4.78
C ARG B 90 1.46 17.49 -3.33
N THR B 91 0.50 16.62 -3.03
CA THR B 91 0.36 16.09 -1.67
C THR B 91 1.64 15.40 -1.22
N GLU B 92 2.33 14.71 -2.13
CA GLU B 92 3.56 14.03 -1.78
C GLU B 92 4.66 14.99 -1.36
N PHE B 93 4.60 16.24 -1.80
CA PHE B 93 5.62 17.23 -1.46
C PHE B 93 5.25 18.01 -0.20
N GLY B 94 4.04 18.55 -0.15
CA GLY B 94 3.62 19.32 1.00
C GLY B 94 4.48 20.56 1.20
N MET B 95 4.79 20.85 2.46
CA MET B 95 5.70 21.94 2.82
C MET B 95 7.03 21.34 3.26
N ALA B 96 8.11 22.05 2.92
CA ALA B 96 9.46 21.68 3.36
C ALA B 96 9.88 22.69 4.44
N ILE B 97 9.61 22.35 5.70
CA ILE B 97 9.89 23.25 6.81
C ILE B 97 11.28 22.94 7.37
N GLY B 98 12.13 23.97 7.41
CA GLY B 98 13.46 23.86 7.95
C GLY B 98 13.47 23.64 9.46
N PRO B 99 14.68 23.65 10.04
CA PRO B 99 14.80 23.43 11.49
C PRO B 99 14.00 24.44 12.30
N GLU B 100 13.79 24.10 13.57
CA GLU B 100 12.85 24.83 14.42
C GLU B 100 13.14 26.32 14.48
N ASN B 101 14.37 26.70 14.80
CA ASN B 101 14.70 28.11 14.97
C ASN B 101 15.20 28.79 13.70
N SER B 102 15.18 28.11 12.56
CA SER B 102 15.66 28.72 11.33
C SER B 102 14.66 29.70 10.71
N GLY B 103 13.37 29.49 10.92
CA GLY B 103 12.39 30.31 10.25
C GLY B 103 12.18 29.98 8.78
N LYS B 104 12.75 28.88 8.31
CA LYS B 104 12.75 28.55 6.88
C LYS B 104 11.56 27.69 6.50
N VAL B 105 10.82 28.12 5.49
CA VAL B 105 9.74 27.34 4.88
C VAL B 105 9.90 27.44 3.37
N ILE B 106 9.75 26.31 2.68
CA ILE B 106 9.79 26.27 1.23
C ILE B 106 8.57 25.51 0.72
N LEU B 107 7.84 26.12 -0.20
CA LEU B 107 6.74 25.47 -0.90
C LEU B 107 7.22 25.11 -2.29
N THR B 108 7.36 23.82 -2.57
CA THR B 108 7.76 23.33 -3.89
C THR B 108 6.50 23.04 -4.69
N ALA B 109 6.32 23.78 -5.79
CA ALA B 109 5.08 23.75 -6.54
C ALA B 109 5.34 23.44 -8.01
N GLU B 110 4.25 23.10 -8.69
CA GLU B 110 4.25 22.85 -10.13
CA GLU B 110 4.27 22.86 -10.12
C GLU B 110 3.43 23.91 -10.82
N VAL B 111 3.94 24.43 -11.93
CA VAL B 111 3.23 25.48 -12.66
C VAL B 111 1.94 24.92 -13.23
N SER B 112 0.84 25.66 -13.06
CA SER B 112 -0.47 25.20 -13.50
C SER B 112 -0.50 24.88 -14.99
N GLY B 113 0.19 25.66 -15.81
CA GLY B 113 0.18 25.32 -17.21
C GLY B 113 1.33 24.45 -17.66
N GLY B 114 2.26 24.16 -16.76
CA GLY B 114 3.50 23.50 -17.11
C GLY B 114 4.59 24.52 -17.38
N SER B 115 5.83 24.08 -17.21
CA SER B 115 6.97 24.96 -17.46
C SER B 115 8.22 24.11 -17.58
N ARG B 116 9.34 24.78 -17.87
CA ARG B 116 10.61 24.10 -18.01
C ARG B 116 11.09 23.49 -16.71
N GLY B 117 10.59 23.96 -15.58
CA GLY B 117 10.97 23.39 -14.29
C GLY B 117 9.94 23.74 -13.23
N GLY B 118 10.22 23.28 -12.02
CA GLY B 118 9.37 23.60 -10.90
C GLY B 118 9.51 25.04 -10.44
N ARG B 119 8.65 25.42 -9.51
CA ARG B 119 8.68 26.75 -8.91
C ARG B 119 8.58 26.62 -7.40
N VAL B 120 9.52 27.25 -6.70
CA VAL B 120 9.56 27.19 -5.24
C VAL B 120 9.28 28.58 -4.69
N PHE B 121 8.65 28.61 -3.52
CA PHE B 121 8.38 29.84 -2.78
C PHE B 121 9.11 29.76 -1.46
N ARG B 122 10.06 30.68 -1.24
CA ARG B 122 11.05 30.55 -0.19
C ARG B 122 10.83 31.63 0.86
N SER B 123 10.84 31.23 2.12
CA SER B 123 10.74 32.16 3.24
C SER B 123 11.76 31.79 4.30
N SER B 124 12.40 32.81 4.88
CA SER B 124 13.33 32.61 5.98
C SER B 124 12.95 33.44 7.20
N ASP B 125 11.70 33.92 7.26
CA ASP B 125 11.20 34.71 8.38
C ASP B 125 9.89 34.14 8.90
N PHE B 126 9.84 32.81 9.05
CA PHE B 126 8.68 32.12 9.61
C PHE B 126 7.43 32.35 8.76
N ALA B 127 7.59 32.26 7.44
CA ALA B 127 6.50 32.29 6.46
C ALA B 127 5.74 33.62 6.45
N LYS B 128 6.34 34.69 6.96
CA LYS B 128 5.69 35.99 6.90
C LYS B 128 5.97 36.72 5.59
N ASN B 129 6.96 36.28 4.82
CA ASN B 129 7.29 36.87 3.52
C ASN B 129 7.91 35.79 2.66
N PHE B 130 7.42 35.67 1.43
CA PHE B 130 7.90 34.66 0.49
C PHE B 130 8.51 35.35 -0.73
N VAL B 131 9.49 34.68 -1.32
CA VAL B 131 10.03 35.07 -2.62
C VAL B 131 9.94 33.87 -3.55
N GLN B 132 9.68 34.15 -4.82
CA GLN B 132 9.45 33.11 -5.82
C GLN B 132 10.72 32.86 -6.60
N THR B 133 10.98 31.58 -6.89
CA THR B 133 12.16 31.17 -7.65
C THR B 133 11.77 30.07 -8.62
N ASP B 134 12.11 30.25 -9.89
CA ASP B 134 11.89 29.23 -10.91
C ASP B 134 13.08 28.27 -10.93
N LEU B 135 12.79 26.99 -10.76
CA LEU B 135 13.83 25.97 -10.74
C LEU B 135 14.26 25.63 -12.17
N PRO B 136 15.55 25.36 -12.40
CA PRO B 136 15.99 24.93 -13.72
C PRO B 136 15.79 23.43 -13.94
N PHE B 137 14.88 22.83 -13.17
CA PHE B 137 14.62 21.39 -13.27
C PHE B 137 13.28 21.09 -12.62
N HIS B 138 12.77 19.90 -12.89
CA HIS B 138 11.57 19.39 -12.22
C HIS B 138 11.99 18.49 -11.07
N PRO B 139 11.62 18.80 -9.83
CA PRO B 139 12.04 17.95 -8.70
C PRO B 139 11.33 16.60 -8.73
N LEU B 140 12.13 15.53 -8.58
CA LEU B 140 11.56 14.18 -8.48
C LEU B 140 11.06 13.91 -7.06
N THR B 141 11.77 14.41 -6.06
CA THR B 141 11.37 14.30 -4.66
C THR B 141 11.54 15.65 -3.99
N GLN B 142 11.01 15.77 -2.78
CA GLN B 142 11.11 17.01 -2.04
C GLN B 142 12.57 17.35 -1.76
N MET B 143 12.86 18.65 -1.75
CA MET B 143 14.20 19.13 -1.44
C MET B 143 14.55 18.82 0.01
N MET B 144 15.82 18.51 0.25
CA MET B 144 16.30 18.09 1.55
CA MET B 144 16.30 18.09 1.55
CA MET B 144 16.30 18.09 1.56
C MET B 144 17.27 19.11 2.11
N TYR B 145 17.01 19.57 3.34
CA TYR B 145 17.93 20.47 4.01
C TYR B 145 19.15 19.70 4.51
N SER B 146 20.30 20.34 4.46
CA SER B 146 21.47 19.78 5.12
C SER B 146 21.30 19.92 6.64
N PRO B 147 21.48 18.83 7.41
CA PRO B 147 21.32 18.94 8.86
C PRO B 147 22.29 19.91 9.52
N GLN B 148 23.46 20.15 8.91
CA GLN B 148 24.45 21.06 9.47
C GLN B 148 24.37 22.46 8.88
N ASN B 149 23.46 22.71 7.94
CA ASN B 149 23.31 24.02 7.33
C ASN B 149 21.99 24.10 6.58
N SER B 150 21.02 24.83 7.13
CA SER B 150 19.71 24.94 6.49
C SER B 150 19.74 25.81 5.24
N ASP B 151 20.87 26.45 4.93
CA ASP B 151 21.03 27.14 3.66
C ASP B 151 21.32 26.18 2.51
N TYR B 152 21.75 24.96 2.80
CA TYR B 152 22.15 23.98 1.79
C TYR B 152 20.97 23.06 1.48
N LEU B 153 20.61 22.97 0.21
CA LEU B 153 19.52 22.13 -0.25
C LEU B 153 20.03 21.23 -1.37
N LEU B 154 19.57 19.98 -1.37
CA LEU B 154 19.79 19.10 -2.50
C LEU B 154 18.45 18.55 -2.96
N ALA B 155 18.35 18.29 -4.26
CA ALA B 155 17.12 17.77 -4.84
C ALA B 155 17.48 16.88 -6.03
N LEU B 156 16.71 15.82 -6.20
CA LEU B 156 16.84 14.93 -7.35
C LEU B 156 15.81 15.34 -8.39
N SER B 157 16.25 15.45 -9.64
CA SER B 157 15.34 15.82 -10.71
C SER B 157 14.67 14.59 -11.31
N THR B 158 13.60 14.82 -12.07
CA THR B 158 12.93 13.75 -12.78
C THR B 158 13.79 13.12 -13.86
N GLU B 159 14.91 13.77 -14.21
CA GLU B 159 15.91 13.19 -15.09
C GLU B 159 17.03 12.52 -14.31
N ASN B 160 16.84 12.31 -13.01
CA ASN B 160 17.83 11.71 -12.12
C ASN B 160 19.12 12.53 -12.08
N GLY B 161 19.00 13.85 -12.20
CA GLY B 161 20.11 14.74 -11.95
C GLY B 161 20.14 15.21 -10.51
N LEU B 162 21.35 15.41 -10.00
CA LEU B 162 21.55 15.85 -8.62
C LEU B 162 21.82 17.35 -8.61
N TRP B 163 20.90 18.11 -8.01
CA TRP B 163 20.99 19.56 -7.94
C TRP B 163 21.22 20.00 -6.51
N VAL B 164 22.08 21.01 -6.33
CA VAL B 164 22.44 21.52 -5.02
C VAL B 164 22.29 23.04 -5.05
N SER B 165 21.85 23.60 -3.93
CA SER B 165 21.77 25.05 -3.75
C SER B 165 22.51 25.42 -2.47
N LYS B 166 23.34 26.45 -2.53
CA LYS B 166 24.11 26.91 -1.38
C LYS B 166 23.49 28.09 -0.67
N ASN B 167 22.47 28.73 -1.25
CA ASN B 167 21.88 29.95 -0.71
C ASN B 167 20.38 29.82 -0.54
N PHE B 168 19.96 28.75 0.15
CA PHE B 168 18.55 28.55 0.52
C PHE B 168 17.64 28.52 -0.70
N GLY B 169 18.07 27.84 -1.76
CA GLY B 169 17.23 27.62 -2.91
C GLY B 169 17.13 28.77 -3.89
N GLU B 170 17.95 29.82 -3.70
CA GLU B 170 17.91 30.94 -4.64
C GLU B 170 18.61 30.58 -5.95
N LYS B 171 19.75 29.93 -5.87
CA LYS B 171 20.54 29.55 -7.05
C LYS B 171 20.83 28.06 -6.97
N TRP B 172 20.64 27.36 -8.08
CA TRP B 172 20.81 25.91 -8.13
C TRP B 172 21.86 25.53 -9.17
N GLU B 173 22.64 24.50 -8.86
CA GLU B 173 23.61 23.93 -9.78
C GLU B 173 23.45 22.42 -9.82
N GLU B 174 23.58 21.85 -11.01
CA GLU B 174 23.55 20.40 -11.19
C GLU B 174 24.98 19.87 -11.06
N ILE B 175 25.22 19.06 -10.02
CA ILE B 175 26.57 18.60 -9.72
C ILE B 175 26.86 17.19 -10.25
N HIS B 176 25.83 16.40 -10.54
CA HIS B 176 26.06 15.09 -11.15
C HIS B 176 24.76 14.60 -11.78
N LYS B 177 24.90 13.86 -12.88
CA LYS B 177 23.79 13.26 -13.59
C LYS B 177 23.74 11.76 -13.33
N ALA B 178 22.63 11.15 -13.74
CA ALA B 178 22.40 9.72 -13.62
C ALA B 178 22.56 9.25 -12.17
N VAL B 179 21.92 9.98 -11.25
CA VAL B 179 21.98 9.69 -9.82
C VAL B 179 20.70 8.96 -9.41
N CYS B 180 20.86 7.90 -8.63
CA CYS B 180 19.72 7.10 -8.17
C CYS B 180 19.21 7.56 -6.81
N LEU B 181 20.13 7.79 -5.88
CA LEU B 181 19.76 8.20 -4.52
C LEU B 181 20.88 9.08 -3.98
N ALA B 182 20.49 10.14 -3.25
CA ALA B 182 21.44 11.08 -2.68
C ALA B 182 21.01 11.44 -1.27
N LYS B 183 21.98 11.57 -0.37
CA LYS B 183 21.69 11.83 1.03
C LYS B 183 22.74 12.76 1.61
N TRP B 184 22.31 13.64 2.51
CA TRP B 184 23.27 14.46 3.24
C TRP B 184 23.97 13.61 4.29
N GLY B 185 25.29 13.70 4.33
CA GLY B 185 26.05 13.14 5.43
C GLY B 185 26.33 14.22 6.45
N PRO B 186 27.30 13.98 7.32
CA PRO B 186 27.65 14.99 8.33
C PRO B 186 28.53 16.07 7.71
N ASN B 187 28.47 17.25 8.34
CA ASN B 187 29.23 18.43 7.91
C ASN B 187 29.07 18.72 6.42
N ASN B 188 27.81 18.68 5.96
CA ASN B 188 27.44 19.08 4.60
C ASN B 188 28.09 18.19 3.53
N ILE B 189 28.43 16.96 3.88
CA ILE B 189 28.86 15.96 2.89
C ILE B 189 27.64 15.41 2.17
N ILE B 190 27.80 15.08 0.89
CA ILE B 190 26.75 14.45 0.10
C ILE B 190 27.23 13.08 -0.38
N PHE B 191 26.49 12.03 -0.02
CA PHE B 191 26.68 10.70 -0.58
C PHE B 191 25.60 10.43 -1.62
N PHE B 192 25.99 9.79 -2.72
CA PHE B 192 25.02 9.47 -3.75
C PHE B 192 25.50 8.30 -4.60
N THR B 193 24.53 7.58 -5.18
CA THR B 193 24.78 6.47 -6.08
C THR B 193 24.53 6.89 -7.53
N THR B 194 25.30 6.29 -8.44
CA THR B 194 25.25 6.58 -9.87
C THR B 194 25.20 5.30 -10.69
N HIS B 195 24.79 5.44 -11.94
CA HIS B 195 24.57 4.31 -12.83
C HIS B 195 25.86 3.71 -13.35
N VAL B 196 25.81 2.42 -13.61
CA VAL B 196 26.79 1.78 -14.49
C VAL B 196 26.30 1.84 -15.94
N ASN B 197 24.99 1.77 -16.16
CA ASN B 197 24.44 1.79 -17.52
C ASN B 197 23.10 2.50 -17.59
N GLY B 198 22.05 1.74 -17.90
CA GLY B 198 20.72 2.24 -18.21
C GLY B 198 19.90 2.77 -17.06
N SER B 199 19.26 1.86 -16.33
CA SER B 199 18.25 2.18 -15.33
C SER B 199 18.74 1.84 -13.93
N CYS B 200 18.26 2.62 -12.96
CA CYS B 200 18.59 2.36 -11.56
C CYS B 200 17.95 1.08 -11.06
N LYS B 201 16.72 0.80 -11.52
CA LYS B 201 16.02 -0.42 -11.11
C LYS B 201 16.76 -1.67 -11.60
N ALA B 202 17.17 -1.67 -12.86
CA ALA B 202 17.83 -2.83 -13.44
C ALA B 202 19.23 -3.03 -12.89
N ASP B 203 19.84 -2.00 -12.32
CA ASP B 203 21.22 -2.05 -11.85
C ASP B 203 21.30 -2.35 -10.36
N LEU B 204 20.63 -3.43 -9.91
CA LEU B 204 20.76 -3.85 -8.53
C LEU B 204 22.15 -4.45 -8.30
N GLY B 205 22.88 -3.91 -7.33
CA GLY B 205 24.18 -4.47 -7.01
C GLY B 205 25.31 -4.03 -7.92
N ALA B 206 25.06 -3.12 -8.86
CA ALA B 206 26.10 -2.63 -9.75
C ALA B 206 26.20 -1.11 -9.72
N LEU B 207 25.69 -0.47 -8.67
CA LEU B 207 25.81 0.97 -8.54
C LEU B 207 27.17 1.34 -7.95
N GLU B 208 27.56 2.60 -8.17
CA GLU B 208 28.75 3.17 -7.54
C GLU B 208 28.32 4.18 -6.48
N LEU B 209 28.97 4.12 -5.33
CA LEU B 209 28.72 5.06 -4.25
C LEU B 209 29.74 6.18 -4.30
N TRP B 210 29.26 7.42 -4.38
CA TRP B 210 30.12 8.58 -4.54
C TRP B 210 29.97 9.52 -3.35
N ARG B 211 31.00 10.32 -3.13
CA ARG B 211 31.02 11.31 -2.06
C ARG B 211 31.57 12.62 -2.59
N THR B 212 30.93 13.73 -2.18
CA THR B 212 31.48 15.05 -2.40
C THR B 212 31.40 15.82 -1.09
N SER B 213 32.52 16.40 -0.67
CA SER B 213 32.60 17.14 0.58
C SER B 213 32.56 18.65 0.38
N ASP B 214 32.55 19.12 -0.87
CA ASP B 214 32.57 20.54 -1.17
C ASP B 214 31.42 20.92 -2.10
N LEU B 215 30.29 20.23 -1.99
CA LEU B 215 29.06 20.57 -2.71
C LEU B 215 29.24 20.47 -4.22
N GLY B 216 30.03 19.49 -4.66
CA GLY B 216 30.12 19.16 -6.07
C GLY B 216 31.39 19.59 -6.77
N LYS B 217 32.29 20.31 -6.09
CA LYS B 217 33.54 20.72 -6.73
C LYS B 217 34.43 19.52 -7.02
N THR B 218 34.56 18.59 -6.07
CA THR B 218 35.35 17.39 -6.26
C THR B 218 34.54 16.18 -5.78
N PHE B 219 34.87 15.02 -6.34
CA PHE B 219 34.16 13.78 -6.04
C PHE B 219 35.16 12.69 -5.70
N LYS B 220 34.67 11.65 -5.03
CA LYS B 220 35.48 10.48 -4.75
C LYS B 220 34.58 9.25 -4.75
N THR B 221 34.96 8.25 -5.54
CA THR B 221 34.27 6.96 -5.53
C THR B 221 34.70 6.18 -4.30
N ILE B 222 33.76 5.91 -3.40
CA ILE B 222 34.03 5.22 -2.15
C ILE B 222 33.45 3.82 -2.12
N GLY B 223 32.81 3.39 -3.20
CA GLY B 223 32.24 2.06 -3.26
C GLY B 223 31.76 1.67 -4.63
N VAL B 224 32.00 0.42 -5.03
CA VAL B 224 31.53 -0.12 -6.29
C VAL B 224 30.74 -1.38 -6.00
N LYS B 225 30.01 -1.84 -7.02
CA LYS B 225 29.12 -3.00 -6.89
C LYS B 225 28.19 -2.84 -5.70
N ILE B 226 27.55 -1.67 -5.62
CA ILE B 226 26.74 -1.30 -4.47
C ILE B 226 25.29 -1.71 -4.72
N TYR B 227 24.69 -2.39 -3.74
CA TYR B 227 23.27 -2.68 -3.74
C TYR B 227 22.46 -1.55 -3.10
N SER B 228 22.87 -1.11 -1.93
CA SER B 228 22.23 0.01 -1.25
C SER B 228 23.23 0.61 -0.27
N PHE B 229 22.85 1.73 0.31
CA PHE B 229 23.65 2.39 1.32
C PHE B 229 22.74 3.20 2.22
N GLY B 230 23.22 3.50 3.43
CA GLY B 230 22.44 4.27 4.38
C GLY B 230 23.30 4.85 5.46
N LEU B 231 22.70 5.73 6.26
CA LEU B 231 23.39 6.47 7.29
C LEU B 231 22.68 6.32 8.63
N GLY B 232 23.46 6.13 9.69
CA GLY B 232 22.94 6.08 11.04
C GLY B 232 23.99 6.43 12.06
N GLY B 233 23.68 7.40 12.94
CA GLY B 233 24.67 7.85 13.91
C GLY B 233 25.91 8.37 13.22
N ARG B 234 27.07 7.87 13.65
CA ARG B 234 28.35 8.21 13.03
C ARG B 234 28.77 7.20 11.98
N PHE B 235 27.85 6.36 11.50
CA PHE B 235 28.19 5.22 10.67
C PHE B 235 27.63 5.37 9.26
N LEU B 236 28.44 4.98 8.28
CA LEU B 236 28.00 4.84 6.89
C LEU B 236 27.93 3.35 6.56
N PHE B 237 26.82 2.93 5.97
CA PHE B 237 26.59 1.53 5.65
C PHE B 237 26.43 1.37 4.15
N ALA B 238 26.92 0.24 3.64
CA ALA B 238 26.76 -0.09 2.23
C ALA B 238 26.56 -1.59 2.08
N SER B 239 25.54 -1.98 1.31
CA SER B 239 25.33 -3.37 0.95
C SER B 239 26.06 -3.64 -0.38
N VAL B 240 26.94 -4.63 -0.38
CA VAL B 240 27.82 -4.88 -1.52
C VAL B 240 27.53 -6.27 -2.09
N MET B 241 27.45 -6.34 -3.41
CA MET B 241 27.21 -7.60 -4.11
C MET B 241 28.56 -8.21 -4.50
N ALA B 242 28.85 -9.40 -3.99
CA ALA B 242 30.10 -10.08 -4.29
C ALA B 242 30.00 -10.84 -5.62
N THR B 246 27.18 -12.17 -6.20
CA THR B 246 25.98 -13.00 -6.16
C THR B 246 25.37 -13.03 -4.77
N THR B 247 26.17 -12.70 -3.75
CA THR B 247 25.69 -12.58 -2.40
C THR B 247 26.03 -11.21 -1.83
N ARG B 248 25.25 -10.79 -0.85
CA ARG B 248 25.35 -9.44 -0.28
C ARG B 248 26.03 -9.47 1.09
N ARG B 249 26.93 -8.51 1.31
CA ARG B 249 27.61 -8.35 2.58
C ARG B 249 27.56 -6.88 2.99
N ILE B 250 27.66 -6.64 4.29
CA ILE B 250 27.51 -5.31 4.86
C ILE B 250 28.87 -4.76 5.21
N HIS B 251 29.12 -3.51 4.83
CA HIS B 251 30.38 -2.83 5.12
C HIS B 251 30.08 -1.54 5.87
N VAL B 252 30.96 -1.19 6.81
CA VAL B 252 30.75 -0.04 7.70
C VAL B 252 31.94 0.90 7.57
N SER B 253 31.66 2.19 7.63
CA SER B 253 32.70 3.21 7.63
C SER B 253 32.37 4.28 8.65
N THR B 254 33.36 4.68 9.44
CA THR B 254 33.23 5.80 10.36
C THR B 254 34.08 6.99 9.94
N ASP B 255 34.63 6.98 8.74
CA ASP B 255 35.40 8.09 8.20
C ASP B 255 34.87 8.50 6.82
N GLN B 256 33.54 8.42 6.66
CA GLN B 256 32.84 8.91 5.47
C GLN B 256 33.27 8.16 4.20
N GLY B 257 33.68 6.90 4.34
CA GLY B 257 33.97 6.08 3.20
C GLY B 257 35.43 6.00 2.80
N ASP B 258 36.33 6.67 3.51
CA ASP B 258 37.75 6.55 3.19
C ASP B 258 38.24 5.12 3.42
N THR B 259 37.77 4.48 4.50
CA THR B 259 38.09 3.09 4.79
C THR B 259 36.81 2.36 5.18
N TRP B 260 36.71 1.11 4.76
CA TRP B 260 35.58 0.26 5.08
C TRP B 260 36.05 -0.98 5.81
N SER B 261 35.16 -1.55 6.63
CA SER B 261 35.37 -2.85 7.23
C SER B 261 34.07 -3.62 7.17
N MET B 262 34.17 -4.89 6.80
CA MET B 262 32.97 -5.73 6.72
C MET B 262 32.39 -5.97 8.10
N ALA B 263 31.07 -5.88 8.20
CA ALA B 263 30.39 -6.20 9.45
C ALA B 263 30.67 -7.64 9.84
N GLN B 264 31.04 -7.84 11.10
CA GLN B 264 31.41 -9.15 11.62
C GLN B 264 30.28 -9.66 12.49
N LEU B 265 29.51 -10.59 11.96
CA LEU B 265 28.42 -11.17 12.72
C LEU B 265 28.72 -12.64 12.99
N PRO B 266 28.47 -13.12 14.21
CA PRO B 266 28.74 -14.53 14.53
C PRO B 266 27.79 -15.44 13.75
N SER B 267 28.38 -16.30 12.93
CA SER B 267 27.64 -17.22 12.07
C SER B 267 26.67 -16.48 11.14
N GLN B 270 25.77 -8.33 7.42
CA GLN B 270 26.30 -9.03 6.26
C GLN B 270 25.45 -10.25 5.91
N GLU B 271 24.30 -10.00 5.30
CA GLU B 271 23.44 -11.07 4.79
C GLU B 271 22.52 -10.48 3.74
N GLN B 272 21.55 -11.28 3.28
CA GLN B 272 20.73 -10.88 2.14
C GLN B 272 19.91 -9.63 2.45
N PHE B 273 19.17 -9.64 3.55
CA PHE B 273 18.48 -8.44 4.03
C PHE B 273 19.11 -7.99 5.33
N TYR B 274 19.44 -6.71 5.41
CA TYR B 274 19.88 -6.09 6.64
C TYR B 274 19.07 -4.81 6.83
N SER B 275 19.12 -4.28 8.04
CA SER B 275 18.46 -3.01 8.32
C SER B 275 19.11 -2.39 9.54
N ILE B 276 19.30 -1.08 9.51
CA ILE B 276 19.79 -0.34 10.67
C ILE B 276 18.56 0.09 11.43
N LEU B 277 18.32 -0.53 12.59
CA LEU B 277 17.15 -0.17 13.39
C LEU B 277 17.35 1.19 14.04
N ALA B 278 18.58 1.46 14.49
CA ALA B 278 18.93 2.71 15.15
C ALA B 278 20.45 2.72 15.32
N ALA B 279 21.00 3.92 15.43
CA ALA B 279 22.42 4.08 15.66
C ALA B 279 22.68 5.49 16.16
N ASN B 280 23.58 5.61 17.13
CA ASN B 280 24.01 6.91 17.62
C ASN B 280 25.52 7.00 17.54
N GLU B 281 26.13 7.79 18.43
CA GLU B 281 27.58 7.89 18.47
C GLU B 281 28.24 6.71 19.17
N ASP B 282 27.47 5.87 19.84
CA ASP B 282 28.02 4.82 20.69
C ASP B 282 27.82 3.40 20.19
N MET B 283 26.80 3.12 19.38
CA MET B 283 26.51 1.74 19.04
C MET B 283 25.53 1.68 17.87
N VAL B 284 25.32 0.45 17.37
CA VAL B 284 24.45 0.18 16.24
C VAL B 284 23.49 -0.93 16.63
N PHE B 285 22.21 -0.76 16.32
CA PHE B 285 21.25 -1.86 16.30
C PHE B 285 21.08 -2.30 14.86
N MET B 286 21.38 -3.56 14.57
CA MET B 286 21.26 -4.11 13.22
C MET B 286 20.32 -5.31 13.21
N HIS B 287 19.38 -5.31 12.28
CA HIS B 287 18.48 -6.43 12.05
C HIS B 287 18.96 -7.22 10.83
N VAL B 288 19.04 -8.54 10.98
CA VAL B 288 19.49 -9.43 9.91
C VAL B 288 18.45 -10.52 9.72
N ASP B 289 17.99 -10.70 8.48
CA ASP B 289 16.93 -11.67 8.21
C ASP B 289 17.42 -13.10 8.40
N GLU B 290 16.56 -13.93 8.98
CA GLU B 290 16.86 -15.34 9.19
C GLU B 290 17.03 -16.05 7.84
N PRO B 291 17.80 -17.16 7.81
CA PRO B 291 17.96 -17.91 6.56
C PRO B 291 16.63 -18.32 5.96
N GLY B 292 16.60 -18.58 4.66
CA GLY B 292 15.32 -18.76 4.01
C GLY B 292 14.62 -17.42 3.90
N ASP B 293 13.30 -17.42 4.04
CA ASP B 293 12.59 -16.14 4.00
C ASP B 293 11.33 -16.27 4.87
N THR B 294 11.51 -16.06 6.17
CA THR B 294 10.40 -16.09 7.11
C THR B 294 10.16 -14.68 7.64
N GLY B 295 9.12 -14.53 8.45
CA GLY B 295 8.74 -13.23 8.96
C GLY B 295 9.56 -12.68 10.10
N PHE B 296 10.70 -13.28 10.45
CA PHE B 296 11.49 -12.79 11.56
C PHE B 296 12.98 -12.86 11.26
N GLY B 297 13.74 -12.06 12.01
CA GLY B 297 15.18 -11.99 11.91
C GLY B 297 15.84 -11.90 13.27
N THR B 298 17.06 -11.36 13.34
CA THR B 298 17.79 -11.25 14.59
C THR B 298 18.39 -9.85 14.73
N ILE B 299 18.28 -9.29 15.93
CA ILE B 299 18.88 -7.99 16.25
C ILE B 299 20.30 -8.23 16.76
N PHE B 300 21.26 -7.53 16.15
CA PHE B 300 22.65 -7.53 16.61
C PHE B 300 23.04 -6.13 17.04
N THR B 301 23.95 -6.04 18.01
CA THR B 301 24.47 -4.77 18.47
C THR B 301 25.99 -4.75 18.32
N SER B 302 26.52 -3.56 18.03
CA SER B 302 27.95 -3.37 17.87
C SER B 302 28.48 -2.43 18.93
N ASP B 303 29.81 -2.32 19.00
CA ASP B 303 30.49 -1.30 19.79
C ASP B 303 30.47 0.02 19.02
N ASP B 304 31.22 1.02 19.48
CA ASP B 304 31.22 2.32 18.83
C ASP B 304 31.97 2.32 17.51
N ARG B 305 32.60 1.20 17.12
CA ARG B 305 33.22 1.11 15.82
C ARG B 305 32.30 0.54 14.75
N GLY B 306 31.16 -0.03 15.14
CA GLY B 306 30.20 -0.56 14.20
C GLY B 306 30.62 -1.81 13.47
N ILE B 307 31.67 -2.49 13.90
CA ILE B 307 32.24 -3.61 13.15
C ILE B 307 31.90 -4.95 13.79
N VAL B 308 32.14 -5.08 15.09
CA VAL B 308 31.99 -6.36 15.79
C VAL B 308 30.61 -6.41 16.43
N TYR B 309 29.83 -7.40 16.05
CA TYR B 309 28.44 -7.52 16.49
C TYR B 309 28.26 -8.75 17.37
N SER B 310 27.22 -8.70 18.21
CA SER B 310 26.84 -9.81 19.05
C SER B 310 25.33 -9.95 19.03
N LYS B 311 24.87 -11.18 19.20
CA LYS B 311 23.44 -11.48 19.16
C LYS B 311 22.74 -10.81 20.34
N SER B 312 21.67 -10.09 20.05
CA SER B 312 20.93 -9.35 21.08
C SER B 312 19.51 -9.85 21.28
N LEU B 313 18.77 -10.12 20.20
CA LEU B 313 17.38 -10.54 20.31
C LEU B 313 17.01 -11.40 19.11
N ASP B 314 16.45 -12.58 19.39
CA ASP B 314 16.05 -13.53 18.36
C ASP B 314 14.60 -13.31 17.94
N ARG B 315 14.30 -13.76 16.72
CA ARG B 315 12.92 -13.84 16.21
C ARG B 315 12.26 -12.47 16.15
N HIS B 316 13.01 -11.49 15.68
CA HIS B 316 12.53 -10.12 15.57
C HIS B 316 11.66 -9.97 14.33
N LEU B 317 10.40 -9.59 14.51
CA LEU B 317 9.45 -9.56 13.40
C LEU B 317 9.72 -8.39 12.46
N TYR B 318 9.54 -8.64 11.17
CA TYR B 318 9.72 -7.61 10.15
C TYR B 318 8.77 -7.89 8.98
N THR B 319 8.34 -6.82 8.30
CA THR B 319 7.48 -6.96 7.14
C THR B 319 8.33 -7.30 5.92
N THR B 320 8.02 -8.42 5.26
CA THR B 320 8.87 -8.89 4.18
C THR B 320 8.93 -7.91 3.03
N THR B 321 7.89 -7.10 2.85
CA THR B 321 7.81 -6.10 1.79
C THR B 321 8.00 -4.72 2.40
N GLY B 322 9.26 -4.30 2.52
CA GLY B 322 9.61 -3.00 3.07
C GLY B 322 10.53 -3.04 4.27
N GLY B 323 10.60 -4.17 4.98
CA GLY B 323 11.53 -4.30 6.08
C GLY B 323 11.18 -3.57 7.35
N GLU B 324 9.95 -3.10 7.51
CA GLU B 324 9.59 -2.38 8.74
C GLU B 324 9.52 -3.34 9.92
N THR B 325 9.88 -2.84 11.08
CA THR B 325 9.79 -3.57 12.34
C THR B 325 9.11 -2.70 13.38
N ASP B 326 8.79 -3.30 14.52
CA ASP B 326 8.20 -2.55 15.63
C ASP B 326 9.23 -1.85 16.50
N PHE B 327 10.50 -1.81 16.06
CA PHE B 327 11.57 -1.28 16.90
C PHE B 327 11.29 0.17 17.27
N THR B 328 11.26 0.45 18.57
CA THR B 328 10.88 1.75 19.08
C THR B 328 11.89 2.22 20.11
N ASN B 329 12.52 3.36 19.85
CA ASN B 329 13.35 4.02 20.85
C ASN B 329 12.44 4.75 21.82
N VAL B 330 12.46 4.35 23.09
CA VAL B 330 11.70 5.05 24.12
C VAL B 330 12.52 6.26 24.53
N THR B 331 12.37 7.35 23.78
CA THR B 331 13.21 8.54 23.95
C THR B 331 13.00 9.24 25.29
N SER B 332 11.99 8.87 26.08
CA SER B 332 11.71 9.51 27.34
C SER B 332 12.39 8.83 28.53
N LEU B 333 13.22 7.82 28.28
CA LEU B 333 13.96 7.15 29.34
C LEU B 333 15.21 6.53 28.73
N ARG B 334 16.37 6.91 29.26
CA ARG B 334 17.64 6.49 28.68
C ARG B 334 17.78 4.97 28.70
N GLY B 335 18.23 4.41 27.58
CA GLY B 335 18.53 3.00 27.46
C GLY B 335 17.36 2.08 27.18
N VAL B 336 16.15 2.61 26.95
CA VAL B 336 14.95 1.80 26.84
C VAL B 336 14.54 1.71 25.37
N TYR B 337 14.29 0.47 24.91
CA TYR B 337 13.83 0.21 23.56
C TYR B 337 12.78 -0.89 23.60
N ILE B 338 11.78 -0.78 22.73
CA ILE B 338 10.70 -1.75 22.63
C ILE B 338 10.60 -2.24 21.20
N THR B 339 10.30 -3.52 21.02
CA THR B 339 10.01 -4.09 19.71
C THR B 339 9.19 -5.35 19.87
N SER B 340 8.84 -5.97 18.75
CA SER B 340 7.98 -7.14 18.73
C SER B 340 8.75 -8.35 18.23
N THR B 341 8.50 -9.51 18.86
CA THR B 341 9.09 -10.76 18.43
C THR B 341 8.02 -11.82 18.30
N LEU B 342 8.41 -12.93 17.68
CA LEU B 342 7.54 -14.09 17.48
C LEU B 342 7.94 -15.13 18.52
N SER B 343 7.02 -15.45 19.43
CA SER B 343 7.32 -16.45 20.44
C SER B 343 7.42 -17.84 19.81
N GLU B 344 7.65 -18.85 20.65
CA GLU B 344 7.84 -20.20 20.14
C GLU B 344 6.56 -20.76 19.52
N ASP B 345 5.40 -20.37 20.05
CA ASP B 345 4.12 -20.79 19.51
C ASP B 345 3.57 -19.80 18.47
N ASN B 346 4.43 -18.95 17.90
CA ASN B 346 4.05 -18.01 16.86
C ASN B 346 3.03 -16.99 17.35
N SER B 347 3.06 -16.69 18.64
CA SER B 347 2.36 -15.53 19.16
C SER B 347 3.24 -14.30 19.03
N ILE B 348 2.62 -13.16 18.77
CA ILE B 348 3.35 -11.90 18.80
C ILE B 348 3.48 -11.46 20.25
N GLN B 349 4.64 -10.89 20.58
CA GLN B 349 4.88 -10.39 21.92
C GLN B 349 5.77 -9.17 21.84
N SER B 350 5.54 -8.23 22.75
CA SER B 350 6.39 -7.05 22.87
C SER B 350 7.51 -7.34 23.86
N MET B 351 8.75 -7.07 23.45
CA MET B 351 9.90 -7.18 24.33
C MET B 351 10.42 -5.79 24.62
N ILE B 352 11.06 -5.64 25.78
CA ILE B 352 11.58 -4.35 26.22
C ILE B 352 12.96 -4.56 26.83
N THR B 353 13.88 -3.65 26.52
CA THR B 353 15.20 -3.63 27.11
C THR B 353 15.38 -2.32 27.86
N PHE B 354 16.00 -2.40 29.04
CA PHE B 354 16.33 -1.23 29.81
C PHE B 354 17.83 -0.95 29.83
N ASP B 355 18.63 -1.75 29.13
CA ASP B 355 20.08 -1.60 29.09
C ASP B 355 20.59 -1.64 27.67
N GLN B 356 19.88 -1.00 26.75
CA GLN B 356 20.39 -0.70 25.41
C GLN B 356 20.73 -1.97 24.62
N GLY B 357 19.88 -3.00 24.76
CA GLY B 357 20.04 -4.22 24.01
C GLY B 357 20.80 -5.32 24.72
N GLY B 358 21.36 -5.04 25.90
CA GLY B 358 22.05 -6.10 26.64
C GLY B 358 21.13 -7.26 26.97
N ARG B 359 19.99 -6.96 27.58
CA ARG B 359 19.01 -7.99 27.94
C ARG B 359 17.61 -7.49 27.60
N TRP B 360 16.78 -8.40 27.09
CA TRP B 360 15.40 -8.10 26.75
C TRP B 360 14.47 -8.94 27.61
N GLU B 361 13.34 -8.36 28.00
CA GLU B 361 12.34 -9.06 28.76
C GLU B 361 10.97 -8.84 28.12
N HIS B 362 10.04 -9.74 28.45
CA HIS B 362 8.67 -9.60 27.99
C HIS B 362 8.05 -8.34 28.57
N LEU B 363 7.37 -7.58 27.72
CA LEU B 363 6.62 -6.42 28.19
C LEU B 363 5.53 -6.88 29.15
N ARG B 364 5.40 -6.20 30.28
CA ARG B 364 4.43 -6.62 31.28
C ARG B 364 3.02 -6.20 30.89
N LYS B 365 2.07 -7.12 31.07
CA LYS B 365 0.68 -6.84 30.82
C LYS B 365 0.08 -6.05 31.98
N PRO B 366 -0.92 -5.20 31.71
CA PRO B 366 -1.56 -4.46 32.80
C PRO B 366 -2.20 -5.41 33.80
N GLU B 367 -2.24 -4.98 35.05
CA GLU B 367 -2.85 -5.79 36.10
C GLU B 367 -4.37 -5.68 36.05
N ASN B 368 -5.03 -6.84 36.20
CA ASN B 368 -6.50 -6.91 36.25
C ASN B 368 -7.13 -6.23 35.05
N SER B 369 -6.64 -6.54 33.85
CA SER B 369 -7.21 -5.99 32.64
C SER B 369 -8.61 -6.56 32.41
N LYS B 370 -9.37 -5.89 31.55
CA LYS B 370 -10.64 -6.44 31.12
C LYS B 370 -10.44 -7.75 30.38
N CYS B 371 -9.29 -7.89 29.70
CA CYS B 371 -8.95 -9.16 29.05
C CYS B 371 -8.81 -10.28 30.08
N ASP B 372 -8.20 -9.99 31.23
CA ASP B 372 -8.04 -11.01 32.27
C ASP B 372 -9.39 -11.54 32.76
N ALA B 373 -10.44 -10.73 32.67
CA ALA B 373 -11.75 -11.15 33.13
C ALA B 373 -12.46 -12.08 32.14
N THR B 374 -12.10 -12.03 30.86
CA THR B 374 -12.75 -12.83 29.84
C THR B 374 -11.83 -13.86 29.19
N ALA B 375 -10.53 -13.81 29.46
CA ALA B 375 -9.59 -14.71 28.80
C ALA B 375 -9.82 -16.15 29.26
N LYS B 376 -10.13 -17.03 28.31
CA LYS B 376 -10.21 -18.45 28.57
C LYS B 376 -8.84 -19.13 28.51
N ASN B 377 -7.77 -18.36 28.46
CA ASN B 377 -6.42 -18.90 28.33
C ASN B 377 -5.42 -17.78 28.63
N LYS B 378 -4.31 -18.16 29.26
CA LYS B 378 -3.22 -17.22 29.47
C LYS B 378 -2.52 -16.93 28.15
N ASN B 379 -1.57 -15.98 28.19
CA ASN B 379 -0.85 -15.50 27.01
C ASN B 379 -1.79 -14.78 26.03
N GLU B 380 -3.09 -15.01 26.17
CA GLU B 380 -4.06 -14.27 25.36
C GLU B 380 -4.08 -12.80 25.73
N CYS B 381 -3.73 -12.45 26.97
CA CYS B 381 -3.80 -11.08 27.42
C CYS B 381 -2.45 -10.37 27.36
N SER B 382 -1.48 -10.95 26.66
CA SER B 382 -0.21 -10.26 26.47
C SER B 382 -0.45 -8.95 25.71
N LEU B 383 0.34 -7.94 26.05
CA LEU B 383 0.17 -6.61 25.47
C LEU B 383 1.18 -6.42 24.35
N HIS B 384 0.69 -6.22 23.14
CA HIS B 384 1.52 -5.89 21.99
C HIS B 384 1.46 -4.39 21.75
N ILE B 385 2.61 -3.73 21.80
CA ILE B 385 2.68 -2.29 21.53
C ILE B 385 2.90 -2.10 20.04
N HIS B 386 2.00 -1.34 19.41
CA HIS B 386 1.99 -1.23 17.96
C HIS B 386 2.97 -0.17 17.49
N ALA B 387 3.78 -0.52 16.49
CA ALA B 387 4.67 0.45 15.85
C ALA B 387 4.70 0.20 14.34
N SER B 388 5.87 0.39 13.71
CA SER B 388 5.93 0.37 12.25
C SER B 388 5.62 -1.01 11.66
N TYR B 389 5.87 -2.09 12.41
CA TYR B 389 5.49 -3.40 11.90
C TYR B 389 3.97 -3.55 11.82
N SER B 390 3.27 -3.11 12.86
CA SER B 390 1.80 -3.11 12.79
C SER B 390 1.28 -2.20 11.69
N ILE B 391 1.89 -1.02 11.55
CA ILE B 391 1.41 -0.05 10.55
C ILE B 391 1.60 -0.60 9.14
N SER B 392 2.78 -1.19 8.87
CA SER B 392 3.01 -1.76 7.55
C SER B 392 2.15 -2.99 7.30
N GLN B 393 1.72 -3.69 8.36
CA GLN B 393 0.80 -4.81 8.24
C GLN B 393 -0.65 -4.38 8.13
N LYS B 394 -0.92 -3.09 7.87
CA LYS B 394 -2.25 -2.56 7.61
C LYS B 394 -3.16 -2.61 8.83
N LEU B 395 -2.62 -2.67 10.04
CA LEU B 395 -3.47 -2.59 11.21
C LEU B 395 -3.93 -1.15 11.43
N ASN B 396 -5.02 -1.01 12.16
CA ASN B 396 -5.63 0.29 12.42
C ASN B 396 -4.96 0.95 13.63
N VAL B 397 -3.74 1.42 13.40
CA VAL B 397 -2.99 2.16 14.42
C VAL B 397 -2.56 3.46 13.75
N PRO B 398 -3.22 4.57 14.06
CA PRO B 398 -2.94 5.82 13.34
C PRO B 398 -1.67 6.52 13.77
N MET B 399 -1.02 6.10 14.85
CA MET B 399 0.21 6.74 15.30
CA MET B 399 0.22 6.74 15.29
C MET B 399 1.10 5.71 15.97
N ALA B 400 2.41 5.83 15.72
CA ALA B 400 3.41 5.01 16.37
C ALA B 400 3.50 5.43 17.84
N PRO B 401 4.28 4.73 18.67
CA PRO B 401 4.48 5.19 20.05
C PRO B 401 5.07 6.59 20.08
N LEU B 402 4.60 7.40 21.03
CA LEU B 402 5.02 8.79 21.15
C LEU B 402 5.67 9.02 22.51
N SER B 403 6.85 9.63 22.49
CA SER B 403 7.56 10.01 23.69
C SER B 403 8.52 11.13 23.33
N GLU B 404 9.04 11.81 24.36
CA GLU B 404 10.02 12.86 24.14
C GLU B 404 10.92 12.96 25.38
N PRO B 405 12.21 13.26 25.20
CA PRO B 405 13.12 13.31 26.36
C PRO B 405 12.68 14.26 27.46
N ASN B 406 12.03 15.38 27.13
CA ASN B 406 11.63 16.33 28.16
C ASN B 406 10.55 15.77 29.08
N ALA B 407 9.72 14.84 28.59
CA ALA B 407 8.65 14.26 29.38
C ALA B 407 9.11 12.89 29.88
N VAL B 408 9.92 12.93 30.95
CA VAL B 408 10.65 11.75 31.38
C VAL B 408 9.70 10.62 31.76
N GLY B 409 9.91 9.45 31.16
CA GLY B 409 9.14 8.27 31.48
C GLY B 409 7.81 8.12 30.77
N ILE B 410 7.31 9.17 30.13
CA ILE B 410 5.99 9.13 29.51
C ILE B 410 6.09 8.45 28.15
N VAL B 411 5.25 7.42 27.95
CA VAL B 411 5.08 6.78 26.65
C VAL B 411 3.59 6.63 26.40
N ILE B 412 3.14 7.03 25.22
CA ILE B 412 1.76 6.83 24.79
CA ILE B 412 1.76 6.87 24.77
C ILE B 412 1.79 6.05 23.49
N ALA B 413 0.98 4.99 23.43
CA ALA B 413 1.03 4.11 22.27
C ALA B 413 -0.26 3.32 22.16
N HIS B 414 -0.53 2.87 20.92
CA HIS B 414 -1.59 1.93 20.69
C HIS B 414 -1.14 0.53 21.08
N GLY B 415 -2.05 -0.24 21.66
CA GLY B 415 -1.73 -1.59 22.07
C GLY B 415 -2.93 -2.50 21.89
N SER B 416 -2.64 -3.79 21.72
CA SER B 416 -3.68 -4.80 21.60
C SER B 416 -3.27 -6.03 22.40
N VAL B 417 -4.28 -6.77 22.86
CA VAL B 417 -4.06 -8.07 23.48
C VAL B 417 -4.19 -9.13 22.40
N GLY B 418 -4.21 -10.40 22.80
CA GLY B 418 -4.12 -11.49 21.85
C GLY B 418 -5.43 -11.90 21.22
N ASP B 419 -6.37 -10.96 21.10
CA ASP B 419 -7.66 -11.21 20.47
C ASP B 419 -7.72 -10.53 19.12
N ALA B 420 -8.37 -11.20 18.16
CA ALA B 420 -8.51 -10.63 16.83
C ALA B 420 -9.27 -9.31 16.87
N ILE B 421 -10.26 -9.21 17.78
CA ILE B 421 -11.01 -7.97 17.93
C ILE B 421 -10.13 -6.85 18.43
N SER B 422 -9.27 -7.14 19.41
CA SER B 422 -8.35 -6.13 19.93
C SER B 422 -7.33 -5.72 18.89
N VAL B 423 -6.84 -6.68 18.11
CA VAL B 423 -5.90 -6.34 17.03
C VAL B 423 -6.58 -5.46 15.99
N MET B 424 -7.87 -5.71 15.73
CA MET B 424 -8.58 -4.94 14.73
C MET B 424 -8.87 -3.53 15.22
N VAL B 425 -9.14 -3.36 16.51
CA VAL B 425 -9.40 -2.05 17.09
C VAL B 425 -8.50 -1.87 18.30
N PRO B 426 -7.26 -1.41 18.13
CA PRO B 426 -6.38 -1.22 19.28
C PRO B 426 -6.87 -0.11 20.19
N ASP B 427 -6.39 -0.14 21.42
CA ASP B 427 -6.63 0.90 22.42
C ASP B 427 -5.34 1.68 22.68
N VAL B 428 -5.49 2.79 23.39
CA VAL B 428 -4.35 3.65 23.72
C VAL B 428 -3.90 3.34 25.14
N TYR B 429 -2.64 2.98 25.29
CA TYR B 429 -2.05 2.66 26.57
C TYR B 429 -1.05 3.75 26.98
N ILE B 430 -0.93 3.95 28.29
CA ILE B 430 -0.07 4.98 28.86
C ILE B 430 0.93 4.31 29.79
N SER B 431 2.20 4.66 29.64
CA SER B 431 3.23 4.32 30.61
C SER B 431 3.85 5.60 31.16
N ASP B 432 4.10 5.62 32.47
CA ASP B 432 4.76 6.73 33.13
C ASP B 432 6.16 6.37 33.63
N ASP B 433 6.58 5.13 33.46
CA ASP B 433 7.91 4.68 33.88
C ASP B 433 8.71 4.13 32.70
N GLY B 434 8.54 4.74 31.53
CA GLY B 434 9.34 4.37 30.38
C GLY B 434 9.01 3.04 29.75
N GLY B 435 7.83 2.49 30.01
CA GLY B 435 7.41 1.24 29.41
C GLY B 435 7.46 0.03 30.31
N TYR B 436 7.88 0.19 31.57
CA TYR B 436 7.89 -0.95 32.47
C TYR B 436 6.48 -1.39 32.85
N SER B 437 5.57 -0.44 33.04
CA SER B 437 4.19 -0.73 33.37
C SER B 437 3.26 0.09 32.50
N TRP B 438 2.12 -0.49 32.16
CA TRP B 438 1.19 0.10 31.20
C TRP B 438 -0.23 0.03 31.74
N ALA B 439 -1.02 1.02 31.37
CA ALA B 439 -2.44 1.06 31.71
C ALA B 439 -3.24 1.47 30.50
N LYS B 440 -4.37 0.80 30.27
CA LYS B 440 -5.25 1.16 29.17
C LYS B 440 -6.08 2.37 29.58
N MET B 441 -5.90 3.49 28.88
CA MET B 441 -6.51 4.74 29.27
C MET B 441 -7.59 5.23 28.31
N LEU B 442 -7.55 4.84 27.04
CA LEU B 442 -8.52 5.31 26.06
C LEU B 442 -8.97 4.15 25.19
N GLU B 443 -10.28 4.05 24.99
CA GLU B 443 -10.86 2.98 24.19
C GLU B 443 -10.80 3.36 22.71
N GLY B 444 -10.21 2.48 21.90
CA GLY B 444 -10.16 2.70 20.48
C GLY B 444 -8.96 3.51 20.05
N PRO B 445 -8.69 3.53 18.74
CA PRO B 445 -7.52 4.26 18.24
C PRO B 445 -7.72 5.76 18.31
N HIS B 446 -6.60 6.46 18.54
CA HIS B 446 -6.59 7.90 18.71
C HIS B 446 -5.37 8.51 18.02
N TYR B 447 -5.48 9.79 17.71
CA TYR B 447 -4.32 10.63 17.47
C TYR B 447 -3.98 11.36 18.76
N TYR B 448 -2.70 11.60 18.99
CA TYR B 448 -2.32 12.21 20.26
C TYR B 448 -1.04 13.02 20.10
N THR B 449 -0.89 14.00 20.99
CA THR B 449 0.22 14.92 20.99
C THR B 449 0.58 15.23 22.44
N ILE B 450 1.85 15.53 22.67
CA ILE B 450 2.35 15.95 23.97
C ILE B 450 2.63 17.44 23.91
N LEU B 451 2.16 18.18 24.91
CA LEU B 451 2.44 19.59 25.05
C LEU B 451 3.12 19.85 26.39
N ASP B 452 3.69 21.05 26.51
CA ASP B 452 4.19 21.56 27.77
C ASP B 452 5.19 20.60 28.39
N SER B 453 5.98 19.94 27.54
CA SER B 453 6.98 18.96 28.00
C SER B 453 6.33 17.90 28.89
N GLY B 454 5.14 17.45 28.49
CA GLY B 454 4.42 16.42 29.22
C GLY B 454 3.37 16.94 30.18
N GLY B 455 3.30 18.25 30.41
CA GLY B 455 2.26 18.78 31.28
C GLY B 455 0.86 18.64 30.73
N ILE B 456 0.72 18.50 29.40
CA ILE B 456 -0.57 18.31 28.75
C ILE B 456 -0.41 17.26 27.68
N ILE B 457 -1.26 16.22 27.73
CA ILE B 457 -1.38 15.24 26.67
C ILE B 457 -2.81 15.33 26.14
N VAL B 458 -2.96 15.37 24.82
CA VAL B 458 -4.27 15.47 24.20
C VAL B 458 -4.44 14.32 23.22
N ALA B 459 -5.67 13.82 23.10
CA ALA B 459 -5.98 12.73 22.19
C ALA B 459 -7.32 12.99 21.53
N ILE B 460 -7.44 12.56 20.27
CA ILE B 460 -8.65 12.70 19.48
C ILE B 460 -9.01 11.34 18.89
N GLU B 461 -10.29 10.97 19.02
CA GLU B 461 -10.76 9.69 18.52
CA GLU B 461 -10.74 9.67 18.52
C GLU B 461 -10.57 9.57 17.02
N HIS B 462 -10.16 8.38 16.55
CA HIS B 462 -10.01 8.07 15.14
C HIS B 462 -11.12 7.08 14.77
N SER B 463 -12.08 7.53 13.98
CA SER B 463 -13.22 6.69 13.61
C SER B 463 -13.85 7.25 12.34
N ASN B 464 -14.94 6.61 11.91
CA ASN B 464 -15.66 7.04 10.72
C ASN B 464 -16.63 8.19 11.00
N ARG B 465 -17.03 8.39 12.24
CA ARG B 465 -18.02 9.42 12.51
C ARG B 465 -17.34 10.77 12.72
N PRO B 466 -18.05 11.87 12.48
CA PRO B 466 -17.48 13.18 12.83
C PRO B 466 -17.40 13.31 14.34
N ILE B 467 -16.35 13.99 14.81
CA ILE B 467 -16.07 14.08 16.24
C ILE B 467 -16.10 15.54 16.66
N ASN B 468 -16.28 15.75 17.97
CA ASN B 468 -16.28 17.10 18.53
C ASN B 468 -15.67 17.15 19.92
N VAL B 469 -14.84 16.17 20.29
CA VAL B 469 -14.31 16.04 21.63
C VAL B 469 -12.79 16.09 21.60
N ILE B 470 -12.20 16.87 22.51
CA ILE B 470 -10.78 16.81 22.83
C ILE B 470 -10.65 16.10 24.17
N LYS B 471 -9.83 15.06 24.23
CA LYS B 471 -9.49 14.42 25.49
C LYS B 471 -8.11 14.90 25.90
N PHE B 472 -7.97 15.32 27.16
CA PHE B 472 -6.69 15.82 27.62
C PHE B 472 -6.42 15.36 29.05
N SER B 473 -5.14 15.26 29.38
CA SER B 473 -4.68 14.89 30.71
C SER B 473 -3.56 15.84 31.14
N THR B 474 -3.61 16.26 32.40
CA THR B 474 -2.60 17.14 32.97
C THR B 474 -1.75 16.46 34.02
N ASP B 475 -1.94 15.15 34.24
CA ASP B 475 -1.15 14.39 35.21
C ASP B 475 -0.46 13.21 34.54
N GLU B 476 0.12 13.46 33.36
CA GLU B 476 0.92 12.49 32.62
C GLU B 476 0.10 11.28 32.18
N GLY B 477 -1.20 11.47 31.96
CA GLY B 477 -2.03 10.42 31.39
C GLY B 477 -2.80 9.59 32.38
N GLN B 478 -2.78 9.93 33.67
CA GLN B 478 -3.47 9.12 34.66
C GLN B 478 -4.96 9.44 34.74
N CYS B 479 -5.32 10.72 34.56
CA CYS B 479 -6.71 11.15 34.58
C CYS B 479 -7.01 11.91 33.31
N TRP B 480 -8.18 11.66 32.73
CA TRP B 480 -8.55 12.26 31.46
C TRP B 480 -9.87 12.99 31.57
N GLN B 481 -9.97 14.10 30.83
CA GLN B 481 -11.18 14.89 30.74
C GLN B 481 -11.51 15.09 29.26
N SER B 482 -12.80 15.28 28.99
CA SER B 482 -13.29 15.48 27.63
C SER B 482 -13.80 16.90 27.47
N TYR B 483 -13.32 17.58 26.45
CA TYR B 483 -13.74 18.95 26.14
C TYR B 483 -14.45 18.95 24.80
N VAL B 484 -15.73 19.31 24.81
CA VAL B 484 -16.52 19.47 23.60
C VAL B 484 -16.15 20.82 23.00
N PHE B 485 -15.36 20.81 21.93
CA PHE B 485 -14.84 22.05 21.38
C PHE B 485 -15.73 22.65 20.29
N THR B 486 -16.77 21.94 19.85
CA THR B 486 -17.70 22.51 18.89
C THR B 486 -19.03 21.78 19.01
N GLN B 487 -20.09 22.47 18.59
CA GLN B 487 -21.41 21.86 18.48
C GLN B 487 -21.66 21.28 17.09
N GLU B 488 -20.75 21.48 16.16
CA GLU B 488 -20.83 20.93 14.80
C GLU B 488 -19.70 19.95 14.58
N PRO B 489 -19.92 18.65 14.76
CA PRO B 489 -18.83 17.68 14.65
C PRO B 489 -18.17 17.73 13.27
N ILE B 490 -16.88 17.40 13.25
CA ILE B 490 -16.07 17.47 12.05
C ILE B 490 -15.45 16.10 11.78
N TYR B 491 -15.36 15.72 10.52
CA TYR B 491 -14.55 14.57 10.14
C TYR B 491 -13.09 14.95 10.36
N PHE B 492 -12.46 14.31 11.34
CA PHE B 492 -11.13 14.71 11.76
C PHE B 492 -10.10 14.51 10.65
N THR B 493 -9.23 15.49 10.48
CA THR B 493 -8.16 15.41 9.49
C THR B 493 -6.78 15.56 10.10
N GLY B 494 -6.59 16.46 11.05
CA GLY B 494 -5.25 16.70 11.56
C GLY B 494 -5.23 17.33 12.92
N LEU B 495 -4.10 17.13 13.59
CA LEU B 495 -3.83 17.68 14.91
C LEU B 495 -2.41 18.22 14.89
N ALA B 496 -2.24 19.50 15.20
CA ALA B 496 -0.93 20.14 15.11
C ALA B 496 -0.74 21.06 16.31
N SER B 497 0.40 20.93 16.96
CA SER B 497 0.71 21.71 18.15
C SER B 497 1.77 22.76 17.85
N GLU B 498 1.66 23.90 18.51
CA GLU B 498 2.71 24.90 18.43
C GLU B 498 3.96 24.36 19.11
N PRO B 499 5.13 24.47 18.47
CA PRO B 499 6.34 23.96 19.09
C PRO B 499 6.77 24.83 20.27
N GLY B 500 7.63 24.27 21.11
CA GLY B 500 8.10 24.94 22.30
C GLY B 500 8.00 24.08 23.54
N ALA B 501 8.95 24.26 24.46
CA ALA B 501 9.01 23.45 25.67
C ALA B 501 7.83 23.72 26.60
N ARG B 502 7.26 24.92 26.57
CA ARG B 502 6.14 25.30 27.41
C ARG B 502 4.87 25.50 26.60
N SER B 503 4.70 24.67 25.56
CA SER B 503 3.61 24.87 24.62
C SER B 503 2.25 24.66 25.27
N MET B 504 1.29 25.49 24.85
CA MET B 504 -0.09 25.40 25.31
C MET B 504 -1.11 25.37 24.17
N ASN B 505 -0.69 25.63 22.94
CA ASN B 505 -1.61 25.85 21.83
C ASN B 505 -1.63 24.64 20.91
N ILE B 506 -2.82 24.30 20.42
CA ILE B 506 -3.00 23.18 19.51
CA ILE B 506 -3.02 23.16 19.54
C ILE B 506 -4.10 23.52 18.52
N SER B 507 -3.92 23.09 17.28
CA SER B 507 -4.89 23.30 16.23
C SER B 507 -5.43 21.96 15.75
N ILE B 508 -6.75 21.86 15.67
CA ILE B 508 -7.44 20.73 15.04
C ILE B 508 -8.07 21.25 13.76
N TRP B 509 -8.00 20.46 12.70
CA TRP B 509 -8.70 20.83 11.49
C TRP B 509 -9.37 19.62 10.88
N GLY B 510 -10.42 19.89 10.12
CA GLY B 510 -11.23 18.84 9.53
C GLY B 510 -12.34 19.50 8.74
N PHE B 511 -13.40 18.74 8.46
CA PHE B 511 -14.44 19.28 7.60
C PHE B 511 -15.79 18.72 7.99
N THR B 512 -16.83 19.51 7.71
CA THR B 512 -18.20 19.03 7.70
C THR B 512 -18.57 18.67 6.27
N GLU B 513 -19.53 17.75 6.14
CA GLU B 513 -19.99 17.33 4.82
C GLU B 513 -21.47 16.98 4.94
N SER B 514 -22.30 18.01 5.15
CA SER B 514 -23.74 17.79 5.27
C SER B 514 -24.31 17.25 3.97
N PHE B 515 -23.81 17.72 2.83
CA PHE B 515 -24.10 17.11 1.54
C PHE B 515 -22.81 16.65 0.90
N ILE B 516 -22.63 16.86 -0.40
CA ILE B 516 -21.46 16.30 -1.07
C ILE B 516 -20.21 17.16 -0.93
N THR B 517 -20.36 18.46 -0.65
CA THR B 517 -19.21 19.36 -0.62
C THR B 517 -18.66 19.49 0.80
N ARG B 518 -17.34 19.43 0.92
CA ARG B 518 -16.66 19.58 2.20
C ARG B 518 -16.46 21.04 2.55
N GLN B 519 -16.79 21.40 3.79
CA GLN B 519 -16.48 22.72 4.34
C GLN B 519 -15.41 22.54 5.42
N TRP B 520 -14.22 23.06 5.18
CA TRP B 520 -13.11 22.90 6.09
C TRP B 520 -13.14 23.94 7.20
N VAL B 521 -12.63 23.56 8.36
CA VAL B 521 -12.64 24.41 9.53
C VAL B 521 -11.46 24.02 10.44
N SER B 522 -10.90 25.02 11.12
CA SER B 522 -9.85 24.79 12.09
C SER B 522 -10.30 25.29 13.47
N TYR B 523 -9.84 24.59 14.51
CA TYR B 523 -10.08 24.99 15.89
C TYR B 523 -8.74 25.03 16.60
N THR B 524 -8.40 26.20 17.16
CA THR B 524 -7.17 26.37 17.93
C THR B 524 -7.54 26.56 19.39
N VAL B 525 -6.99 25.71 20.25
CA VAL B 525 -7.31 25.69 21.67
C VAL B 525 -6.07 26.08 22.46
N ASP B 526 -6.23 27.01 23.39
CA ASP B 526 -5.18 27.46 24.29
C ASP B 526 -5.47 26.93 25.69
N PHE B 527 -4.54 26.13 26.22
CA PHE B 527 -4.67 25.53 27.54
C PHE B 527 -4.06 26.38 28.65
N LYS B 528 -3.83 27.66 28.41
CA LYS B 528 -3.11 28.50 29.36
C LYS B 528 -3.80 28.55 30.72
N ASP B 529 -5.13 28.65 30.74
CA ASP B 529 -5.87 28.84 31.98
C ASP B 529 -6.00 27.57 32.82
N ILE B 530 -5.79 26.39 32.24
CA ILE B 530 -5.99 25.14 32.99
C ILE B 530 -4.91 24.96 34.05
N LEU B 531 -3.64 25.13 33.67
CA LEU B 531 -2.53 24.94 34.60
C LEU B 531 -2.15 26.28 35.22
N GLU B 532 -2.99 26.72 36.16
CA GLU B 532 -2.84 28.05 36.75
C GLU B 532 -1.69 28.08 37.76
N ARG B 533 -1.75 27.24 38.78
CA ARG B 533 -0.74 27.23 39.84
C ARG B 533 0.46 26.36 39.45
N ASN B 534 1.58 26.62 40.11
CA ASN B 534 2.79 25.84 39.93
C ASN B 534 2.81 24.70 40.96
N CYS B 535 3.24 23.53 40.51
CA CYS B 535 3.24 22.35 41.38
C CYS B 535 4.21 22.54 42.55
N GLU B 536 3.77 22.10 43.73
CA GLU B 536 4.60 22.11 44.93
C GLU B 536 5.10 20.69 45.23
N GLU B 537 5.75 20.53 46.38
CA GLU B 537 6.39 19.25 46.71
C GLU B 537 5.39 18.13 46.88
N ASP B 538 4.23 18.39 47.48
CA ASP B 538 3.24 17.33 47.66
C ASP B 538 2.47 17.00 46.40
N ASP B 539 2.80 17.62 45.27
CA ASP B 539 2.18 17.28 43.99
C ASP B 539 2.95 16.20 43.25
N TYR B 540 4.15 15.85 43.71
CA TYR B 540 4.99 14.85 43.07
C TYR B 540 5.14 13.63 43.97
N THR B 541 5.45 12.51 43.33
CA THR B 541 6.05 11.36 43.98
C THR B 541 7.36 11.06 43.26
N THR B 542 8.12 10.12 43.82
CA THR B 542 9.40 9.77 43.24
C THR B 542 9.38 8.33 42.76
N TRP B 543 10.19 8.06 41.73
CA TRP B 543 10.28 6.72 41.20
C TRP B 543 11.69 6.51 40.66
N LEU B 544 12.09 5.24 40.60
CA LEU B 544 13.38 4.85 40.07
C LEU B 544 13.14 3.99 38.83
N ALA B 545 14.02 4.13 37.85
CA ALA B 545 13.87 3.33 36.63
C ALA B 545 14.06 1.85 36.96
N HIS B 546 13.41 1.01 36.17
CA HIS B 546 13.45 -0.43 36.42
C HIS B 546 14.82 -1.01 36.11
N SER B 547 15.28 -1.91 36.98
CA SER B 547 16.51 -2.67 36.78
C SER B 547 16.16 -4.15 36.79
N THR B 548 16.76 -4.91 35.87
CA THR B 548 16.48 -6.34 35.77
C THR B 548 17.31 -7.18 36.72
N ASP B 549 18.34 -6.62 37.33
CA ASP B 549 19.14 -7.28 38.36
C ASP B 549 18.61 -6.96 39.75
N PRO B 550 18.48 -7.99 40.60
CA PRO B 550 17.83 -7.79 41.90
C PRO B 550 18.73 -7.09 42.90
N GLY B 551 18.08 -6.44 43.87
CA GLY B 551 18.81 -5.71 44.89
C GLY B 551 18.43 -4.25 45.01
N ASP B 552 18.28 -3.77 46.24
CA ASP B 552 18.01 -2.36 46.47
C ASP B 552 19.15 -1.48 45.95
N TYR B 553 20.38 -1.97 46.01
CA TYR B 553 21.52 -1.20 45.51
C TYR B 553 21.50 -1.02 44.00
N LYS B 554 20.65 -1.75 43.28
CA LYS B 554 20.58 -1.65 41.84
C LYS B 554 19.32 -0.96 41.32
N ASP B 555 18.41 -0.56 42.20
CA ASP B 555 17.21 0.16 41.78
C ASP B 555 17.58 1.57 41.31
N GLY B 556 17.03 1.98 40.18
CA GLY B 556 17.30 3.28 39.63
C GLY B 556 18.58 3.40 38.83
N CYS B 557 19.32 2.31 38.65
CA CYS B 557 20.57 2.36 37.90
C CYS B 557 20.25 2.25 36.41
N ILE B 558 20.66 3.26 35.64
CA ILE B 558 20.53 3.25 34.19
C ILE B 558 21.93 3.33 33.62
N LEU B 559 22.38 2.23 33.01
CA LEU B 559 23.69 2.15 32.38
C LEU B 559 24.78 2.64 33.34
N GLY B 560 24.73 2.12 34.57
CA GLY B 560 25.72 2.41 35.57
C GLY B 560 25.49 3.67 36.38
N TYR B 561 24.51 4.49 36.02
CA TYR B 561 24.22 5.74 36.72
C TYR B 561 22.90 5.61 37.46
N LYS B 562 22.93 5.76 38.78
CA LYS B 562 21.70 5.80 39.56
C LYS B 562 21.15 7.22 39.57
N GLU B 563 19.83 7.32 39.36
CA GLU B 563 19.17 8.61 39.25
C GLU B 563 17.75 8.46 39.78
N GLN B 564 17.13 9.59 40.09
CA GLN B 564 15.82 9.62 40.70
C GLN B 564 14.93 10.58 39.93
N PHE B 565 13.68 10.18 39.69
CA PHE B 565 12.75 10.94 38.90
C PHE B 565 11.52 11.30 39.72
N LEU B 566 10.84 12.36 39.31
CA LEU B 566 9.56 12.75 39.88
C LEU B 566 8.44 12.30 38.93
N ARG B 567 7.22 12.40 39.44
CA ARG B 567 6.03 12.11 38.64
C ARG B 567 4.86 12.85 39.26
N LEU B 568 4.08 13.53 38.44
CA LEU B 568 2.92 14.24 38.96
C LEU B 568 1.96 13.26 39.62
N ARG B 569 1.46 13.65 40.80
CA ARG B 569 0.47 12.84 41.48
C ARG B 569 -0.80 12.77 40.63
N LYS B 570 -1.50 11.64 40.75
CA LYS B 570 -2.78 11.46 40.06
C LYS B 570 -3.73 12.60 40.41
N SER B 571 -4.41 13.13 39.39
CA SER B 571 -5.39 14.23 39.45
C SER B 571 -4.73 15.59 39.63
N SER B 572 -3.42 15.71 39.49
CA SER B 572 -2.75 17.01 39.57
C SER B 572 -3.20 17.93 38.45
N VAL B 573 -3.40 19.21 38.79
CA VAL B 573 -3.66 20.26 37.80
C VAL B 573 -2.76 21.45 38.08
N CYS B 574 -1.48 21.34 37.73
CA CYS B 574 -0.53 22.41 38.02
C CYS B 574 0.60 22.39 37.01
N GLN B 575 1.25 23.56 36.85
CA GLN B 575 2.35 23.74 35.94
C GLN B 575 3.68 23.55 36.67
N ASN B 576 4.78 23.99 36.06
CA ASN B 576 6.11 23.89 36.65
C ASN B 576 6.47 22.44 36.97
N GLY B 577 6.10 21.54 36.07
CA GLY B 577 6.57 20.17 36.15
C GLY B 577 8.09 20.15 36.08
N ARG B 578 8.73 20.27 37.25
CA ARG B 578 10.18 20.44 37.31
C ARG B 578 10.90 19.39 36.49
N ASP B 579 12.07 19.76 35.99
CA ASP B 579 12.91 18.81 35.27
C ASP B 579 13.32 17.69 36.21
N TYR B 580 13.02 16.46 35.83
CA TYR B 580 13.14 15.31 36.71
C TYR B 580 14.61 14.98 36.99
N VAL B 581 15.05 15.27 38.20
CA VAL B 581 16.42 14.99 38.62
C VAL B 581 16.45 14.38 40.03
N GLN B 585 21.81 14.61 41.88
CA GLN B 585 23.25 14.42 41.86
C GLN B 585 23.60 13.02 41.35
N PRO B 586 24.48 12.96 40.34
CA PRO B 586 24.81 11.66 39.75
C PRO B 586 25.59 10.78 40.72
N SER B 587 25.25 9.50 40.70
CA SER B 587 25.92 8.49 41.51
C SER B 587 26.09 7.22 40.68
N VAL B 588 27.20 6.53 40.89
CA VAL B 588 27.52 5.35 40.09
C VAL B 588 27.13 4.10 40.87
N CYS B 589 26.82 3.05 40.12
CA CYS B 589 26.37 1.77 40.65
C CYS B 589 27.47 0.72 40.51
N PRO B 590 27.44 -0.35 41.30
CA PRO B 590 28.33 -1.47 41.05
C PRO B 590 27.92 -2.19 39.77
N CYS B 591 28.87 -2.89 39.17
CA CYS B 591 28.59 -3.60 37.94
C CYS B 591 27.90 -4.92 38.21
N SER B 592 26.90 -5.22 37.37
CA SER B 592 26.21 -6.50 37.41
CA SER B 592 26.22 -6.51 37.41
C SER B 592 26.00 -6.94 35.97
N LEU B 593 25.24 -8.02 35.80
CA LEU B 593 25.06 -8.59 34.47
C LEU B 593 24.38 -7.60 33.52
N GLU B 594 23.42 -6.82 34.04
CA GLU B 594 22.66 -5.90 33.19
C GLU B 594 23.54 -4.81 32.56
N ASP B 595 24.77 -4.64 33.02
CA ASP B 595 25.67 -3.63 32.48
C ASP B 595 26.50 -4.14 31.31
N PHE B 596 26.30 -5.40 30.89
CA PHE B 596 27.14 -6.00 29.87
C PHE B 596 26.27 -6.54 28.73
N LEU B 597 26.68 -6.26 27.50
CA LEU B 597 26.20 -7.03 26.37
C LEU B 597 26.84 -8.40 26.36
N CYS B 598 26.24 -9.34 25.64
CA CYS B 598 26.95 -10.56 25.32
C CYS B 598 28.07 -10.25 24.34
N ASP B 599 29.18 -10.97 24.47
CA ASP B 599 30.30 -10.76 23.59
C ASP B 599 30.05 -11.43 22.23
N PHE B 600 30.93 -11.15 21.28
CA PHE B 600 30.92 -11.82 19.99
C PHE B 600 30.87 -13.34 20.17
N GLY B 601 29.88 -13.96 19.54
CA GLY B 601 29.71 -15.39 19.64
C GLY B 601 28.89 -15.86 20.82
N TYR B 602 28.47 -14.96 21.69
CA TYR B 602 27.66 -15.29 22.85
C TYR B 602 26.29 -14.65 22.72
N PHE B 603 25.35 -15.16 23.51
CA PHE B 603 24.00 -14.63 23.49
C PHE B 603 23.29 -15.00 24.78
N ARG B 604 22.20 -14.29 25.05
CA ARG B 604 21.36 -14.60 26.19
C ARG B 604 20.13 -15.32 25.66
N PRO B 605 19.93 -16.60 25.97
CA PRO B 605 18.70 -17.27 25.57
C PRO B 605 17.48 -16.54 26.13
N GLU B 606 16.35 -16.72 25.46
CA GLU B 606 15.12 -16.08 25.90
C GLU B 606 14.85 -16.44 27.35
N ASN B 607 14.52 -15.42 28.15
CA ASN B 607 14.22 -15.48 29.58
C ASN B 607 15.49 -15.67 30.43
N ALA B 608 16.66 -15.84 29.83
CA ALA B 608 17.88 -16.10 30.56
C ALA B 608 18.61 -14.81 30.93
N SER B 609 19.29 -14.83 32.07
CA SER B 609 20.03 -13.68 32.56
C SER B 609 21.49 -13.67 32.11
N GLU B 610 22.10 -14.83 31.95
CA GLU B 610 23.53 -14.94 31.66
C GLU B 610 23.77 -15.21 30.19
N CYS B 611 24.90 -14.74 29.68
CA CYS B 611 25.28 -14.98 28.30
C CYS B 611 25.90 -16.37 28.19
N VAL B 612 25.63 -17.03 27.07
CA VAL B 612 26.15 -18.37 26.79
C VAL B 612 26.62 -18.39 25.35
N GLU B 613 27.73 -19.10 25.10
CA GLU B 613 28.27 -19.17 23.76
C GLU B 613 27.32 -19.91 22.82
N GLN B 614 27.13 -19.35 21.64
CA GLN B 614 26.33 -20.02 20.62
C GLN B 614 26.87 -21.43 20.39
N PRO B 615 26.00 -22.43 20.26
CA PRO B 615 26.47 -23.83 20.22
C PRO B 615 27.46 -24.11 19.11
N GLU B 616 27.23 -23.57 17.91
CA GLU B 616 28.09 -23.88 16.76
C GLU B 616 29.53 -23.42 16.97
N LEU B 617 29.74 -22.36 17.76
CA LEU B 617 31.10 -21.87 18.00
C LEU B 617 31.77 -22.50 19.20
N LYS B 618 31.09 -23.43 19.89
CA LYS B 618 31.66 -23.98 21.12
C LYS B 618 32.96 -24.73 20.87
N GLY B 619 33.17 -25.24 19.66
CA GLY B 619 34.37 -25.99 19.36
C GLY B 619 35.57 -25.15 18.98
N HIS B 620 35.36 -24.14 18.14
CA HIS B 620 36.45 -23.39 17.53
C HIS B 620 36.73 -22.10 18.28
N GLU B 621 37.91 -21.55 18.02
CA GLU B 621 38.29 -20.27 18.60
C GLU B 621 37.54 -19.13 17.93
N LEU B 622 37.12 -18.16 18.74
CA LEU B 622 36.36 -17.01 18.23
C LEU B 622 37.32 -16.03 17.57
N GLU B 623 37.16 -15.85 16.26
CA GLU B 623 38.01 -14.96 15.49
C GLU B 623 37.15 -14.15 14.53
N PHE B 624 37.59 -12.92 14.24
CA PHE B 624 36.90 -12.08 13.28
C PHE B 624 37.89 -11.14 12.60
N CYS B 625 37.42 -10.48 11.56
CA CYS B 625 38.20 -9.56 10.74
C CYS B 625 37.94 -8.12 11.16
N LEU B 626 39.00 -7.36 11.38
CA LEU B 626 38.87 -5.95 11.80
C LEU B 626 39.86 -5.14 10.99
N TYR B 627 39.36 -4.47 9.94
CA TYR B 627 40.17 -3.62 9.06
C TYR B 627 41.40 -4.35 8.55
N GLY B 628 41.16 -5.48 7.90
CA GLY B 628 42.21 -6.26 7.26
C GLY B 628 43.04 -7.12 8.20
N LYS B 629 42.89 -6.98 9.50
CA LYS B 629 43.70 -7.71 10.47
C LYS B 629 42.84 -8.72 11.21
N GLU B 630 43.25 -9.97 11.20
CA GLU B 630 42.53 -11.02 11.91
C GLU B 630 42.76 -10.90 13.41
N GLU B 631 41.68 -10.98 14.19
CA GLU B 631 41.74 -10.84 15.63
C GLU B 631 41.23 -12.10 16.30
N HIS B 632 41.79 -12.40 17.46
CA HIS B 632 41.40 -13.55 18.27
C HIS B 632 40.77 -13.05 19.56
N LEU B 633 39.68 -13.69 19.97
CA LEU B 633 38.89 -13.24 21.11
C LEU B 633 38.89 -14.30 22.21
N THR B 634 39.40 -13.93 23.38
CA THR B 634 39.22 -14.70 24.60
C THR B 634 38.32 -13.89 25.53
N THR B 635 37.26 -14.52 26.02
CA THR B 635 36.22 -13.77 26.73
C THR B 635 35.53 -14.67 27.74
N ASN B 636 35.03 -14.04 28.80
CA ASN B 636 34.11 -14.71 29.71
C ASN B 636 32.68 -14.70 29.20
N GLY B 637 32.43 -14.07 28.06
CA GLY B 637 31.11 -14.02 27.45
C GLY B 637 30.44 -12.67 27.50
N TYR B 638 31.13 -11.64 27.98
CA TYR B 638 30.52 -10.35 28.24
C TYR B 638 31.42 -9.23 27.76
N ARG B 639 30.81 -8.11 27.40
CA ARG B 639 31.53 -6.87 27.11
C ARG B 639 30.66 -5.72 27.57
N LYS B 640 31.29 -4.70 28.14
CA LYS B 640 30.55 -3.61 28.77
C LYS B 640 29.80 -2.81 27.73
N ILE B 641 28.56 -2.45 28.06
CA ILE B 641 27.68 -1.69 27.17
C ILE B 641 28.34 -0.36 26.83
N PRO B 642 28.43 0.02 25.55
CA PRO B 642 28.99 1.34 25.19
C PRO B 642 28.21 2.46 25.86
N GLY B 643 28.94 3.31 26.59
CA GLY B 643 28.35 4.40 27.33
C GLY B 643 28.07 4.12 28.80
N ASP B 644 28.14 2.84 29.20
CA ASP B 644 27.86 2.48 30.59
C ASP B 644 29.02 2.92 31.48
N LYS B 645 28.74 3.81 32.44
CA LYS B 645 29.73 4.33 33.38
C LYS B 645 29.87 3.47 34.62
N CYS B 646 29.57 2.18 34.51
CA CYS B 646 29.68 1.26 35.63
C CYS B 646 31.09 1.26 36.23
N GLN B 647 31.15 0.95 37.53
CA GLN B 647 32.40 0.80 38.25
C GLN B 647 32.21 -0.18 39.41
N GLY B 648 33.22 -1.02 39.64
CA GLY B 648 33.18 -2.00 40.70
C GLY B 648 32.35 -3.23 40.35
N GLY B 649 32.03 -4.01 41.37
CA GLY B 649 31.12 -5.14 41.20
C GLY B 649 31.69 -6.24 40.31
N MET B 650 30.85 -6.76 39.42
CA MET B 650 31.26 -7.79 38.48
C MET B 650 32.05 -7.18 37.32
N ASN B 651 33.12 -7.85 36.92
CA ASN B 651 33.95 -7.40 35.80
C ASN B 651 34.51 -8.61 35.06
N PRO B 652 33.73 -9.20 34.15
CA PRO B 652 34.27 -10.29 33.33
C PRO B 652 35.38 -9.77 32.43
N ALA B 653 36.30 -10.66 32.07
CA ALA B 653 37.49 -10.31 31.33
C ALA B 653 37.35 -10.69 29.87
N ARG B 654 37.96 -9.87 29.00
CA ARG B 654 38.03 -10.17 27.58
C ARG B 654 39.31 -9.59 27.01
N GLU B 655 39.81 -10.23 25.95
CA GLU B 655 41.04 -9.81 25.30
C GLU B 655 40.90 -9.94 23.79
N VAL B 656 41.21 -8.87 23.08
CA VAL B 656 41.21 -8.85 21.62
C VAL B 656 42.66 -8.82 21.19
N LYS B 657 43.22 -9.98 20.86
CA LYS B 657 44.63 -10.10 20.50
C LYS B 657 44.77 -10.04 18.99
N ASP B 658 45.58 -9.09 18.51
CA ASP B 658 45.89 -9.03 17.09
C ASP B 658 46.80 -10.19 16.72
N LEU B 659 46.50 -10.86 15.61
CA LEU B 659 47.26 -12.02 15.18
C LEU B 659 48.31 -11.70 14.14
N LYS B 660 48.42 -10.43 13.72
CA LYS B 660 49.39 -10.00 12.71
C LYS B 660 49.28 -10.88 11.46
N LYS B 661 48.08 -10.95 10.92
CA LYS B 661 47.78 -11.81 9.78
C LYS B 661 46.64 -11.19 9.00
N LYS B 662 46.58 -11.52 7.71
CA LYS B 662 45.48 -11.03 6.89
C LYS B 662 44.22 -11.83 7.20
N CYS B 663 43.07 -11.23 6.88
CA CYS B 663 41.79 -11.80 7.28
C CYS B 663 41.51 -13.11 6.57
N THR B 664 40.72 -13.96 7.23
CA THR B 664 40.38 -15.30 6.77
C THR B 664 41.63 -16.12 6.49
C1 NAG C . -35.39 -11.75 -5.85
C2 NAG C . -35.40 -13.11 -6.54
C3 NAG C . -36.80 -13.70 -6.52
C4 NAG C . -37.29 -13.76 -5.08
C5 NAG C . -37.20 -12.39 -4.43
C6 NAG C . -37.61 -12.44 -2.96
C7 NAG C . -35.40 -12.38 -8.91
C8 NAG C . -34.67 -12.51 -10.22
N2 NAG C . -34.88 -13.06 -7.90
O3 NAG C . -36.77 -15.00 -7.09
O4 NAG C . -38.63 -14.21 -5.06
O5 NAG C . -35.89 -11.85 -4.53
O6 NAG C . -37.58 -11.15 -2.41
O7 NAG C . -36.40 -11.67 -8.83
C1 NAG C . -38.82 -15.58 -4.69
C2 NAG C . -40.34 -15.50 -4.68
C3 NAG C . -40.86 -16.66 -3.86
C4 NAG C . -40.48 -17.93 -4.63
C5 NAG C . -38.99 -17.98 -4.94
C6 NAG C . -38.74 -18.99 -6.05
C7 NAG C . -41.08 -13.66 -3.10
C8 NAG C . -41.57 -12.25 -3.10
N2 NAG C . -40.83 -14.16 -4.32
O3 NAG C . -42.25 -16.58 -3.70
O4 NAG C . -40.87 -19.08 -3.91
O5 NAG C . -38.42 -16.74 -5.38
O6 NAG C . -39.18 -18.44 -7.28
O7 NAG C . -40.92 -14.25 -2.03
C1 BMA C . -41.57 -20.32 -4.05
C2 BMA C . -42.94 -20.08 -3.42
C3 BMA C . -43.83 -21.33 -3.53
C4 BMA C . -43.83 -21.83 -4.97
C5 BMA C . -42.40 -22.03 -5.44
C6 BMA C . -42.37 -22.58 -6.86
O2 BMA C . -43.57 -18.99 -4.05
O3 BMA C . -45.14 -21.01 -3.13
O4 BMA C . -44.55 -23.04 -5.05
O5 BMA C . -41.72 -20.80 -5.38
O6 BMA C . -41.26 -23.45 -7.00
C1 NAG D . -11.37 -9.63 -23.14
C2 NAG D . -10.79 -11.03 -23.24
C3 NAG D . -11.44 -11.73 -24.43
C4 NAG D . -12.91 -11.88 -24.07
C5 NAG D . -13.53 -10.51 -23.77
C6 NAG D . -14.91 -10.69 -23.14
C7 NAG D . -8.54 -10.53 -24.20
C8 NAG D . -7.07 -10.67 -23.99
N2 NAG D . -9.32 -11.06 -23.25
O3 NAG D . -10.85 -12.99 -24.66
O4 NAG D . -13.60 -12.52 -25.11
O5 NAG D . -12.76 -9.70 -22.89
O6 NAG D . -14.81 -11.57 -22.04
O7 NAG D . -8.98 -9.97 -25.20
C1 NAG D . -14.19 -13.82 -24.91
C2 NAG D . -15.24 -14.30 -25.90
C3 NAG D . -15.74 -15.70 -25.56
C4 NAG D . -14.61 -16.64 -25.19
C5 NAG D . -13.70 -15.99 -24.15
C6 NAG D . -12.54 -16.90 -23.76
C7 NAG D . -16.32 -12.26 -26.64
C8 NAG D . -17.53 -11.38 -26.57
N2 NAG D . -16.34 -13.37 -25.91
O3 NAG D . -16.43 -16.23 -26.67
O4 NAG D . -15.14 -17.84 -24.65
O5 NAG D . -13.19 -14.79 -24.68
O6 NAG D . -11.62 -16.98 -24.83
O7 NAG D . -15.36 -11.94 -27.35
C1 NAG E . 17.31 6.90 21.33
C2 NAG E . 18.70 7.04 20.72
C3 NAG E . 19.63 7.87 21.59
C4 NAG E . 18.95 9.16 22.03
C5 NAG E . 17.57 8.88 22.61
C6 NAG E . 16.86 10.17 23.00
C7 NAG E . 19.92 5.45 19.37
C8 NAG E . 20.52 4.08 19.25
N2 NAG E . 19.29 5.73 20.51
O3 NAG E . 20.80 8.17 20.88
O4 NAG E . 19.75 9.77 23.02
O5 NAG E . 16.79 8.17 21.66
O6 NAG E . 16.68 10.97 21.85
O7 NAG E . 20.04 6.28 18.46
C1 NAG E . 20.39 11.02 22.78
C2 NAG E . 20.93 11.40 24.16
C3 NAG E . 21.66 12.74 24.07
C4 NAG E . 22.71 12.69 22.97
C5 NAG E . 22.04 12.29 21.66
C6 NAG E . 23.05 12.23 20.51
C7 NAG E . 19.61 10.49 25.98
C8 NAG E . 18.46 10.70 26.93
N2 NAG E . 19.85 11.48 25.13
O3 NAG E . 22.26 13.03 25.32
O4 NAG E . 23.33 13.95 22.85
O5 NAG E . 21.41 11.05 21.80
O6 NAG E . 23.63 10.94 20.45
O7 NAG E . 20.25 9.44 26.01
C1 BMA E . 24.65 14.03 23.42
C2 BMA E . 26.04 14.05 22.81
C3 BMA E . 27.10 14.30 23.88
C4 BMA E . 26.71 15.45 24.81
C5 BMA E . 25.27 15.32 25.28
C6 BMA E . 24.86 16.51 26.13
O2 BMA E . 26.12 15.04 21.82
O3 BMA E . 28.32 14.61 23.25
O4 BMA E . 27.56 15.46 25.93
O5 BMA E . 24.42 15.22 24.15
O6 BMA E . 24.76 17.67 25.32
C1 NAG F . -0.59 30.35 22.69
C2 NAG F . 0.73 31.09 22.84
C3 NAG F . 0.50 32.44 23.50
C4 NAG F . -0.60 33.21 22.78
C5 NAG F . -1.85 32.36 22.59
C6 NAG F . -2.89 33.08 21.73
C7 NAG F . 1.62 29.81 24.77
C8 NAG F . 2.82 29.04 25.26
N2 NAG F . 1.74 30.31 23.54
O3 NAG F . 1.70 33.18 23.48
O4 NAG F . -0.94 34.35 23.56
O5 NAG F . -1.52 31.13 21.96
O6 NAG F . -4.13 32.41 21.78
O7 NAG F . 0.63 29.92 25.48
C1 NAG F . -0.65 35.57 22.87
C2 NAG F . -1.45 36.63 23.64
C3 NAG F . -1.16 38.02 23.09
C4 NAG F . 0.33 38.26 22.93
C5 NAG F . 0.95 37.12 22.12
C6 NAG F . 2.46 37.32 21.94
C7 NAG F . -3.51 35.72 24.52
C8 NAG F . -4.98 35.48 24.30
N2 NAG F . -2.87 36.34 23.54
O3 NAG F . -1.71 38.98 23.97
O4 NAG F . 0.55 39.48 22.28
O5 NAG F . 0.72 35.89 22.78
O6 NAG F . 3.11 37.15 23.17
O7 NAG F . -2.97 35.33 25.55
C1 BMA F . 1.20 40.60 22.89
C2 BMA F . 1.84 41.08 21.59
C3 BMA F . 2.86 42.17 21.89
C4 BMA F . 2.26 43.26 22.76
C5 BMA F . 1.54 42.65 23.98
C6 BMA F . 0.85 43.72 24.80
O2 BMA F . 0.84 41.59 20.74
O3 BMA F . 3.31 42.73 20.67
O4 BMA F . 3.26 44.15 23.20
O5 BMA F . 0.61 41.70 23.55
O6 BMA F . 0.09 43.10 25.82
C1 NAG G . 10.82 -18.46 28.03
C2 NAG G . 10.96 -19.71 27.16
C3 NAG G . 9.62 -20.08 26.52
C4 NAG G . 8.59 -20.24 27.61
C5 NAG G . 8.50 -18.96 28.43
C6 NAG G . 7.50 -19.12 29.57
C7 NAG G . 13.04 -20.34 26.11
C8 NAG G . 14.05 -20.10 25.02
N2 NAG G . 11.99 -19.54 26.14
O3 NAG G . 9.75 -21.27 25.78
O4 NAG G . 7.33 -20.56 27.04
O5 NAG G . 9.77 -18.61 28.96
O6 NAG G . 7.38 -17.90 30.27
O7 NAG G . 13.22 -21.26 26.92
C1 NAG G . 6.54 -21.74 26.84
C2 NAG G . 5.10 -21.84 27.34
C3 NAG G . 4.42 -23.13 26.91
C4 NAG G . 4.64 -23.41 25.43
C5 NAG G . 6.13 -23.32 25.11
C6 NAG G . 6.38 -23.58 23.63
C7 NAG G . 4.43 -20.76 29.41
C8 NAG G . 4.48 -20.76 30.92
N2 NAG G . 5.07 -21.73 28.79
O3 NAG G . 3.02 -23.04 27.16
O4 NAG G . 4.14 -24.69 25.09
O5 NAG G . 6.62 -22.05 25.45
O6 NAG G . 7.76 -23.50 23.38
O7 NAG G . 3.82 -19.87 28.82
C1 BMA G . 3.31 -25.77 24.64
C2 BMA G . 2.00 -25.92 25.41
C3 BMA G . 1.11 -27.00 24.82
C4 BMA G . 1.03 -26.89 23.31
C5 BMA G . 2.44 -26.79 22.72
C6 BMA G . 2.38 -26.69 21.20
O2 BMA G . 1.31 -24.69 25.42
O3 BMA G . -0.19 -26.89 25.36
O4 BMA G . 0.37 -28.01 22.76
O5 BMA G . 3.06 -25.64 23.26
O6 BMA G . 3.30 -27.61 20.65
C1 NAG H . -16.58 -23.96 20.75
C2 NAG H . -17.57 -24.73 21.62
C3 NAG H . -17.02 -24.87 23.04
C4 NAG H . -15.64 -25.50 23.00
C5 NAG H . -14.72 -24.70 22.08
C6 NAG H . -13.37 -25.40 21.92
C7 NAG H . -19.96 -24.77 21.27
C8 NAG H . -21.26 -24.01 21.33
N2 NAG H . -18.87 -24.10 21.63
O3 NAG H . -17.90 -25.66 23.81
O4 NAG H . -15.09 -25.54 24.30
O5 NAG H . -15.29 -24.55 20.79
O6 NAG H . -13.46 -26.43 20.97
O7 NAG H . -19.94 -25.93 20.89
C1 NAG I . -5.60 13.58 -34.02
C2 NAG I . -5.05 15.00 -33.91
C3 NAG I . -5.93 15.93 -33.08
C4 NAG I . -7.41 15.72 -33.36
C5 NAG I . -7.73 14.25 -33.22
C6 NAG I . -9.22 13.97 -33.36
C7 NAG I . -2.66 15.39 -33.98
C8 NAG I . -1.34 15.29 -33.25
N2 NAG I . -3.73 14.96 -33.33
O3 NAG I . -5.59 17.28 -33.35
O4 NAG I . -8.18 16.47 -32.46
O5 NAG I . -7.00 13.53 -34.20
O6 NAG I . -9.64 14.27 -34.68
O7 NAG I . -2.71 15.86 -35.12
NA NA J . -4.79 -23.07 13.08
NA NA K . -3.79 -28.06 -17.43
NA NA L . -33.59 -15.07 -8.74
C ACT M . -17.92 -29.07 -14.07
O ACT M . -19.10 -28.64 -14.19
OXT ACT M . -17.11 -28.89 -13.11
CH3 ACT M . -17.37 -29.94 -15.24
C ACT N . 16.63 -21.56 -23.35
O ACT N . 16.70 -21.97 -24.55
OXT ACT N . 16.76 -20.38 -22.92
CH3 ACT N . 16.36 -22.66 -22.29
C ACT O . -4.19 11.50 -13.56
O ACT O . -5.31 11.30 -14.12
OXT ACT O . -3.42 10.66 -13.02
CH3 ACT O . -3.70 12.98 -13.54
C1 NAG P . -1.83 34.87 -12.30
C2 NAG P . -2.11 34.85 -13.81
C3 NAG P . -3.10 35.93 -14.27
C4 NAG P . -4.23 36.14 -13.28
C5 NAG P . -3.64 36.35 -11.89
C6 NAG P . -4.71 36.69 -10.88
C7 NAG P . -0.51 34.22 -15.54
C8 NAG P . 0.80 34.53 -16.21
N2 NAG P . -0.87 35.03 -14.55
O3 NAG P . -3.63 35.57 -15.53
O4 NAG P . -4.98 37.28 -13.64
O5 NAG P . -2.98 35.16 -11.52
O6 NAG P . -4.19 37.62 -9.96
O7 NAG P . -1.18 33.26 -15.91
NA NA Q . 21.68 25.44 10.37
NA NA R . 15.27 15.05 -3.79
C ACT S . -0.26 -8.22 14.45
O ACT S . -1.06 -9.10 14.05
OXT ACT S . 0.54 -7.51 13.77
CH3 ACT S . -0.24 -7.97 15.98
#